data_3FOE
#
_entry.id   3FOE
#
_cell.length_a   121.676
_cell.length_b   121.676
_cell.length_c   179.393
_cell.angle_alpha   90.00
_cell.angle_beta   90.00
_cell.angle_gamma   120.00
#
_symmetry.space_group_name_H-M   'P 32'
#
loop_
_entity.id
_entity.type
_entity.pdbx_description
1 polymer 'DNA topoisomerase 4 subunit A'
2 polymer 'DNA topoisomerase 4 subunit B'
3 polymer "DNA (5'-D(P*AP*CP*CP*AP*AP*GP*GP*TP*CP*AP*TP*GP*AP*AP*T)-3')"
4 polymer "DNA (5'-D(P*AP*GP*TP*CP*AP*TP*TP*CP*AP*TP*GP*AP*CP*CP*TP*TP*GP*GP*T)-3')"
5 polymer "DNA (5'-D(P*CP*TP*GP*TP*TP*TP*TP*AP*CP*GP*TP*GP*CP*AP*T)-3')"
6 polymer "DNA (5'-D(P*GP*AP*CP*TP*AP*TP*GP*CP*AP*CP*GP*TP*AP*AP*AP*AP*CP*AP*G)-3')"
7 non-polymer '7-[(3R)-3-aminopyrrolidin-1-yl]-8-chloro-1-cyclopropyl-6-fluoro-4-oxo-1,4-dihydroquinoline-3-carboxylic acid'
#
loop_
_entity_poly.entity_id
_entity_poly.type
_entity_poly.pdbx_seq_one_letter_code
_entity_poly.pdbx_strand_id
1 'polypeptide(L)'
;MSNIQNMSLEDIMGERFGRYSKYIIQDRALPDIRDGLKPVQRRILYSMNKDSNTFDKSYRKSAKSVGNIMGNFHPHGDSS
IYDAMVRMSQNWKNREILVEMHGNNGSMDGDPPAAMRYTEARLSEIAGYLLQDIEKKTVPFAWNFDDTEKEPTVLPAAFP
NLLVNGSTGISAGYATDIPPHNLAEVIDAAVYMIDHPTAKIDKLMEFLPGPDFPTGAIIQGRDEIKKAYETGKGRVVVRS
KTEIEKLKGGKEQIVITEIPYEINKANLVKKIDDVRVNNKVAGIAEVRDESDRDGLRIAIELKKDANTELVLNYLFKYTD
LQINYNFNMVAIDNFTPRQVGIVPILSSYIAHRREVILARSRFDKEKAEKRLHIVEGLIRVISILDEVIALIRASENKAD
AKENLKVSYDFTEEQAEAIVTLQLYRLTNTDVVVLQEEEAELREKIAMLAAIIGDERTMYNLMKKELREVKKKFATPRLS
SLEDTAKALEHHHHHH
;
A,B
2 'polypeptide(L)'
;MGHHHHHHHHHHSSGHIDDDDKHMKNKKDKGLLSGKLTPAQSKNPAKNELYLVEGDSAGGSAKQGRDRKFQAILPLRGKV
INTAKAKMADILKNEEINTMIYTIGAGVGADFSIEDANYDKIIIMTDADTDGAHIQTLLLTFFYRYMRPLVEAGHVYIAL
PPLYKMSKGKGKKEEVAYAWTDGELEELRKQFGKGATLQRYKGLGEMNADQLWETTMNPETRTLIRVTIEDLARAERRVN
VLMGDKVEPRRKWIEDNVKFTLEEATVF
;
C,D
3 'polydeoxyribonucleotide' (DA)(DC)(DC)(DA)(DA)(DG)(DG)(DT)(DC)(DA)(DT)(DG)(DA)(DA)(DT) E
4 'polydeoxyribonucleotide' (DA)(DG)(DT)(DC)(DA)(DT)(DT)(DC)(DA)(DT)(DG)(DA)(DC)(DC)(DT)(DT)(DG)(DG)(DT) F
5 'polydeoxyribonucleotide' (DC)(DT)(DG)(DT)(DT)(DT)(DT)(DA)(DC)(DG)(DT)(DG)(DC)(DA)(DT) G
6 'polydeoxyribonucleotide' (DG)(DA)(DC)(DT)(DA)(DT)(DG)(DC)(DA)(DC)(DG)(DT)(DA)(DA)(DA)(DA)(DC)(DA)(DG) H
#
loop_
_chem_comp.id
_chem_comp.type
_chem_comp.name
_chem_comp.formula
DA DNA linking 2'-DEOXYADENOSINE-5'-MONOPHOSPHATE 'C10 H14 N5 O6 P'
DC DNA linking 2'-DEOXYCYTIDINE-5'-MONOPHOSPHATE 'C9 H14 N3 O7 P'
DG DNA linking 2'-DEOXYGUANOSINE-5'-MONOPHOSPHATE 'C10 H14 N5 O7 P'
DT DNA linking THYMIDINE-5'-MONOPHOSPHATE 'C10 H15 N2 O8 P'
NFX non-polymer '7-[(3R)-3-aminopyrrolidin-1-yl]-8-chloro-1-cyclopropyl-6-fluoro-4-oxo-1,4-dihydroquinoline-3-carboxylic acid' 'C17 H17 Cl F N3 O3'
#
# COMPACT_ATOMS: atom_id res chain seq x y z
N GLN A 5 -7.38 40.57 -6.51
CA GLN A 5 -7.04 41.14 -7.81
C GLN A 5 -6.00 40.28 -8.52
N ASN A 6 -5.22 40.90 -9.39
CA ASN A 6 -4.22 40.20 -10.19
C ASN A 6 -2.96 39.88 -9.39
N MET A 7 -3.08 39.92 -8.07
CA MET A 7 -1.91 39.76 -7.19
C MET A 7 -0.72 40.51 -7.75
N SER A 8 0.42 40.41 -7.09
CA SER A 8 1.62 41.13 -7.53
C SER A 8 2.25 40.47 -8.75
N LEU A 9 3.28 41.12 -9.28
CA LEU A 9 4.19 40.54 -10.28
C LEU A 9 5.58 40.40 -9.69
N GLU A 10 6.54 39.98 -10.51
CA GLU A 10 7.85 39.59 -10.01
C GLU A 10 8.82 39.28 -11.16
N ASP A 11 10.10 39.53 -10.92
CA ASP A 11 11.13 39.22 -11.91
C ASP A 11 11.22 37.71 -12.16
N ILE A 12 11.35 37.32 -13.42
CA ILE A 12 11.89 36.01 -13.77
C ILE A 12 13.42 35.99 -13.54
N MET A 13 14.01 37.17 -13.40
CA MET A 13 15.25 37.35 -12.64
C MET A 13 14.99 37.01 -11.17
N GLY A 14 13.71 37.09 -10.79
CA GLY A 14 13.30 36.87 -9.42
C GLY A 14 12.78 35.46 -9.21
N GLU A 15 11.82 35.05 -10.04
CA GLU A 15 11.11 33.79 -9.82
C GLU A 15 12.00 32.59 -10.09
N ARG A 16 12.86 32.69 -11.11
CA ARG A 16 13.66 31.53 -11.50
C ARG A 16 14.93 31.41 -10.67
N PHE A 17 15.11 32.31 -9.72
CA PHE A 17 16.18 32.20 -8.74
C PHE A 17 15.69 31.48 -7.49
N GLY A 18 14.52 31.89 -7.00
CA GLY A 18 13.98 31.39 -5.75
C GLY A 18 13.39 30.01 -5.87
N ARG A 19 12.70 29.74 -6.99
CA ARG A 19 12.26 28.39 -7.29
C ARG A 19 13.44 27.41 -7.29
N TYR A 20 14.40 27.66 -8.18
CA TYR A 20 15.49 26.72 -8.40
C TYR A 20 16.37 26.58 -7.17
N SER A 21 16.17 27.46 -6.20
CA SER A 21 16.81 27.32 -4.89
C SER A 21 16.15 26.19 -4.13
N LYS A 22 14.83 26.28 -3.95
CA LYS A 22 14.07 25.18 -3.39
C LYS A 22 14.57 23.86 -3.98
N TYR A 23 14.63 23.78 -5.30
CA TYR A 23 14.88 22.48 -5.95
C TYR A 23 16.31 22.01 -5.72
N ILE A 24 17.21 22.94 -5.48
CA ILE A 24 18.61 22.62 -5.26
C ILE A 24 18.83 22.17 -3.82
N ILE A 25 18.12 22.78 -2.88
CA ILE A 25 18.21 22.35 -1.49
C ILE A 25 17.62 20.96 -1.33
N GLN A 26 16.73 20.58 -2.24
CA GLN A 26 16.25 19.21 -2.35
C GLN A 26 17.24 18.35 -3.14
N ASP A 27 18.36 18.93 -3.56
CA ASP A 27 19.51 18.16 -4.02
C ASP A 27 20.47 17.92 -2.86
N ARG A 28 19.99 18.19 -1.65
CA ARG A 28 20.74 17.93 -0.43
C ARG A 28 20.16 16.75 0.34
N ALA A 29 19.16 16.09 -0.24
CA ALA A 29 18.79 14.72 0.15
C ALA A 29 19.64 13.71 -0.61
N LEU A 30 20.95 13.74 -0.34
CA LEU A 30 21.90 12.76 -0.85
C LEU A 30 22.52 11.99 0.30
N PRO A 31 23.15 10.84 0.01
CA PRO A 31 23.57 9.87 1.04
C PRO A 31 24.50 10.51 2.06
N ASP A 32 24.09 10.47 3.33
CA ASP A 32 24.84 11.10 4.41
C ASP A 32 26.18 10.40 4.62
N ILE A 33 27.23 11.18 4.90
CA ILE A 33 28.54 10.61 5.18
C ILE A 33 28.45 9.59 6.29
N ARG A 34 27.37 9.66 7.06
CA ARG A 34 27.22 8.85 8.28
C ARG A 34 26.43 7.56 8.02
N ASP A 35 25.10 7.69 7.94
CA ASP A 35 24.24 6.53 7.76
C ASP A 35 24.62 5.76 6.50
N GLY A 36 25.17 6.46 5.52
CA GLY A 36 25.42 5.85 4.23
C GLY A 36 24.12 5.41 3.60
N LEU A 37 23.17 6.33 3.52
CA LEU A 37 21.85 6.06 2.96
C LEU A 37 21.23 7.35 2.44
N LYS A 38 20.45 7.25 1.38
CA LYS A 38 19.74 8.39 0.83
C LYS A 38 18.26 8.35 1.26
N PRO A 39 17.72 9.48 1.73
CA PRO A 39 16.49 9.47 2.56
C PRO A 39 15.47 8.41 2.13
N VAL A 40 14.99 8.50 0.90
CA VAL A 40 14.03 7.53 0.39
C VAL A 40 14.50 6.12 0.70
N GLN A 41 15.72 6.02 1.23
CA GLN A 41 16.21 4.81 1.90
C GLN A 41 15.88 4.88 3.37
N ARG A 42 16.65 5.67 4.12
CA ARG A 42 16.41 5.78 5.56
C ARG A 42 14.93 5.60 5.88
N ARG A 43 14.08 6.35 5.19
CA ARG A 43 12.64 6.15 5.33
C ARG A 43 12.25 4.70 5.12
N ILE A 44 12.67 4.08 4.01
CA ILE A 44 12.24 2.72 3.74
C ILE A 44 12.77 1.72 4.77
N LEU A 45 13.99 1.92 5.25
CA LEU A 45 14.53 0.98 6.23
C LEU A 45 13.80 1.13 7.58
N TYR A 46 13.25 2.31 7.87
CA TYR A 46 12.67 2.52 9.18
C TYR A 46 11.20 2.17 9.17
N SER A 47 10.54 2.34 8.03
CA SER A 47 9.15 1.91 7.92
C SER A 47 9.11 0.42 8.17
N MET A 48 10.08 -0.30 7.62
CA MET A 48 10.20 -1.74 7.82
C MET A 48 10.38 -2.03 9.31
N ASN A 49 11.30 -1.34 9.95
CA ASN A 49 11.50 -1.49 11.39
C ASN A 49 10.22 -1.23 12.18
N LYS A 50 9.86 0.04 12.34
CA LYS A 50 8.63 0.38 13.05
C LYS A 50 7.60 -0.76 12.99
N ASP A 51 7.44 -1.36 11.81
CA ASP A 51 6.35 -2.29 11.60
C ASP A 51 6.69 -3.71 12.09
N SER A 52 7.89 -3.87 12.62
CA SER A 52 8.40 -5.17 13.02
C SER A 52 8.43 -6.17 11.86
N ASN A 53 9.54 -6.17 11.12
CA ASN A 53 9.77 -7.10 10.03
C ASN A 53 11.17 -7.71 10.08
N ASP A 56 14.25 -12.15 11.57
CA ASP A 56 13.40 -13.05 12.34
C ASP A 56 12.09 -13.39 11.60
N LYS A 57 11.14 -12.46 11.63
CA LYS A 57 9.74 -12.77 11.34
C LYS A 57 9.51 -13.03 9.86
N SER A 58 8.24 -13.31 9.53
CA SER A 58 7.84 -13.84 8.23
C SER A 58 7.90 -12.76 7.16
N TYR A 59 7.84 -13.18 5.89
CA TYR A 59 7.84 -12.24 4.77
C TYR A 59 6.54 -11.43 4.73
N ARG A 60 6.68 -10.11 4.70
CA ARG A 60 5.56 -9.21 4.45
C ARG A 60 5.42 -8.94 2.97
N LYS A 61 4.18 -8.73 2.52
CA LYS A 61 3.92 -8.45 1.11
C LYS A 61 4.68 -7.20 0.63
N SER A 62 4.05 -6.41 -0.23
CA SER A 62 4.67 -5.16 -0.66
C SER A 62 3.69 -4.00 -0.49
N ALA A 63 2.88 -3.78 -1.51
CA ALA A 63 1.84 -2.75 -1.47
C ALA A 63 1.60 -2.27 -0.04
N LYS A 64 1.64 -3.18 0.92
CA LYS A 64 1.45 -2.84 2.32
C LYS A 64 2.69 -2.17 2.89
N SER A 65 3.86 -2.75 2.65
CA SER A 65 5.09 -2.20 3.21
C SER A 65 5.47 -0.89 2.53
N VAL A 66 5.43 -0.89 1.21
CA VAL A 66 5.59 0.33 0.43
C VAL A 66 4.51 1.31 0.85
N GLY A 67 3.29 1.07 0.40
CA GLY A 67 2.12 1.79 0.91
C GLY A 67 2.47 2.53 2.18
N ASN A 68 2.76 1.77 3.24
CA ASN A 68 3.09 2.34 4.54
C ASN A 68 4.32 3.25 4.52
N ILE A 69 5.37 2.85 3.81
CA ILE A 69 6.49 3.75 3.59
C ILE A 69 5.99 4.98 2.82
N MET A 70 5.22 4.73 1.78
CA MET A 70 4.87 5.78 0.81
C MET A 70 3.65 6.58 1.23
N GLY A 71 3.46 6.79 2.53
CA GLY A 71 2.23 7.42 2.98
C GLY A 71 2.26 7.72 4.47
N ASN A 72 3.41 7.51 5.09
CA ASN A 72 3.65 8.00 6.45
C ASN A 72 5.07 8.52 6.63
N PHE A 73 5.84 8.59 5.55
CA PHE A 73 7.25 8.95 5.69
C PHE A 73 7.87 9.39 4.36
N HIS A 74 7.07 9.40 3.31
CA HIS A 74 7.55 9.74 1.97
C HIS A 74 6.40 10.25 1.10
N PRO A 75 6.32 11.58 0.92
CA PRO A 75 5.29 12.17 0.06
C PRO A 75 5.25 11.55 -1.33
N HIS A 76 6.39 11.51 -2.00
CA HIS A 76 6.45 11.17 -3.42
C HIS A 76 5.59 9.97 -3.81
N GLY A 77 5.55 9.69 -5.11
CA GLY A 77 4.76 8.60 -5.64
C GLY A 77 5.33 7.24 -5.29
N ASP A 78 4.59 6.19 -5.66
CA ASP A 78 4.77 4.83 -5.11
C ASP A 78 6.05 4.16 -5.64
N SER A 79 6.18 4.09 -6.96
CA SER A 79 7.21 3.26 -7.55
C SER A 79 8.56 3.97 -7.60
N SER A 80 8.62 5.23 -7.16
CA SER A 80 9.88 5.80 -6.68
C SER A 80 10.25 5.11 -5.37
N ILE A 81 9.24 4.94 -4.50
CA ILE A 81 9.43 4.35 -3.18
C ILE A 81 9.96 2.94 -3.33
N TYR A 82 9.11 2.06 -3.83
CA TYR A 82 9.40 0.62 -3.89
C TYR A 82 10.54 0.31 -4.86
N ASP A 83 10.36 0.71 -6.12
CA ASP A 83 11.42 0.64 -7.11
C ASP A 83 12.78 0.66 -6.41
N ALA A 84 13.08 1.78 -5.76
CA ALA A 84 14.20 1.87 -4.82
C ALA A 84 14.29 0.61 -3.98
N MET A 85 13.19 0.28 -3.29
CA MET A 85 13.17 -0.83 -2.36
C MET A 85 13.86 -2.04 -2.98
N VAL A 86 13.15 -2.73 -3.87
CA VAL A 86 13.78 -3.70 -4.77
C VAL A 86 15.29 -3.50 -4.75
N ARG A 87 15.76 -2.41 -5.34
CA ARG A 87 17.20 -2.18 -5.42
C ARG A 87 17.89 -2.85 -4.23
N MET A 88 17.40 -2.53 -3.03
CA MET A 88 18.01 -3.04 -1.81
C MET A 88 17.87 -4.55 -1.70
N SER A 89 17.10 -5.14 -2.61
CA SER A 89 16.98 -6.59 -2.67
C SER A 89 18.13 -7.20 -3.45
N GLN A 90 18.70 -6.41 -4.35
CA GLN A 90 19.66 -6.91 -5.34
C GLN A 90 21.06 -7.07 -4.73
N ASN A 91 21.36 -8.29 -4.29
CA ASN A 91 22.64 -8.60 -3.66
C ASN A 91 23.80 -8.45 -4.64
N TRP A 92 23.47 -8.41 -5.93
CA TRP A 92 24.48 -8.21 -6.97
C TRP A 92 24.52 -6.73 -7.36
N LYS A 93 24.10 -5.86 -6.45
CA LYS A 93 24.27 -4.43 -6.60
C LYS A 93 24.89 -3.83 -5.35
N ASN A 94 24.62 -4.45 -4.21
CA ASN A 94 25.18 -3.97 -2.94
C ASN A 94 26.21 -4.94 -2.36
N ARG A 95 26.73 -4.65 -1.18
CA ARG A 95 27.53 -5.62 -0.45
C ARG A 95 26.67 -6.44 0.50
N GLU A 96 26.16 -5.79 1.54
CA GLU A 96 25.14 -6.38 2.39
C GLU A 96 23.77 -5.86 2.03
N ILE A 97 22.99 -6.68 1.32
CA ILE A 97 21.61 -6.32 0.99
C ILE A 97 20.87 -5.91 2.26
N LEU A 98 20.25 -4.74 2.24
CA LEU A 98 19.61 -4.24 3.45
C LEU A 98 18.14 -4.65 3.48
N VAL A 99 17.72 -5.43 2.49
CA VAL A 99 16.40 -6.05 2.53
C VAL A 99 16.36 -7.31 1.66
N GLU A 100 15.83 -8.40 2.20
CA GLU A 100 15.74 -9.65 1.47
C GLU A 100 14.34 -9.87 0.89
N MET A 101 14.23 -9.89 -0.43
CA MET A 101 12.97 -10.26 -1.06
C MET A 101 13.07 -11.68 -1.61
N HIS A 102 12.03 -12.13 -2.30
CA HIS A 102 12.09 -13.41 -3.00
C HIS A 102 11.16 -13.45 -4.20
N GLY A 103 11.77 -13.50 -5.40
CA GLY A 103 11.13 -13.93 -6.64
C GLY A 103 10.10 -12.98 -7.20
N ASN A 104 10.55 -12.08 -8.02
CA ASN A 104 11.79 -12.16 -8.72
C ASN A 104 12.56 -10.86 -8.51
N ASN A 105 13.67 -10.93 -7.78
CA ASN A 105 14.47 -9.74 -7.48
C ASN A 105 14.88 -9.02 -8.75
N GLY A 106 15.71 -9.68 -9.56
CA GLY A 106 16.10 -9.16 -10.85
C GLY A 106 17.32 -9.88 -11.41
N SER A 107 17.33 -10.12 -12.71
CA SER A 107 18.44 -10.80 -13.36
C SER A 107 19.68 -9.92 -13.42
N MET A 108 20.86 -10.53 -13.55
CA MET A 108 22.04 -9.77 -13.98
C MET A 108 21.75 -9.15 -15.34
N ASP A 109 20.74 -9.70 -16.01
CA ASP A 109 20.32 -9.21 -17.33
C ASP A 109 19.00 -8.43 -17.23
N GLY A 110 18.61 -7.80 -18.33
CA GLY A 110 17.36 -7.07 -18.38
C GLY A 110 16.21 -7.89 -17.85
N ASP A 111 16.00 -7.81 -16.54
CA ASP A 111 14.91 -8.53 -15.89
C ASP A 111 14.02 -7.56 -15.11
N PRO A 112 12.98 -7.04 -15.77
CA PRO A 112 11.92 -6.26 -15.11
C PRO A 112 11.36 -7.01 -13.91
N PRO A 113 11.60 -6.51 -12.68
CA PRO A 113 11.00 -7.09 -11.48
C PRO A 113 9.49 -6.85 -11.45
N ALA A 114 8.77 -7.62 -10.65
CA ALA A 114 7.31 -7.58 -10.68
C ALA A 114 6.76 -6.55 -9.70
N ALA A 115 5.61 -5.97 -10.06
CA ALA A 115 5.04 -4.86 -9.29
C ALA A 115 4.84 -5.25 -7.84
N MET A 116 4.27 -4.35 -7.05
CA MET A 116 3.99 -4.62 -5.64
C MET A 116 2.94 -5.71 -5.49
N ARG A 117 2.29 -6.04 -6.60
CA ARG A 117 1.22 -7.03 -6.60
C ARG A 117 1.76 -8.40 -6.20
N TYR A 118 3.01 -8.67 -6.58
CA TYR A 118 3.57 -10.01 -6.53
C TYR A 118 4.67 -10.13 -5.47
N THR A 119 5.69 -9.28 -5.57
CA THR A 119 6.85 -9.36 -4.69
C THR A 119 6.44 -9.45 -3.23
N GLU A 120 7.28 -10.09 -2.42
CA GLU A 120 7.16 -10.07 -0.97
C GLU A 120 8.55 -10.07 -0.34
N ALA A 121 8.76 -9.21 0.66
CA ALA A 121 10.09 -9.12 1.28
C ALA A 121 10.03 -8.63 2.71
N ARG A 122 11.20 -8.52 3.34
CA ARG A 122 11.30 -8.20 4.76
C ARG A 122 12.74 -7.83 5.12
N LEU A 123 12.93 -7.27 6.31
CA LEU A 123 14.23 -6.67 6.67
C LEU A 123 15.30 -7.74 6.84
N SER A 124 16.55 -7.36 6.53
CA SER A 124 17.67 -8.30 6.58
C SER A 124 18.44 -8.19 7.88
N GLU A 125 19.19 -9.23 8.21
CA GLU A 125 19.97 -9.24 9.45
C GLU A 125 20.95 -8.08 9.48
N ILE A 126 22.03 -8.21 8.71
CA ILE A 126 22.95 -7.10 8.50
C ILE A 126 22.20 -5.79 8.63
N ALA A 127 21.08 -5.72 7.90
CA ALA A 127 20.21 -4.55 7.86
C ALA A 127 19.94 -3.98 9.25
N GLY A 128 19.54 -4.85 10.17
CA GLY A 128 19.38 -4.44 11.56
C GLY A 128 20.53 -3.56 12.01
N TYR A 129 21.74 -4.09 11.96
CA TYR A 129 22.90 -3.33 12.40
C TYR A 129 22.55 -1.84 12.46
N LEU A 130 22.33 -1.25 11.30
CA LEU A 130 22.22 0.20 11.18
C LEU A 130 21.04 0.76 11.99
N LEU A 131 20.03 -0.05 12.20
CA LEU A 131 18.87 0.40 12.97
C LEU A 131 18.93 -0.16 14.39
N GLN A 132 20.12 -0.54 14.85
CA GLN A 132 20.25 -1.29 16.08
C GLN A 132 20.52 -0.38 17.28
N ASP A 133 19.61 0.58 17.50
CA ASP A 133 19.73 1.48 18.64
C ASP A 133 18.95 2.79 18.47
N ILE A 134 18.10 2.86 17.44
CA ILE A 134 16.99 3.82 17.44
C ILE A 134 16.10 3.57 18.66
N GLU A 135 16.15 2.33 19.15
CA GLU A 135 15.41 1.92 20.33
C GLU A 135 15.35 3.03 21.37
N LYS A 136 16.52 3.48 21.82
CA LYS A 136 16.59 4.61 22.74
C LYS A 136 16.76 5.92 21.97
N LYS A 137 16.89 7.03 22.70
CA LYS A 137 17.22 8.31 22.08
C LYS A 137 18.66 8.33 21.56
N THR A 138 19.01 7.33 20.76
CA THR A 138 20.23 7.35 19.96
C THR A 138 20.24 8.56 19.02
N VAL A 139 19.98 8.30 17.75
CA VAL A 139 20.09 9.34 16.71
C VAL A 139 19.08 10.45 16.91
N PRO A 140 19.39 11.65 16.38
CA PRO A 140 18.52 12.83 16.48
C PRO A 140 17.30 12.80 15.53
N PHE A 141 16.12 13.12 16.05
CA PHE A 141 14.83 12.62 15.51
C PHE A 141 13.87 13.76 15.30
N ALA A 142 13.21 13.77 14.13
CA ALA A 142 12.40 14.90 13.72
C ALA A 142 10.94 14.51 13.45
N TRP A 143 10.16 15.44 12.91
CA TRP A 143 8.73 15.19 12.63
C TRP A 143 8.50 14.63 11.25
N ASN A 144 7.30 14.05 11.08
CA ASN A 144 6.79 13.63 9.80
C ASN A 144 6.62 14.80 8.83
N PHE A 145 6.21 14.54 7.61
CA PHE A 145 5.78 15.63 6.73
C PHE A 145 4.32 15.98 6.98
N ASP A 146 3.49 14.94 7.08
CA ASP A 146 2.10 15.08 7.52
C ASP A 146 2.03 15.51 8.98
N ASP A 147 3.17 15.50 9.66
CA ASP A 147 3.23 15.78 11.08
C ASP A 147 2.40 14.74 11.85
N THR A 148 2.49 13.51 11.38
CA THR A 148 1.66 12.41 11.87
C THR A 148 2.41 11.58 12.90
N GLU A 149 3.44 10.86 12.43
CA GLU A 149 4.43 10.24 13.32
C GLU A 149 5.64 11.16 13.40
N LYS A 150 6.77 10.64 13.87
CA LYS A 150 8.04 11.35 13.72
C LYS A 150 9.11 10.49 13.04
N GLU A 151 10.16 11.13 12.55
CA GLU A 151 11.18 10.42 11.79
C GLU A 151 12.60 10.67 12.31
N PRO A 152 13.45 9.66 12.16
CA PRO A 152 14.92 9.73 12.31
C PRO A 152 15.54 10.51 11.18
N THR A 153 16.54 11.34 11.50
CA THR A 153 17.37 12.01 10.49
C THR A 153 18.71 11.30 10.29
N VAL A 154 18.67 10.12 9.69
CA VAL A 154 19.85 9.30 9.49
C VAL A 154 20.05 8.29 10.62
N LEU A 155 19.59 7.06 10.39
CA LEU A 155 19.85 5.93 11.29
C LEU A 155 21.29 5.96 11.81
N PRO A 156 21.54 5.37 13.00
CA PRO A 156 22.82 5.54 13.69
C PRO A 156 23.89 4.58 13.17
N ALA A 157 23.45 3.43 12.68
CA ALA A 157 24.27 2.50 11.90
C ALA A 157 25.54 2.01 12.60
N ALA A 158 25.56 0.74 12.97
CA ALA A 158 26.81 0.05 13.30
C ALA A 158 27.66 -0.09 12.04
N PHE A 159 27.12 -0.83 11.07
CA PHE A 159 27.84 -1.17 9.84
C PHE A 159 28.05 0.06 8.98
N PRO A 160 29.32 0.46 8.78
CA PRO A 160 29.67 1.67 8.04
C PRO A 160 29.16 1.67 6.59
N ASN A 161 27.87 1.47 6.41
CA ASN A 161 27.27 1.27 5.10
C ASN A 161 27.81 2.26 4.06
N LEU A 162 28.42 3.35 4.53
CA LEU A 162 28.80 4.44 3.65
C LEU A 162 29.97 4.07 2.76
N LEU A 163 30.96 3.38 3.32
CA LEU A 163 32.12 2.95 2.56
C LEU A 163 32.02 1.46 2.21
N VAL A 164 30.95 0.81 2.67
CA VAL A 164 30.69 -0.58 2.33
C VAL A 164 29.68 -0.68 1.19
N ASN A 165 29.05 0.43 0.86
CA ASN A 165 28.18 0.51 -0.31
C ASN A 165 28.54 1.67 -1.21
N THR A 176 28.16 12.23 -7.45
CA THR A 176 28.46 11.71 -6.12
C THR A 176 28.30 10.20 -6.05
N ASP A 177 29.42 9.48 -6.22
CA ASP A 177 29.41 8.02 -6.29
C ASP A 177 30.42 7.42 -5.32
N ILE A 178 30.02 6.36 -4.62
CA ILE A 178 30.83 5.77 -3.56
C ILE A 178 30.96 4.27 -3.73
N PRO A 179 32.19 3.79 -4.00
CA PRO A 179 32.44 2.41 -4.42
C PRO A 179 32.30 1.42 -3.28
N PRO A 180 31.60 0.30 -3.53
CA PRO A 180 31.48 -0.82 -2.59
C PRO A 180 32.81 -1.18 -1.93
N HIS A 181 32.73 -1.75 -0.72
CA HIS A 181 33.90 -2.34 -0.08
C HIS A 181 33.52 -3.63 0.64
N ASN A 182 34.19 -3.92 1.75
CA ASN A 182 33.80 -5.07 2.57
C ASN A 182 33.84 -4.77 4.06
N LEU A 183 32.70 -5.01 4.73
CA LEU A 183 32.60 -4.77 6.17
C LEU A 183 33.93 -5.06 6.86
N ALA A 184 34.65 -6.06 6.33
CA ALA A 184 35.83 -6.61 6.98
C ALA A 184 36.97 -5.61 6.93
N GLU A 185 37.32 -5.17 5.72
CA GLU A 185 38.29 -4.08 5.56
C GLU A 185 37.83 -2.88 6.39
N VAL A 186 36.52 -2.65 6.40
CA VAL A 186 35.95 -1.38 6.86
C VAL A 186 35.99 -1.26 8.38
N ILE A 187 35.69 -2.35 9.07
CA ILE A 187 35.84 -2.38 10.52
C ILE A 187 37.32 -2.41 10.90
N ASP A 188 38.08 -3.28 10.23
CA ASP A 188 39.50 -3.43 10.53
C ASP A 188 40.23 -2.09 10.53
N ALA A 189 40.09 -1.35 9.43
CA ALA A 189 40.47 0.06 9.42
C ALA A 189 39.84 0.80 10.60
N ALA A 190 38.51 0.87 10.60
CA ALA A 190 37.77 1.67 11.57
C ALA A 190 38.37 1.55 12.97
N VAL A 191 38.74 0.34 13.35
CA VAL A 191 39.53 0.12 14.56
C VAL A 191 40.81 0.94 14.55
N TYR A 192 41.67 0.70 13.57
CA TYR A 192 42.93 1.42 13.47
C TYR A 192 42.74 2.91 13.74
N MET A 193 41.80 3.53 13.02
CA MET A 193 41.57 4.96 13.12
C MET A 193 41.32 5.40 14.56
N ILE A 194 40.38 4.73 15.22
CA ILE A 194 40.11 5.00 16.62
C ILE A 194 41.42 5.12 17.40
N ASP A 195 41.97 3.99 17.81
CA ASP A 195 43.12 3.98 18.70
C ASP A 195 44.29 4.76 18.12
N HIS A 196 44.32 4.91 16.80
CA HIS A 196 45.28 5.78 16.13
C HIS A 196 44.58 6.76 15.20
N PRO A 197 44.12 7.89 15.72
CA PRO A 197 43.49 8.94 14.92
C PRO A 197 44.38 9.40 13.76
N THR A 198 45.35 10.25 14.05
CA THR A 198 46.25 10.77 13.03
C THR A 198 46.95 9.63 12.28
N LYS A 200 48.29 8.30 8.32
CA LYS A 200 48.57 8.30 6.89
C LYS A 200 47.62 7.36 6.16
N ILE A 201 47.26 7.73 4.93
CA ILE A 201 46.40 6.90 4.09
C ILE A 201 47.16 5.71 3.54
N ASP A 202 48.49 5.77 3.63
CA ASP A 202 49.34 4.69 3.15
C ASP A 202 49.23 3.46 4.04
N LYS A 203 49.28 3.68 5.35
CA LYS A 203 49.12 2.60 6.32
C LYS A 203 47.67 2.13 6.39
N LEU A 204 46.75 3.04 6.06
CA LEU A 204 45.32 2.77 6.19
C LEU A 204 44.80 1.98 4.98
N MET A 205 45.50 2.04 3.87
CA MET A 205 45.17 1.22 2.71
C MET A 205 45.59 -0.23 2.95
N GLU A 206 46.41 -0.44 3.98
CA GLU A 206 46.84 -1.79 4.36
C GLU A 206 45.66 -2.66 4.78
N PHE A 207 44.63 -2.02 5.32
CA PHE A 207 43.44 -2.72 5.77
C PHE A 207 42.40 -2.79 4.65
N LEU A 208 42.38 -1.76 3.81
CA LEU A 208 41.52 -1.71 2.64
C LEU A 208 42.33 -1.38 1.39
N PRO A 209 42.94 -2.41 0.78
CA PRO A 209 43.72 -2.24 -0.46
C PRO A 209 42.89 -1.55 -1.54
N GLY A 210 41.58 -1.62 -1.41
CA GLY A 210 40.67 -0.96 -2.34
C GLY A 210 39.24 -1.44 -2.19
N PRO A 211 38.33 -0.89 -2.99
CA PRO A 211 36.89 -1.16 -2.92
C PRO A 211 36.54 -2.54 -3.45
N ASP A 212 35.70 -3.26 -2.72
CA ASP A 212 35.23 -4.57 -3.15
C ASP A 212 33.89 -4.49 -3.90
N PHE A 213 33.83 -5.12 -5.06
CA PHE A 213 32.58 -5.29 -5.78
C PHE A 213 32.07 -6.72 -5.64
N PRO A 214 30.76 -6.87 -5.37
CA PRO A 214 30.12 -8.20 -5.31
C PRO A 214 30.41 -9.01 -6.56
N THR A 215 30.54 -8.34 -7.69
CA THR A 215 30.77 -9.00 -8.97
C THR A 215 32.02 -8.48 -9.66
N ILE A 218 38.74 -8.73 -10.31
CA ILE A 218 39.97 -8.07 -9.86
C ILE A 218 40.14 -6.70 -10.51
N ILE A 219 40.59 -5.74 -9.71
CA ILE A 219 40.66 -4.35 -10.13
C ILE A 219 42.11 -3.92 -10.34
N GLN A 220 42.38 -3.24 -11.45
CA GLN A 220 43.71 -2.70 -11.69
C GLN A 220 43.74 -1.18 -11.49
N GLY A 221 44.78 -0.71 -10.82
CA GLY A 221 44.94 0.71 -10.55
C GLY A 221 45.40 0.99 -9.13
N ARG A 222 46.33 0.18 -8.64
CA ARG A 222 46.86 0.35 -7.30
C ARG A 222 47.29 1.79 -7.05
N ASP A 223 48.35 2.23 -7.71
CA ASP A 223 48.75 3.64 -7.65
C ASP A 223 47.52 4.54 -7.59
N GLU A 224 46.51 4.23 -8.39
CA GLU A 224 45.39 5.13 -8.62
C GLU A 224 44.46 5.21 -7.41
N ILE A 225 43.93 4.06 -6.98
CA ILE A 225 43.20 3.99 -5.72
C ILE A 225 43.99 4.70 -4.62
N LYS A 226 45.30 4.47 -4.58
CA LYS A 226 46.14 5.01 -3.53
C LYS A 226 46.02 6.52 -3.42
N LYS A 227 46.06 7.19 -4.57
CA LYS A 227 45.89 8.65 -4.60
C LYS A 227 44.44 9.04 -4.42
N ALA A 228 43.53 8.19 -4.90
CA ALA A 228 42.11 8.49 -4.86
C ALA A 228 41.59 8.63 -3.43
N TYR A 229 42.20 7.88 -2.51
CA TYR A 229 41.70 7.77 -1.15
C TYR A 229 41.77 9.11 -0.41
N GLU A 230 42.70 9.97 -0.81
CA GLU A 230 42.79 11.31 -0.25
C GLU A 230 42.20 12.34 -1.21
N THR A 231 42.19 12.02 -2.50
CA THR A 231 41.84 12.98 -3.53
C THR A 231 40.33 13.10 -3.69
N GLY A 232 39.61 12.05 -3.34
CA GLY A 232 38.16 12.07 -3.39
C GLY A 232 37.62 11.87 -4.80
N GLY A 234 38.96 9.90 -8.88
CA GLY A 234 39.99 9.19 -9.61
C GLY A 234 39.42 8.12 -10.53
N ARG A 235 40.30 7.32 -11.11
CA ARG A 235 39.89 6.28 -12.05
C ARG A 235 40.67 4.98 -11.85
N VAL A 236 39.95 3.88 -11.67
CA VAL A 236 40.56 2.57 -11.53
C VAL A 236 40.27 1.69 -12.74
N VAL A 237 40.31 0.37 -12.54
CA VAL A 237 40.08 -0.56 -13.64
C VAL A 237 39.50 -1.88 -13.15
N VAL A 238 38.88 -2.64 -14.07
CA VAL A 238 38.08 -3.79 -13.67
C VAL A 238 38.13 -4.92 -14.70
N ARG A 239 38.40 -6.13 -14.23
CA ARG A 239 38.63 -7.27 -15.12
C ARG A 239 37.69 -8.43 -14.81
N SER A 240 37.30 -9.16 -15.85
CA SER A 240 36.20 -10.13 -15.74
C SER A 240 36.66 -11.51 -15.27
N LYS A 241 35.73 -12.26 -14.68
CA LYS A 241 36.00 -13.62 -14.22
C LYS A 241 35.86 -14.65 -15.35
N THR A 242 36.79 -14.60 -16.29
CA THR A 242 36.85 -15.58 -17.37
C THR A 242 38.23 -16.18 -17.47
N GLU A 243 38.30 -17.48 -17.69
CA GLU A 243 39.57 -18.19 -17.76
C GLU A 243 39.77 -18.84 -19.13
N ILE A 244 40.63 -19.86 -19.18
CA ILE A 244 40.91 -20.56 -20.42
C ILE A 244 40.83 -22.07 -20.24
N GLU A 245 40.36 -22.76 -21.28
CA GLU A 245 40.38 -24.22 -21.30
C GLU A 245 40.37 -24.75 -22.73
N LYS A 246 40.62 -26.04 -22.88
CA LYS A 246 40.70 -26.66 -24.20
C LYS A 246 39.50 -27.55 -24.47
N LEU A 247 38.73 -27.21 -25.50
CA LEU A 247 37.51 -27.94 -25.82
C LEU A 247 37.83 -29.28 -26.48
N LYS A 248 36.84 -30.17 -26.51
CA LYS A 248 37.04 -31.51 -27.07
C LYS A 248 37.33 -31.45 -28.57
N GLY A 249 38.14 -32.40 -29.04
CA GLY A 249 38.50 -32.46 -30.45
C GLY A 249 39.68 -31.56 -30.79
N GLY A 250 40.18 -30.85 -29.79
CA GLY A 250 41.37 -30.03 -29.96
C GLY A 250 41.06 -28.65 -30.48
N LYS A 251 40.48 -27.81 -29.62
CA LYS A 251 40.22 -26.42 -29.97
C LYS A 251 40.25 -25.53 -28.73
N GLU A 252 40.00 -24.23 -28.93
CA GLU A 252 40.01 -23.28 -27.84
C GLU A 252 38.67 -23.21 -27.12
N GLN A 253 38.70 -22.92 -25.83
CA GLN A 253 37.49 -22.70 -25.06
C GLN A 253 37.73 -21.74 -23.90
N ILE A 254 37.55 -20.44 -24.15
CA ILE A 254 37.75 -19.43 -23.13
C ILE A 254 36.51 -18.53 -22.99
N VAL A 255 35.73 -18.79 -21.95
CA VAL A 255 34.49 -18.06 -21.75
C VAL A 255 34.37 -17.52 -20.32
N ILE A 256 33.29 -16.77 -20.07
CA ILE A 256 33.03 -16.18 -18.76
C ILE A 256 31.89 -16.91 -18.07
N THR A 257 31.71 -16.65 -16.77
CA THR A 257 30.80 -17.43 -15.95
C THR A 257 29.36 -17.43 -16.51
N GLU A 262 30.71 -3.46 -10.54
CA GLU A 262 29.29 -3.15 -10.73
C GLU A 262 28.99 -2.87 -12.20
N ILE A 263 28.92 -3.94 -13.00
CA ILE A 263 28.62 -3.81 -14.42
C ILE A 263 27.29 -4.46 -14.76
N ASN A 264 27.07 -4.74 -16.04
CA ASN A 264 25.77 -5.21 -16.51
C ASN A 264 25.88 -6.29 -17.58
N LYS A 265 25.52 -7.51 -17.21
CA LYS A 265 25.68 -8.67 -18.08
C LYS A 265 24.71 -8.64 -19.25
N ALA A 266 23.93 -7.58 -19.33
CA ALA A 266 22.95 -7.40 -20.40
C ALA A 266 23.65 -7.01 -21.69
N ASN A 267 24.40 -5.91 -21.65
CA ASN A 267 25.08 -5.39 -22.81
C ASN A 267 26.42 -6.07 -23.06
N LEU A 268 26.87 -6.87 -22.11
CA LEU A 268 28.12 -7.61 -22.28
C LEU A 268 27.90 -8.92 -23.02
N VAL A 269 26.77 -9.56 -22.74
CA VAL A 269 26.40 -10.80 -23.42
C VAL A 269 26.18 -10.58 -24.91
N LYS A 270 25.81 -9.36 -25.29
CA LYS A 270 25.53 -9.04 -26.68
C LYS A 270 26.77 -8.46 -27.37
N LYS A 271 27.62 -7.80 -26.58
CA LYS A 271 28.81 -7.14 -27.13
C LYS A 271 29.81 -8.15 -27.67
N ILE A 272 29.84 -9.33 -27.07
CA ILE A 272 30.62 -10.45 -27.59
C ILE A 272 30.09 -10.88 -28.96
N ASP A 273 28.81 -11.25 -28.99
CA ASP A 273 28.16 -11.68 -30.23
C ASP A 273 28.26 -10.62 -31.33
N ASP A 274 28.32 -9.36 -30.92
CA ASP A 274 28.50 -8.27 -31.88
C ASP A 274 29.91 -8.27 -32.47
N VAL A 275 30.90 -8.42 -31.61
CA VAL A 275 32.27 -8.66 -32.05
C VAL A 275 32.32 -9.76 -33.09
N ARG A 276 31.48 -10.79 -32.90
CA ARG A 276 31.52 -11.99 -33.73
C ARG A 276 30.75 -11.82 -35.03
N VAL A 277 29.87 -10.82 -35.10
CA VAL A 277 29.08 -10.59 -36.29
C VAL A 277 29.92 -9.96 -37.40
N ASN A 278 30.82 -9.06 -37.02
CA ASN A 278 31.71 -8.43 -37.99
C ASN A 278 33.04 -9.16 -38.11
N ASN A 279 33.35 -9.98 -37.11
CA ASN A 279 34.62 -10.69 -37.05
C ASN A 279 35.82 -9.75 -37.20
N LYS A 280 35.74 -8.61 -36.54
CA LYS A 280 36.77 -7.58 -36.64
C LYS A 280 37.69 -7.59 -35.42
N VAL A 281 38.16 -8.77 -35.04
CA VAL A 281 39.11 -8.90 -33.94
C VAL A 281 39.71 -10.30 -33.89
N ILE A 300 31.92 -18.23 -25.22
CA ILE A 300 32.87 -18.29 -26.33
C ILE A 300 33.82 -19.47 -26.19
N GLU A 301 33.30 -20.68 -26.34
CA GLU A 301 34.12 -21.89 -26.32
C GLU A 301 34.65 -22.22 -27.70
N LEU A 302 34.99 -21.18 -28.45
CA LEU A 302 35.48 -21.33 -29.82
C LEU A 302 36.99 -21.16 -29.90
N THR A 308 44.51 -16.97 -31.27
CA THR A 308 45.47 -16.41 -30.33
C THR A 308 44.78 -15.82 -29.11
N GLU A 309 45.46 -15.86 -27.96
CA GLU A 309 44.92 -15.32 -26.72
C GLU A 309 45.11 -13.81 -26.64
N LEU A 310 45.95 -13.27 -27.52
CA LEU A 310 46.11 -11.83 -27.63
C LEU A 310 44.83 -11.19 -28.12
N VAL A 311 44.04 -11.95 -28.87
CA VAL A 311 42.77 -11.45 -29.42
C VAL A 311 41.78 -11.13 -28.30
N LEU A 312 41.81 -11.94 -27.25
CA LEU A 312 40.94 -11.73 -26.11
C LEU A 312 41.35 -10.49 -25.32
N ASN A 313 42.65 -10.19 -25.32
CA ASN A 313 43.16 -8.98 -24.71
C ASN A 313 42.64 -7.73 -25.40
N TYR A 314 42.48 -7.82 -26.72
CA TYR A 314 42.02 -6.69 -27.51
C TYR A 314 40.50 -6.50 -27.41
N LEU A 315 39.80 -7.61 -27.23
CA LEU A 315 38.34 -7.57 -27.14
C LEU A 315 37.88 -7.11 -25.76
N PHE A 316 38.72 -7.36 -24.76
CA PHE A 316 38.36 -7.11 -23.36
C PHE A 316 38.34 -5.61 -23.07
N LYS A 317 39.16 -4.85 -23.79
CA LYS A 317 39.24 -3.41 -23.59
C LYS A 317 38.50 -2.65 -24.69
N TYR A 318 37.73 -3.36 -25.50
CA TYR A 318 36.98 -2.74 -26.57
C TYR A 318 35.48 -2.99 -26.41
N THR A 319 35.12 -4.22 -26.04
CA THR A 319 33.73 -4.62 -25.97
C THR A 319 33.11 -4.29 -24.62
N ASP A 320 33.83 -3.50 -23.82
CA ASP A 320 33.37 -3.14 -22.48
C ASP A 320 33.31 -4.36 -21.57
N LEU A 321 33.95 -5.44 -22.01
CA LEU A 321 33.92 -6.69 -21.25
C LEU A 321 34.79 -6.58 -20.01
N GLN A 322 35.65 -5.58 -19.97
CA GLN A 322 36.47 -5.32 -18.78
C GLN A 322 36.78 -3.83 -18.64
N ILE A 323 35.75 -2.99 -18.83
CA ILE A 323 35.88 -1.56 -18.65
C ILE A 323 36.19 -1.21 -17.20
N ASN A 324 35.57 -0.14 -16.71
CA ASN A 324 35.55 0.18 -15.28
C ASN A 324 36.93 0.55 -14.72
N TYR A 325 36.93 1.36 -13.66
CA TYR A 325 35.72 1.94 -13.09
C TYR A 325 35.90 3.44 -12.90
N ASN A 326 35.15 4.00 -11.97
CA ASN A 326 35.45 5.33 -11.43
C ASN A 326 35.18 5.34 -9.93
N PHE A 327 35.91 6.18 -9.22
CA PHE A 327 35.69 6.39 -7.79
C PHE A 327 35.71 7.89 -7.46
N ASN A 328 34.53 8.48 -7.39
CA ASN A 328 34.37 9.91 -7.14
C ASN A 328 33.63 10.18 -5.84
N MET A 329 34.31 9.92 -4.71
CA MET A 329 33.67 9.90 -3.40
C MET A 329 33.18 11.28 -2.97
N VAL A 330 31.90 11.36 -2.62
CA VAL A 330 31.21 12.64 -2.48
C VAL A 330 29.87 12.45 -1.79
N ALA A 331 29.68 13.11 -0.65
CA ALA A 331 28.36 13.14 -0.01
C ALA A 331 28.17 14.33 0.90
N ILE A 332 27.33 14.16 1.92
CA ILE A 332 26.85 15.27 2.73
C ILE A 332 27.36 15.19 4.16
N ASP A 333 28.05 16.23 4.60
CA ASP A 333 28.63 16.27 5.94
C ASP A 333 28.38 17.60 6.63
N ASN A 334 28.03 17.54 7.91
CA ASN A 334 27.75 18.74 8.69
C ASN A 334 26.42 19.37 8.30
N PHE A 335 25.57 18.56 7.67
CA PHE A 335 24.33 19.02 7.04
C PHE A 335 24.57 19.91 5.82
N THR A 336 25.52 19.52 4.98
CA THR A 336 25.80 20.22 3.74
C THR A 336 26.64 19.34 2.81
N PRO A 337 26.69 19.71 1.51
CA PRO A 337 27.34 18.87 0.49
C PRO A 337 28.84 19.12 0.43
N ARG A 338 29.62 18.07 0.68
CA ARG A 338 31.07 18.15 0.52
C ARG A 338 31.60 16.89 -0.16
N GLN A 339 32.81 16.97 -0.72
CA GLN A 339 33.51 15.79 -1.19
C GLN A 339 34.41 15.25 -0.08
N VAL A 340 34.43 13.94 0.10
CA VAL A 340 35.28 13.33 1.12
C VAL A 340 36.19 12.29 0.50
N GLY A 341 37.00 11.64 1.36
CA GLY A 341 37.95 10.64 0.90
C GLY A 341 37.87 9.39 1.74
N ILE A 342 38.95 8.63 1.79
CA ILE A 342 38.99 7.41 2.58
C ILE A 342 39.19 7.70 4.07
N VAL A 343 39.83 8.83 4.35
CA VAL A 343 40.13 9.24 5.72
C VAL A 343 39.03 10.13 6.31
N PRO A 344 38.42 11.00 5.48
CA PRO A 344 37.30 11.80 5.97
C PRO A 344 36.13 10.91 6.37
N ILE A 345 35.81 9.94 5.51
CA ILE A 345 34.68 9.04 5.74
C ILE A 345 34.76 8.38 7.12
N LEU A 346 35.78 7.55 7.32
CA LEU A 346 36.05 7.01 8.64
C LEU A 346 36.05 8.12 9.68
N SER A 347 36.64 9.26 9.30
CA SER A 347 36.71 10.42 10.18
C SER A 347 35.34 10.78 10.74
N SER A 348 34.50 11.36 9.91
CA SER A 348 33.21 11.90 10.34
C SER A 348 32.33 10.83 10.97
N TYR A 349 32.58 9.58 10.56
CA TYR A 349 31.78 8.44 11.01
C TYR A 349 32.20 7.99 12.40
N ILE A 350 33.49 8.14 12.70
CA ILE A 350 34.03 7.79 14.01
C ILE A 350 33.55 8.77 15.07
N ALA A 351 33.62 10.05 14.75
CA ALA A 351 33.13 11.09 15.65
C ALA A 351 31.60 11.05 15.75
N HIS A 352 30.94 10.80 14.63
CA HIS A 352 29.49 10.87 14.55
C HIS A 352 28.84 9.60 15.09
N ARG A 353 29.58 8.50 15.02
CA ARG A 353 29.23 7.28 15.75
C ARG A 353 29.52 7.47 17.23
N ARG A 354 30.58 8.20 17.54
CA ARG A 354 30.95 8.49 18.92
C ARG A 354 29.81 9.17 19.68
N GLU A 355 29.14 10.11 19.02
CA GLU A 355 27.97 10.75 19.61
C GLU A 355 26.81 9.77 19.70
N VAL A 356 26.89 8.69 18.94
CA VAL A 356 25.83 7.69 18.92
C VAL A 356 25.93 6.74 20.10
N ILE A 357 27.15 6.33 20.42
CA ILE A 357 27.40 5.45 21.57
C ILE A 357 27.19 6.19 22.88
N LEU A 358 27.45 7.50 22.86
CA LEU A 358 27.33 8.33 24.05
C LEU A 358 25.87 8.55 24.41
N ALA A 359 25.02 8.69 23.39
CA ALA A 359 23.58 8.79 23.62
C ALA A 359 23.05 7.49 24.21
N ARG A 360 23.46 6.36 23.63
CA ARG A 360 23.14 5.05 24.19
C ARG A 360 23.36 5.04 25.70
N SER A 361 24.45 5.67 26.13
CA SER A 361 24.71 5.87 27.55
C SER A 361 23.70 6.84 28.16
N ARG A 362 23.54 8.00 27.53
CA ARG A 362 22.71 9.08 28.06
C ARG A 362 21.37 8.55 28.56
N PHE A 363 20.58 7.97 27.66
CA PHE A 363 19.30 7.38 28.03
C PHE A 363 19.52 6.25 29.03
N ASP A 364 19.98 5.10 28.52
CA ASP A 364 20.02 3.87 29.33
C ASP A 364 20.35 4.18 30.78
N LYS A 365 21.45 4.89 31.01
CA LYS A 365 21.76 5.42 32.33
C LYS A 365 20.55 6.15 32.91
N GLU A 366 19.95 7.03 32.12
CA GLU A 366 18.76 7.76 32.57
C GLU A 366 17.70 6.78 33.05
N LYS A 367 17.49 5.70 32.31
CA LYS A 367 16.42 4.76 32.60
C LYS A 367 16.75 3.97 33.86
N ALA A 368 18.04 3.66 34.04
CA ALA A 368 18.51 2.99 35.24
C ALA A 368 18.22 3.84 36.48
N GLU A 369 18.78 5.05 36.51
CA GLU A 369 18.53 5.95 37.64
C GLU A 369 17.05 5.90 38.01
N LYS A 370 16.20 6.09 37.00
CA LYS A 370 14.76 6.13 37.20
C LYS A 370 14.26 4.84 37.84
N ARG A 371 14.86 3.72 37.45
CA ARG A 371 14.49 2.42 37.99
C ARG A 371 14.93 2.29 39.45
N LEU A 372 16.19 2.64 39.72
CA LEU A 372 16.80 2.41 41.02
C LEU A 372 16.17 3.29 42.09
N HIS A 373 15.46 4.34 41.67
CA HIS A 373 14.81 5.24 42.60
C HIS A 373 13.39 4.77 42.91
N ILE A 374 12.78 4.07 41.96
CA ILE A 374 11.52 3.38 42.24
C ILE A 374 11.78 2.21 43.15
N VAL A 375 12.85 1.46 42.87
CA VAL A 375 13.27 0.35 43.73
C VAL A 375 13.57 0.87 45.13
N GLU A 376 14.77 1.45 45.28
CA GLU A 376 15.16 2.14 46.50
C GLU A 376 13.95 2.67 47.26
N GLY A 377 12.97 3.18 46.53
CA GLY A 377 11.66 3.43 47.10
C GLY A 377 10.99 2.16 47.58
N LEU A 378 10.65 1.29 46.64
CA LEU A 378 9.76 0.16 46.89
C LEU A 378 10.25 -0.72 48.05
N ILE A 379 11.56 -0.92 48.12
CA ILE A 379 12.16 -1.58 49.28
C ILE A 379 11.73 -0.90 50.57
N ARG A 380 12.31 0.28 50.81
CA ARG A 380 11.95 1.09 51.97
C ARG A 380 10.48 0.94 52.35
N VAL A 381 9.61 0.76 51.37
CA VAL A 381 8.21 0.53 51.68
C VAL A 381 8.06 -0.64 52.65
N ILE A 382 8.61 -1.78 52.27
CA ILE A 382 8.46 -3.01 53.04
C ILE A 382 8.46 -2.70 54.53
N SER A 383 9.46 -1.95 54.98
CA SER A 383 9.58 -1.58 56.38
C SER A 383 8.20 -1.24 56.96
N ILE A 384 7.53 -0.27 56.32
CA ILE A 384 6.23 0.21 56.79
C ILE A 384 5.10 -0.29 55.92
N LEU A 385 5.24 -1.51 55.39
CA LEU A 385 4.22 -2.07 54.52
C LEU A 385 2.86 -2.09 55.20
N ASP A 386 2.88 -2.27 56.52
CA ASP A 386 1.64 -2.43 57.28
C ASP A 386 0.95 -1.08 57.49
N GLU A 387 1.74 -0.05 57.78
CA GLU A 387 1.20 1.28 58.00
C GLU A 387 0.66 1.87 56.70
N VAL A 388 1.41 1.67 55.61
CA VAL A 388 1.02 2.24 54.33
C VAL A 388 -0.24 1.56 53.80
N ILE A 389 -0.27 0.23 53.88
CA ILE A 389 -1.45 -0.52 53.48
C ILE A 389 -2.66 -0.12 54.31
N ALA A 390 -2.42 0.50 55.45
CA ALA A 390 -3.51 1.06 56.26
C ALA A 390 -3.76 2.52 55.88
N LEU A 391 -2.68 3.24 55.62
CA LEU A 391 -2.78 4.64 55.22
C LEU A 391 -3.60 4.78 53.95
N ILE A 392 -3.33 3.93 52.96
CA ILE A 392 -3.97 4.04 51.66
C ILE A 392 -5.46 3.73 51.72
N ARG A 393 -5.85 2.81 52.60
CA ARG A 393 -7.26 2.48 52.76
C ARG A 393 -8.08 3.72 53.12
N ALA A 394 -7.66 4.39 54.19
CA ALA A 394 -8.46 5.45 54.80
C ALA A 394 -8.43 6.72 53.96
N SER A 395 -7.55 6.75 52.95
CA SER A 395 -7.01 8.00 52.40
C SER A 395 -8.04 8.89 51.70
N GLU A 396 -9.13 8.27 51.27
CA GLU A 396 -10.14 8.93 50.44
C GLU A 396 -10.04 8.52 48.97
N ASN A 397 -10.02 9.52 48.08
CA ASN A 397 -9.80 9.28 46.66
C ASN A 397 -8.35 8.90 46.38
N LYS A 398 -8.11 8.33 45.21
CA LYS A 398 -6.78 7.92 44.81
C LYS A 398 -5.78 9.05 45.01
N ALA A 399 -6.07 10.20 44.42
CA ALA A 399 -5.21 11.37 44.53
C ALA A 399 -4.87 11.68 45.99
N ASP A 400 -5.89 11.76 46.83
CA ASP A 400 -5.67 12.11 48.23
C ASP A 400 -4.74 11.12 48.93
N ALA A 401 -4.42 10.02 48.25
CA ALA A 401 -3.71 8.92 48.87
C ALA A 401 -2.21 9.12 48.73
N LYS A 402 -1.78 9.44 47.52
CA LYS A 402 -0.37 9.66 47.23
C LYS A 402 0.16 10.89 47.97
N GLU A 403 -0.53 12.02 47.86
CA GLU A 403 -0.20 13.14 48.74
C GLU A 403 -0.01 12.58 50.14
N ASN A 404 -1.11 12.14 50.73
CA ASN A 404 -1.13 11.67 52.11
C ASN A 404 0.07 10.82 52.46
N LEU A 405 0.78 10.33 51.45
CA LEU A 405 2.11 9.74 51.64
C LEU A 405 3.18 10.84 51.66
N LYS A 406 2.91 11.90 52.42
CA LYS A 406 3.92 12.79 52.99
C LYS A 406 4.56 12.18 54.22
N VAL A 407 3.74 11.64 55.11
CA VAL A 407 4.23 11.00 56.33
C VAL A 407 4.85 9.63 56.04
N SER A 408 4.97 8.81 57.08
CA SER A 408 5.66 7.53 57.01
C SER A 408 7.04 7.58 56.36
N TYR A 409 7.14 8.33 55.26
CA TYR A 409 8.42 8.58 54.60
C TYR A 409 8.45 9.90 53.85
N ASP A 410 9.64 10.33 53.47
CA ASP A 410 9.82 11.47 52.57
C ASP A 410 9.93 11.00 51.12
N PHE A 411 8.93 10.22 50.70
CA PHE A 411 8.93 9.65 49.36
C PHE A 411 8.41 10.67 48.35
N THR A 412 8.75 10.47 47.08
CA THR A 412 8.47 11.48 46.06
C THR A 412 7.22 11.09 45.28
N GLU A 413 6.69 12.01 44.49
CA GLU A 413 5.69 11.65 43.48
C GLU A 413 6.05 10.34 42.79
N GLU A 414 7.00 10.38 41.86
CA GLU A 414 7.39 9.15 41.17
C GLU A 414 7.57 8.02 42.18
N GLN A 415 7.99 8.39 43.40
CA GLN A 415 8.10 7.46 44.51
C GLN A 415 6.72 6.96 44.93
N ALA A 416 5.82 7.91 45.16
CA ALA A 416 4.48 7.63 45.61
C ALA A 416 3.69 6.84 44.57
N GLU A 417 3.69 7.34 43.34
CA GLU A 417 3.05 6.63 42.24
C GLU A 417 3.16 5.11 42.44
N ALA A 418 4.27 4.53 42.01
CA ALA A 418 4.40 3.08 42.00
C ALA A 418 3.80 2.48 43.28
N ILE A 419 4.01 3.16 44.42
CA ILE A 419 3.53 2.63 45.68
C ILE A 419 2.01 2.50 45.63
N VAL A 420 1.37 3.51 45.05
CA VAL A 420 -0.09 3.60 45.03
C VAL A 420 -0.69 2.72 43.95
N THR A 421 0.14 2.35 42.99
CA THR A 421 -0.27 1.42 41.92
C THR A 421 0.38 0.06 42.09
N LEU A 422 0.75 -0.31 43.33
CA LEU A 422 1.59 -1.49 43.51
C LEU A 422 0.82 -2.79 43.34
N GLN A 423 -0.50 -2.70 43.18
CA GLN A 423 -1.31 -3.83 42.71
C GLN A 423 -1.30 -5.04 43.66
N LEU A 424 -2.48 -5.51 44.08
CA LEU A 424 -2.58 -6.27 45.34
C LEU A 424 -1.82 -7.60 45.36
N TYR A 425 -1.69 -8.26 44.21
CA TYR A 425 -0.78 -9.41 44.12
C TYR A 425 0.51 -9.10 44.87
N ARG A 426 1.23 -8.09 44.40
CA ARG A 426 2.58 -7.80 44.85
C ARG A 426 2.66 -7.43 46.33
N LEU A 427 1.52 -7.40 47.02
CA LEU A 427 1.55 -7.33 48.47
C LEU A 427 2.10 -8.64 49.06
N THR A 428 2.53 -9.57 48.20
CA THR A 428 3.55 -10.56 48.58
C THR A 428 4.93 -9.91 48.67
N ASN A 429 5.51 -9.91 49.88
CA ASN A 429 6.74 -9.17 50.11
C ASN A 429 7.98 -9.88 49.59
N THR A 430 7.77 -10.70 48.56
CA THR A 430 8.86 -11.36 47.83
C THR A 430 10.06 -10.43 47.67
N ASP A 431 9.79 -9.13 47.61
CA ASP A 431 10.81 -8.14 47.34
C ASP A 431 11.63 -7.82 48.60
N VAL A 432 11.38 -8.57 49.67
CA VAL A 432 12.01 -8.27 50.95
C VAL A 432 13.53 -8.30 50.82
N VAL A 433 14.04 -9.40 50.27
CA VAL A 433 15.47 -9.57 50.08
C VAL A 433 15.90 -9.18 48.68
N VAL A 434 15.07 -9.55 47.70
CA VAL A 434 15.34 -9.27 46.29
C VAL A 434 15.63 -7.79 46.05
N LEU A 435 14.60 -6.96 46.05
CA LEU A 435 14.79 -5.53 45.87
C LEU A 435 16.12 -5.11 46.51
N GLN A 436 16.35 -5.57 47.74
CA GLN A 436 17.62 -5.33 48.41
C GLN A 436 18.79 -5.52 47.45
N GLU A 437 18.78 -6.66 46.77
CA GLU A 437 19.81 -6.98 45.79
C GLU A 437 19.78 -6.01 44.62
N GLU A 438 18.59 -5.52 44.27
CA GLU A 438 18.44 -4.61 43.15
C GLU A 438 19.26 -3.34 43.35
N GLU A 439 19.18 -2.79 44.56
CA GLU A 439 19.82 -1.52 44.89
C GLU A 439 21.27 -1.48 44.40
N ALA A 440 21.93 -2.63 44.42
CA ALA A 440 23.32 -2.69 43.97
C ALA A 440 23.40 -3.22 42.53
N GLU A 441 22.32 -3.81 42.05
CA GLU A 441 22.25 -4.29 40.68
C GLU A 441 22.15 -3.12 39.71
N LEU A 442 21.01 -2.43 39.78
CA LEU A 442 20.76 -1.25 38.96
C LEU A 442 21.73 -0.12 39.29
N ARG A 443 22.33 -0.17 40.47
CA ARG A 443 23.31 0.83 40.87
C ARG A 443 24.66 0.59 40.20
N GLU A 444 24.95 -0.68 39.92
CA GLU A 444 26.18 -1.03 39.21
C GLU A 444 26.11 -0.57 37.76
N LYS A 445 25.01 -0.90 37.10
CA LYS A 445 24.76 -0.43 35.74
C LYS A 445 24.75 1.09 35.70
N ILE A 446 24.32 1.72 36.78
CA ILE A 446 24.31 3.18 36.86
C ILE A 446 25.71 3.75 36.85
N ALA A 447 26.62 3.12 37.58
CA ALA A 447 28.02 3.53 37.56
C ALA A 447 28.67 3.22 36.21
N MET A 448 28.38 2.03 35.70
CA MET A 448 28.97 1.53 34.46
C MET A 448 28.73 2.51 33.31
N LEU A 449 27.47 2.83 33.07
CA LEU A 449 27.10 3.70 31.96
C LEU A 449 27.68 5.09 32.13
N ALA A 450 27.58 5.64 33.34
CA ALA A 450 28.17 6.94 33.63
C ALA A 450 29.68 6.93 33.40
N ALA A 451 30.28 5.76 33.51
CA ALA A 451 31.70 5.59 33.24
C ALA A 451 32.00 5.79 31.75
N ILE A 452 31.12 5.25 30.91
CA ILE A 452 31.24 5.42 29.47
C ILE A 452 31.17 6.89 29.07
N ILE A 453 30.64 7.72 29.96
CA ILE A 453 30.42 9.13 29.66
C ILE A 453 31.65 9.97 30.01
N GLY A 454 32.44 9.50 30.96
CA GLY A 454 33.61 10.25 31.40
C GLY A 454 34.89 9.78 30.72
N ASP A 455 34.90 8.51 30.32
CA ASP A 455 36.12 7.86 29.85
C ASP A 455 36.19 7.94 28.33
N GLU A 456 37.16 8.70 27.83
CA GLU A 456 37.37 8.84 26.39
C GLU A 456 37.99 7.59 25.79
N ARG A 457 38.78 6.89 26.59
CA ARG A 457 39.50 5.71 26.13
C ARG A 457 38.62 4.47 26.21
N THR A 458 37.86 4.33 27.30
CA THR A 458 36.95 3.22 27.48
C THR A 458 35.81 3.26 26.46
N MET A 459 35.34 4.47 26.15
CA MET A 459 34.33 4.64 25.11
C MET A 459 34.70 3.85 23.86
N TYR A 460 35.87 4.15 23.31
CA TYR A 460 36.34 3.50 22.09
C TYR A 460 36.28 1.97 22.19
N ASN A 461 36.75 1.45 23.32
CA ASN A 461 36.78 0.00 23.53
C ASN A 461 35.40 -0.64 23.34
N LEU A 462 34.35 0.08 23.73
CA LEU A 462 32.99 -0.33 23.43
C LEU A 462 32.78 -0.42 21.92
N MET A 463 33.16 0.64 21.21
CA MET A 463 32.90 0.73 19.79
C MET A 463 33.72 -0.30 19.01
N LYS A 464 34.84 -0.71 19.59
CA LYS A 464 35.68 -1.73 18.98
C LYS A 464 35.02 -3.11 19.15
N LYS A 465 34.73 -3.47 20.40
CA LYS A 465 34.04 -4.72 20.69
C LYS A 465 32.86 -4.92 19.75
N GLU A 466 32.05 -3.88 19.60
CA GLU A 466 30.83 -3.97 18.81
C GLU A 466 31.17 -4.17 17.33
N LEU A 467 32.02 -3.31 16.79
CA LEU A 467 32.36 -3.35 15.37
C LEU A 467 33.04 -4.67 15.03
N ARG A 468 33.99 -5.08 15.88
CA ARG A 468 34.53 -6.43 15.80
C ARG A 468 33.39 -7.43 15.69
N GLU A 469 32.35 -7.19 16.49
CA GLU A 469 31.24 -8.12 16.64
C GLU A 469 30.52 -8.35 15.31
N VAL A 470 30.26 -7.28 14.57
CA VAL A 470 29.57 -7.42 13.30
C VAL A 470 30.46 -8.09 12.26
N LYS A 471 31.76 -7.78 12.34
CA LYS A 471 32.76 -8.34 11.43
C LYS A 471 32.74 -9.86 11.49
N LYS A 472 32.33 -10.39 12.64
CA LYS A 472 32.02 -11.80 12.80
C LYS A 472 30.58 -12.07 12.38
N LYS A 473 29.64 -11.79 13.28
CA LYS A 473 28.24 -12.08 13.00
C LYS A 473 28.00 -11.98 11.50
N PHE A 474 28.27 -10.80 10.95
CA PHE A 474 28.16 -10.55 9.51
C PHE A 474 29.37 -11.14 8.78
N ALA A 475 30.55 -10.57 9.02
CA ALA A 475 31.79 -11.13 8.49
C ALA A 475 31.74 -11.34 6.97
N THR A 476 31.90 -10.27 6.22
CA THR A 476 32.05 -10.36 4.77
C THR A 476 33.33 -11.08 4.40
N PRO A 477 33.23 -12.13 3.57
CA PRO A 477 34.36 -12.74 2.87
C PRO A 477 35.11 -11.72 2.02
N ARG A 478 36.40 -11.94 1.79
CA ARG A 478 37.20 -11.00 1.01
C ARG A 478 36.86 -11.09 -0.48
N LEU A 479 37.42 -10.17 -1.27
CA LEU A 479 37.10 -10.08 -2.69
C LEU A 479 37.84 -8.91 -3.36
N GLN B 5 8.67 -39.02 -11.64
CA GLN B 5 8.50 -39.37 -13.05
C GLN B 5 7.56 -38.40 -13.76
N ASN B 6 6.92 -38.88 -14.82
CA ASN B 6 6.04 -38.04 -15.63
C ASN B 6 4.68 -37.82 -14.99
N MET B 7 4.61 -38.09 -13.69
CA MET B 7 3.34 -38.06 -12.96
C MET B 7 2.23 -38.69 -13.79
N SER B 8 1.01 -38.69 -13.25
CA SER B 8 -0.11 -39.31 -13.97
C SER B 8 -0.58 -38.46 -15.15
N LEU B 9 -1.51 -39.01 -15.92
CA LEU B 9 -2.26 -38.27 -16.92
C LEU B 9 -3.73 -38.19 -16.52
N GLU B 10 -4.55 -37.64 -17.40
CA GLU B 10 -5.93 -37.32 -17.03
C GLU B 10 -6.72 -36.85 -18.24
N ASP B 11 -8.02 -37.14 -18.24
CA ASP B 11 -8.92 -36.68 -19.29
C ASP B 11 -9.00 -35.15 -19.32
N ILE B 12 -8.94 -34.55 -20.51
CA ILE B 12 -9.45 -33.20 -20.73
C ILE B 12 -10.98 -33.21 -20.71
N MET B 13 -11.58 -34.39 -20.85
CA MET B 13 -12.92 -34.67 -20.32
C MET B 13 -12.87 -34.55 -18.80
N GLY B 14 -11.67 -34.69 -18.25
CA GLY B 14 -11.46 -34.69 -16.82
C GLY B 14 -10.99 -33.34 -16.33
N GLU B 15 -9.94 -32.82 -16.95
CA GLU B 15 -9.26 -31.63 -16.43
C GLU B 15 -10.11 -30.39 -16.62
N ARG B 16 -10.84 -30.31 -17.73
CA ARG B 16 -11.58 -29.10 -18.05
C ARG B 16 -12.97 -29.09 -17.40
N PHE B 17 -13.28 -30.13 -16.64
CA PHE B 17 -14.48 -30.16 -15.82
C PHE B 17 -14.16 -29.65 -14.42
N GLY B 18 -13.06 -30.13 -13.86
CA GLY B 18 -12.71 -29.85 -12.48
C GLY B 18 -12.11 -28.47 -12.28
N ARG B 19 -11.30 -28.04 -13.24
CA ARG B 19 -10.83 -26.66 -13.26
C ARG B 19 -12.00 -25.68 -13.26
N TYR B 20 -12.85 -25.80 -14.28
CA TYR B 20 -13.89 -24.81 -14.52
C TYR B 20 -14.95 -24.84 -13.42
N SER B 21 -14.90 -25.88 -12.59
CA SER B 21 -15.71 -25.93 -11.37
C SER B 21 -15.15 -24.91 -10.38
N LYS B 22 -13.89 -25.08 -9.99
CA LYS B 22 -13.21 -24.09 -9.19
C LYS B 22 -13.62 -22.69 -9.63
N TYR B 23 -13.50 -22.40 -10.92
CA TYR B 23 -13.68 -21.02 -11.38
C TYR B 23 -15.14 -20.59 -11.31
N ILE B 24 -16.05 -21.54 -11.29
CA ILE B 24 -17.47 -21.22 -11.24
C ILE B 24 -17.92 -21.04 -9.78
N ILE B 25 -17.30 -21.76 -8.86
CA ILE B 25 -17.58 -21.55 -7.45
C ILE B 25 -17.03 -20.20 -7.00
N GLN B 26 -16.03 -19.70 -7.72
CA GLN B 26 -15.56 -18.33 -7.55
C GLN B 26 -16.45 -17.35 -8.31
N ASP B 27 -17.49 -17.86 -8.96
CA ASP B 27 -18.55 -17.01 -9.50
C ASP B 27 -19.67 -16.91 -8.47
N ARG B 28 -19.38 -17.40 -7.26
CA ARG B 28 -20.32 -17.31 -6.15
C ARG B 28 -19.86 -16.28 -5.12
N ALA B 29 -18.80 -15.53 -5.44
CA ALA B 29 -18.51 -14.26 -4.76
C ALA B 29 -19.26 -13.11 -5.44
N LEU B 30 -20.59 -13.20 -5.40
CA LEU B 30 -21.46 -12.12 -5.88
C LEU B 30 -22.24 -11.53 -4.71
N PRO B 31 -22.81 -10.33 -4.90
CA PRO B 31 -23.39 -9.54 -3.81
C PRO B 31 -24.45 -10.33 -3.04
N ASP B 32 -24.22 -10.49 -1.73
CA ASP B 32 -25.12 -11.28 -0.89
C ASP B 32 -26.47 -10.61 -0.74
N ILE B 33 -27.53 -11.41 -0.73
CA ILE B 33 -28.88 -10.87 -0.58
C ILE B 33 -28.96 -10.02 0.66
N ARG B 34 -28.01 -10.23 1.57
CA ARG B 34 -28.03 -9.62 2.90
C ARG B 34 -27.24 -8.31 2.96
N ASP B 35 -25.92 -8.44 3.09
CA ASP B 35 -25.06 -7.27 3.20
C ASP B 35 -25.26 -6.32 2.02
N GLY B 36 -25.67 -6.86 0.88
CA GLY B 36 -25.73 -6.07 -0.33
C GLY B 36 -24.35 -5.54 -0.68
N LEU B 37 -23.38 -6.45 -0.73
CA LEU B 37 -22.00 -6.10 -1.04
C LEU B 37 -21.28 -7.30 -1.65
N LYS B 38 -20.36 -7.01 -2.57
CA LYS B 38 -19.57 -8.04 -3.22
C LYS B 38 -18.18 -8.09 -2.58
N PRO B 39 -17.71 -9.29 -2.23
CA PRO B 39 -16.59 -9.46 -1.29
C PRO B 39 -15.52 -8.38 -1.38
N VAL B 40 -14.84 -8.30 -2.52
CA VAL B 40 -13.86 -7.25 -2.76
C VAL B 40 -14.40 -5.88 -2.34
N GLN B 41 -15.68 -5.87 -1.92
CA GLN B 41 -16.24 -4.75 -1.17
C GLN B 41 -16.12 -5.01 0.33
N ARG B 42 -16.96 -5.92 0.83
CA ARG B 42 -16.96 -6.27 2.24
C ARG B 42 -15.54 -6.18 2.78
N ARG B 43 -14.59 -6.81 2.12
CA ARG B 43 -13.19 -6.66 2.49
C ARG B 43 -12.80 -5.18 2.58
N ILE B 44 -13.10 -4.39 1.54
CA ILE B 44 -12.66 -3.00 1.54
C ILE B 44 -13.33 -2.18 2.63
N LEU B 45 -14.60 -2.44 2.93
CA LEU B 45 -15.26 -1.65 3.96
C LEU B 45 -14.76 -2.01 5.37
N TYR B 46 -14.24 -3.23 5.52
CA TYR B 46 -13.83 -3.66 6.84
C TYR B 46 -12.37 -3.35 7.08
N SER B 47 -11.56 -3.33 6.02
CA SER B 47 -10.16 -2.91 6.16
C SER B 47 -10.15 -1.48 6.67
N MET B 48 -11.02 -0.65 6.09
CA MET B 48 -11.20 0.72 6.52
C MET B 48 -11.59 0.77 7.99
N ASN B 49 -12.60 -0.01 8.37
CA ASN B 49 -13.00 -0.08 9.77
C ASN B 49 -11.84 -0.47 10.66
N LYS B 50 -11.48 -1.75 10.67
CA LYS B 50 -10.37 -2.22 11.49
C LYS B 50 -9.35 -1.10 11.75
N ASP B 51 -9.06 -0.31 10.71
CA ASP B 51 -7.95 0.63 10.80
C ASP B 51 -8.36 1.94 11.45
N SER B 52 -9.63 2.04 11.84
CA SER B 52 -10.19 3.27 12.37
C SER B 52 -10.07 4.44 11.39
N ASN B 53 -11.07 4.56 10.52
CA ASN B 53 -11.13 5.65 9.55
C ASN B 53 -12.54 6.23 9.45
N THR B 54 -13.30 6.13 10.53
CA THR B 54 -14.69 6.55 10.48
C THR B 54 -14.83 7.93 9.84
N PHE B 55 -16.06 8.30 9.48
CA PHE B 55 -16.36 9.67 9.08
C PHE B 55 -15.67 10.67 9.99
N ASP B 56 -15.90 10.54 11.29
CA ASP B 56 -15.15 11.28 12.31
C ASP B 56 -13.76 11.69 11.79
N LYS B 57 -12.81 10.76 11.83
CA LYS B 57 -11.39 11.08 11.78
C LYS B 57 -10.97 11.61 10.41
N SER B 58 -9.67 11.83 10.26
CA SER B 58 -9.11 12.56 9.12
C SER B 58 -8.99 11.67 7.89
N TYR B 59 -8.81 12.28 6.73
CA TYR B 59 -8.62 11.53 5.48
C TYR B 59 -7.31 10.74 5.50
N ARG B 60 -7.42 9.44 5.23
CA ARG B 60 -6.25 8.59 5.02
C ARG B 60 -5.89 8.54 3.54
N LYS B 61 -4.60 8.40 3.25
CA LYS B 61 -4.15 8.31 1.87
C LYS B 61 -4.81 7.16 1.10
N SER B 62 -4.07 6.51 0.22
CA SER B 62 -4.61 5.36 -0.49
C SER B 62 -3.67 4.16 -0.38
N ALA B 63 -2.72 4.08 -1.30
CA ALA B 63 -1.68 3.06 -1.25
C ALA B 63 -1.62 2.36 0.10
N LYS B 64 -1.80 3.13 1.17
CA LYS B 64 -1.80 2.55 2.51
C LYS B 64 -3.11 1.82 2.80
N SER B 65 -4.24 2.46 2.50
CA SER B 65 -5.53 1.85 2.80
C SER B 65 -5.80 0.66 1.87
N VAL B 66 -5.57 0.88 0.58
CA VAL B 66 -5.61 -0.21 -0.40
C VAL B 66 -4.60 -1.25 0.01
N GLY B 67 -3.32 -0.95 -0.22
CA GLY B 67 -2.23 -1.74 0.32
C GLY B 67 -2.73 -2.67 1.40
N ASN B 68 -3.21 -2.08 2.49
CA ASN B 68 -3.71 -2.84 3.63
C ASN B 68 -4.91 -3.72 3.32
N ILE B 69 -5.88 -3.22 2.54
CA ILE B 69 -6.92 -4.11 2.03
C ILE B 69 -6.27 -5.20 1.16
N MET B 70 -5.38 -4.79 0.27
CA MET B 70 -4.87 -5.67 -0.77
C MET B 70 -3.69 -6.53 -0.33
N GLY B 71 -3.70 -6.96 0.93
CA GLY B 71 -2.55 -7.67 1.46
C GLY B 71 -2.78 -8.18 2.87
N ASN B 72 -4.03 -8.07 3.33
CA ASN B 72 -4.43 -8.73 4.56
C ASN B 72 -5.87 -9.25 4.46
N PHE B 73 -6.48 -9.16 3.29
CA PHE B 73 -7.88 -9.56 3.18
C PHE B 73 -8.32 -9.73 1.74
N HIS B 74 -7.36 -9.61 0.81
CA HIS B 74 -7.66 -9.73 -0.62
C HIS B 74 -6.40 -10.12 -1.39
N PRO B 75 -6.27 -11.40 -1.77
CA PRO B 75 -5.12 -11.87 -2.55
C PRO B 75 -4.88 -11.02 -3.79
N HIS B 76 -5.93 -10.84 -4.60
CA HIS B 76 -5.80 -10.31 -5.95
C HIS B 76 -4.90 -9.08 -6.04
N GLY B 77 -4.71 -8.59 -7.27
CA GLY B 77 -3.86 -7.45 -7.52
C GLY B 77 -4.46 -6.14 -7.06
N ASP B 78 -3.67 -5.07 -7.11
CA ASP B 78 -3.94 -3.82 -6.40
C ASP B 78 -5.15 -3.07 -6.97
N SER B 79 -5.10 -2.78 -8.27
CA SER B 79 -6.05 -1.85 -8.85
C SER B 79 -7.38 -2.52 -9.19
N SER B 80 -7.48 -3.83 -8.99
CA SER B 80 -8.80 -4.46 -8.78
C SER B 80 -9.37 -3.96 -7.47
N ILE B 81 -8.52 -3.94 -6.44
CA ILE B 81 -8.90 -3.57 -5.09
C ILE B 81 -9.43 -2.14 -5.07
N TYR B 82 -8.51 -1.21 -5.27
CA TYR B 82 -8.79 0.23 -5.18
C TYR B 82 -9.77 0.68 -6.25
N ASP B 83 -9.41 0.46 -7.52
CA ASP B 83 -10.33 0.69 -8.63
C ASP B 83 -11.77 0.56 -8.14
N ALA B 84 -12.14 -0.65 -7.72
CA ALA B 84 -13.38 -0.87 -6.97
C ALA B 84 -13.58 0.27 -5.99
N MET B 85 -12.60 0.47 -5.11
CA MET B 85 -12.72 1.44 -4.02
C MET B 85 -13.33 2.74 -4.53
N VAL B 86 -12.52 3.52 -5.24
CA VAL B 86 -13.04 4.62 -6.05
C VAL B 86 -14.54 4.46 -6.27
N ARG B 87 -14.94 3.45 -7.04
CA ARG B 87 -16.35 3.26 -7.33
C ARG B 87 -17.19 3.77 -6.16
N MET B 88 -16.89 3.28 -4.97
CA MET B 88 -17.66 3.62 -3.79
C MET B 88 -17.55 5.10 -3.44
N SER B 89 -16.67 5.81 -4.15
CA SER B 89 -16.54 7.25 -3.96
C SER B 89 -17.55 7.98 -4.82
N GLN B 90 -17.97 7.34 -5.90
CA GLN B 90 -18.82 7.97 -6.91
C GLN B 90 -20.27 8.04 -6.45
N ASN B 91 -20.64 9.18 -5.87
CA ASN B 91 -22.00 9.40 -5.39
C ASN B 91 -23.02 9.44 -6.52
N TRP B 92 -22.51 9.60 -7.75
CA TRP B 92 -23.36 9.55 -8.93
C TRP B 92 -23.34 8.17 -9.56
N LYS B 93 -23.04 7.17 -8.76
CA LYS B 93 -23.18 5.77 -9.18
C LYS B 93 -23.97 4.98 -8.14
N ASN B 94 -23.91 5.43 -6.88
CA ASN B 94 -24.63 4.75 -5.82
C ASN B 94 -25.71 5.64 -5.21
N ARG B 95 -26.36 5.18 -4.16
CA ARG B 95 -27.29 6.03 -3.40
C ARG B 95 -26.57 6.69 -2.24
N GLU B 96 -26.21 5.88 -1.25
CA GLU B 96 -25.32 6.31 -0.17
C GLU B 96 -23.89 5.85 -0.43
N ILE B 97 -23.04 6.76 -0.89
CA ILE B 97 -21.63 6.45 -1.08
C ILE B 97 -21.09 5.80 0.19
N LEU B 98 -20.48 4.64 0.07
CA LEU B 98 -19.96 3.95 1.25
C LEU B 98 -18.52 4.36 1.55
N VAL B 99 -17.97 5.25 0.75
CA VAL B 99 -16.68 5.86 1.10
C VAL B 99 -16.52 7.23 0.45
N GLU B 100 -16.15 8.23 1.26
CA GLU B 100 -15.97 9.59 0.78
C GLU B 100 -14.50 9.85 0.44
N MET B 101 -14.20 10.08 -0.83
CA MET B 101 -12.86 10.53 -1.20
C MET B 101 -12.89 12.01 -1.55
N HIS B 102 -11.75 12.54 -1.99
CA HIS B 102 -11.70 13.91 -2.46
C HIS B 102 -10.52 14.14 -3.40
N GLY B 103 -10.77 14.72 -4.56
CA GLY B 103 -9.68 15.23 -5.38
C GLY B 103 -9.40 14.36 -6.58
N ASN B 104 -10.43 14.29 -7.41
CA ASN B 104 -10.64 13.53 -8.63
C ASN B 104 -11.29 12.17 -8.43
N ASN B 105 -12.49 12.17 -7.83
CA ASN B 105 -13.36 11.00 -7.83
C ASN B 105 -13.61 10.51 -9.24
N GLY B 106 -14.34 11.30 -10.02
CA GLY B 106 -14.58 11.00 -11.42
C GLY B 106 -15.71 11.82 -12.01
N SER B 107 -15.51 12.27 -13.25
CA SER B 107 -16.53 13.07 -13.93
C SER B 107 -17.74 12.21 -14.31
N MET B 108 -18.89 12.85 -14.52
CA MET B 108 -19.99 12.18 -15.22
C MET B 108 -19.51 11.77 -16.61
N ASP B 109 -18.42 12.41 -17.05
CA ASP B 109 -17.82 12.12 -18.34
C ASP B 109 -16.52 11.33 -18.18
N GLY B 110 -15.97 10.87 -19.30
CA GLY B 110 -14.72 10.15 -19.29
C GLY B 110 -13.65 10.84 -18.48
N ASP B 111 -13.63 10.57 -17.18
CA ASP B 111 -12.65 11.17 -16.29
C ASP B 111 -11.86 10.09 -15.55
N PRO B 112 -10.73 9.66 -16.12
CA PRO B 112 -9.78 8.78 -15.45
C PRO B 112 -9.40 9.33 -14.08
N PRO B 113 -9.80 8.65 -13.00
CA PRO B 113 -9.38 9.03 -11.64
C PRO B 113 -7.89 8.78 -11.46
N ALA B 114 -7.29 9.40 -10.45
CA ALA B 114 -5.84 9.34 -10.27
C ALA B 114 -5.41 8.18 -9.40
N ALA B 115 -4.24 7.63 -9.69
CA ALA B 115 -3.76 6.41 -9.04
C ALA B 115 -3.78 6.57 -7.52
N MET B 116 -3.29 5.55 -6.82
CA MET B 116 -3.23 5.61 -5.36
C MET B 116 -2.21 6.63 -4.89
N ARG B 117 -1.43 7.14 -5.84
CA ARG B 117 -0.37 8.10 -5.53
C ARG B 117 -0.98 9.40 -4.98
N TYR B 118 -2.17 9.74 -5.49
CA TYR B 118 -2.75 11.05 -5.30
C TYR B 118 -3.98 11.00 -4.39
N THR B 119 -4.97 10.20 -4.78
CA THR B 119 -6.24 10.16 -4.07
C THR B 119 -6.06 10.00 -2.56
N GLU B 120 -7.02 10.53 -1.80
CA GLU B 120 -7.12 10.29 -0.37
C GLU B 120 -8.58 10.20 0.03
N ALA B 121 -8.92 9.20 0.84
CA ALA B 121 -10.30 9.01 1.26
C ALA B 121 -10.45 8.28 2.59
N ARG B 122 -11.69 8.06 3.01
CA ARG B 122 -11.99 7.56 4.35
C ARG B 122 -13.45 7.14 4.43
N LEU B 123 -13.81 6.42 5.49
CA LEU B 123 -15.14 5.80 5.57
C LEU B 123 -16.24 6.84 5.74
N SER B 124 -17.42 6.54 5.21
CA SER B 124 -18.54 7.48 5.25
C SER B 124 -19.48 7.17 6.41
N GLU B 125 -20.28 8.16 6.80
CA GLU B 125 -21.20 7.98 7.91
C GLU B 125 -22.19 6.85 7.61
N ILE B 126 -23.14 7.12 6.71
CA ILE B 126 -24.02 6.06 6.22
C ILE B 126 -23.28 4.74 6.25
N ALA B 127 -22.07 4.77 5.70
CA ALA B 127 -21.20 3.60 5.59
C ALA B 127 -21.09 2.83 6.90
N GLY B 128 -20.81 3.55 7.99
CA GLY B 128 -20.87 2.93 9.31
C GLY B 128 -22.05 1.97 9.42
N TYR B 129 -23.26 2.52 9.31
CA TYR B 129 -24.46 1.73 9.46
C TYR B 129 -24.13 0.24 9.33
N LEU B 130 -23.72 -0.15 8.13
CA LEU B 130 -23.58 -1.56 7.77
C LEU B 130 -22.53 -2.27 8.64
N LEU B 131 -21.57 -1.51 9.15
CA LEU B 131 -20.53 -2.10 9.98
C LEU B 131 -20.78 -1.78 11.46
N GLN B 132 -22.03 -1.44 11.79
CA GLN B 132 -22.33 -0.89 13.10
C GLN B 132 -22.75 -2.00 14.07
N ASP B 133 -21.87 -2.98 14.26
CA ASP B 133 -22.14 -4.04 15.23
C ASP B 133 -21.31 -5.31 14.99
N ILE B 134 -20.34 -5.24 14.08
CA ILE B 134 -19.23 -6.19 14.07
C ILE B 134 -18.55 -6.14 15.43
N GLU B 135 -18.69 -5.00 16.10
CA GLU B 135 -18.11 -4.77 17.42
C GLU B 135 -18.18 -6.04 18.28
N LYS B 136 -19.38 -6.55 18.48
CA LYS B 136 -19.58 -7.82 19.18
C LYS B 136 -19.63 -8.98 18.20
N LYS B 137 -19.82 -10.19 18.72
CA LYS B 137 -20.04 -11.36 17.87
C LYS B 137 -21.40 -11.29 17.17
N THR B 138 -21.65 -10.17 16.50
CA THR B 138 -22.77 -10.06 15.56
C THR B 138 -22.65 -11.10 14.44
N VAL B 139 -22.21 -10.64 13.27
CA VAL B 139 -22.15 -11.49 12.08
C VAL B 139 -21.17 -12.63 12.25
N PRO B 140 -21.38 -13.73 11.51
CA PRO B 140 -20.51 -14.91 11.56
C PRO B 140 -19.18 -14.76 10.80
N PHE B 141 -18.07 -15.09 11.46
CA PHE B 141 -16.74 -14.61 11.04
C PHE B 141 -15.73 -15.74 10.86
N ALA B 142 -14.90 -15.59 9.82
CA ALA B 142 -14.02 -16.66 9.37
C ALA B 142 -12.54 -16.24 9.37
N TRP B 143 -11.68 -17.09 8.79
CA TRP B 143 -10.25 -16.79 8.77
C TRP B 143 -9.83 -16.01 7.53
N ASN B 144 -8.63 -15.43 7.63
CA ASN B 144 -7.92 -14.82 6.51
C ASN B 144 -7.60 -15.83 5.43
N PHE B 145 -7.04 -15.39 4.31
CA PHE B 145 -6.48 -16.34 3.35
C PHE B 145 -5.07 -16.73 3.76
N ASP B 146 -4.25 -15.73 4.08
CA ASP B 146 -2.95 -15.96 4.72
C ASP B 146 -3.10 -16.59 6.09
N ASP B 147 -4.33 -16.67 6.58
CA ASP B 147 -4.59 -17.16 7.93
C ASP B 147 -3.89 -16.26 8.96
N THR B 148 -3.88 -14.97 8.68
CA THR B 148 -3.15 -14.00 9.47
C THR B 148 -4.07 -13.34 10.49
N GLU B 149 -5.00 -12.51 9.99
CA GLU B 149 -6.15 -12.04 10.78
C GLU B 149 -7.35 -12.92 10.52
N LYS B 150 -8.54 -12.51 10.95
CA LYS B 150 -9.77 -13.17 10.54
C LYS B 150 -10.73 -12.22 9.84
N GLU B 151 -11.71 -12.78 9.11
CA GLU B 151 -12.62 -11.95 8.34
C GLU B 151 -14.10 -12.23 8.63
N PRO B 152 -14.93 -11.18 8.53
CA PRO B 152 -16.39 -11.25 8.44
C PRO B 152 -16.85 -11.84 7.12
N THR B 153 -17.88 -12.68 7.15
CA THR B 153 -18.53 -13.19 5.94
C THR B 153 -19.83 -12.43 5.64
N VAL B 154 -19.71 -11.16 5.28
CA VAL B 154 -20.87 -10.30 5.06
C VAL B 154 -21.25 -9.48 6.29
N LEU B 155 -20.78 -8.23 6.31
CA LEU B 155 -21.19 -7.25 7.32
C LEU B 155 -22.68 -7.38 7.65
N PRO B 156 -23.08 -6.97 8.87
CA PRO B 156 -24.45 -7.23 9.35
C PRO B 156 -25.44 -6.21 8.82
N ALA B 157 -24.97 -4.98 8.62
CA ALA B 157 -25.66 -3.92 7.87
C ALA B 157 -27.03 -3.55 8.44
N ALA B 158 -27.13 -2.36 9.01
CA ALA B 158 -28.42 -1.72 9.26
C ALA B 158 -29.09 -1.36 7.94
N PHE B 159 -28.45 -0.47 7.19
CA PHE B 159 -29.00 0.06 5.95
C PHE B 159 -29.06 -1.02 4.87
N PRO B 160 -30.29 -1.37 4.44
CA PRO B 160 -30.50 -2.45 3.46
C PRO B 160 -29.80 -2.22 2.12
N ASN B 161 -28.49 -2.04 2.16
CA ASN B 161 -27.71 -1.66 0.99
C ASN B 161 -28.08 -2.46 -0.26
N LEU B 162 -28.76 -3.59 -0.05
CA LEU B 162 -29.00 -4.53 -1.15
C LEU B 162 -30.04 -4.00 -2.13
N LEU B 163 -31.11 -3.41 -1.59
CA LEU B 163 -32.15 -2.85 -2.44
C LEU B 163 -32.02 -1.32 -2.54
N VAL B 164 -31.03 -0.77 -1.83
CA VAL B 164 -30.75 0.65 -1.92
C VAL B 164 -29.57 0.90 -2.85
N ASN B 165 -28.89 -0.17 -3.25
CA ASN B 165 -27.85 -0.08 -4.29
C ASN B 165 -28.09 -1.09 -5.41
N THR B 176 -26.72 -10.52 -13.12
CA THR B 176 -27.20 -10.21 -11.79
C THR B 176 -27.04 -8.72 -11.47
N ASP B 177 -28.13 -7.97 -11.67
CA ASP B 177 -28.12 -6.52 -11.49
C ASP B 177 -29.28 -6.05 -10.61
N ILE B 178 -28.99 -5.12 -9.70
CA ILE B 178 -29.96 -4.69 -8.69
C ILE B 178 -30.09 -3.18 -8.66
N PRO B 179 -31.29 -2.66 -9.00
CA PRO B 179 -31.49 -1.23 -9.25
C PRO B 179 -31.54 -0.42 -7.96
N PRO B 180 -30.83 0.73 -7.94
CA PRO B 180 -30.85 1.67 -6.82
C PRO B 180 -32.27 1.96 -6.30
N HIS B 181 -32.36 2.30 -5.02
CA HIS B 181 -33.62 2.81 -4.47
C HIS B 181 -33.35 3.96 -3.50
N ASN B 182 -34.16 4.07 -2.45
CA ASN B 182 -33.92 5.07 -1.43
C ASN B 182 -34.16 4.54 -0.02
N LEU B 183 -33.15 4.70 0.84
CA LEU B 183 -33.23 4.22 2.23
C LEU B 183 -34.64 4.43 2.79
N ALA B 184 -35.29 5.48 2.30
CA ALA B 184 -36.57 5.93 2.86
C ALA B 184 -37.69 4.97 2.47
N GLU B 185 -37.85 4.74 1.18
CA GLU B 185 -38.77 3.70 0.71
C GLU B 185 -38.42 2.37 1.39
N VAL B 186 -37.12 2.13 1.56
CA VAL B 186 -36.61 0.79 1.89
C VAL B 186 -36.85 0.44 3.35
N ILE B 187 -36.68 1.41 4.24
CA ILE B 187 -37.02 1.20 5.64
C ILE B 187 -38.53 1.19 5.82
N ASP B 188 -39.19 2.16 5.18
CA ASP B 188 -40.65 2.28 5.29
C ASP B 188 -41.35 0.96 4.99
N ALA B 189 -41.08 0.40 3.81
CA ALA B 189 -41.43 -0.99 3.54
C ALA B 189 -40.96 -1.90 4.67
N ALA B 190 -39.65 -1.97 4.84
CA ALA B 190 -39.02 -2.91 5.77
C ALA B 190 -39.81 -3.03 7.07
N VAL B 191 -40.24 -1.88 7.59
CA VAL B 191 -41.20 -1.85 8.69
C VAL B 191 -42.45 -2.66 8.37
N TYR B 192 -43.16 -2.28 7.32
CA TYR B 192 -44.40 -2.96 6.96
C TYR B 192 -44.21 -4.47 7.02
N MET B 193 -43.20 -4.97 6.32
CA MET B 193 -42.95 -6.40 6.23
C MET B 193 -42.91 -7.05 7.61
N ILE B 194 -42.08 -6.50 8.50
CA ILE B 194 -42.00 -6.97 9.87
C ILE B 194 -43.41 -7.20 10.42
N ASP B 195 -44.03 -6.13 10.91
CA ASP B 195 -45.30 -6.26 11.63
C ASP B 195 -46.37 -6.95 10.78
N HIS B 196 -46.19 -6.89 9.46
CA HIS B 196 -47.04 -7.64 8.56
C HIS B 196 -46.21 -8.46 7.59
N PRO B 197 -45.81 -9.68 7.99
CA PRO B 197 -45.06 -10.60 7.14
C PRO B 197 -45.75 -10.85 5.81
N THR B 198 -46.76 -11.71 5.81
CA THR B 198 -47.51 -12.03 4.61
C THR B 198 -48.11 -10.79 3.96
N ALA B 199 -47.48 -10.33 2.89
CA ALA B 199 -47.85 -9.06 2.25
C ALA B 199 -47.79 -9.13 0.73
N LYS B 200 -48.91 -8.81 0.09
CA LYS B 200 -48.95 -8.63 -1.36
C LYS B 200 -47.92 -7.61 -1.81
N ILE B 201 -47.40 -7.78 -3.01
CA ILE B 201 -46.44 -6.84 -3.58
C ILE B 201 -47.14 -5.55 -4.03
N ASP B 202 -48.46 -5.61 -4.13
CA ASP B 202 -49.26 -4.47 -4.56
C ASP B 202 -49.28 -3.40 -3.47
N LYS B 203 -49.52 -3.83 -2.24
CA LYS B 203 -49.51 -2.92 -1.10
C LYS B 203 -48.09 -2.48 -0.75
N LEU B 204 -47.11 -3.34 -1.08
CA LEU B 204 -45.73 -3.08 -0.71
C LEU B 204 -45.06 -2.12 -1.69
N MET B 205 -45.59 -2.02 -2.90
CA MET B 205 -45.13 -1.03 -3.86
C MET B 205 -45.58 0.37 -3.46
N GLU B 206 -46.54 0.43 -2.54
CA GLU B 206 -47.03 1.70 -2.01
C GLU B 206 -45.91 2.46 -1.31
N PHE B 207 -44.96 1.73 -0.73
CA PHE B 207 -43.85 2.34 -0.02
C PHE B 207 -42.68 2.58 -0.97
N LEU B 208 -42.54 1.70 -1.94
CA LEU B 208 -41.51 1.83 -2.97
C LEU B 208 -42.14 1.71 -4.36
N PRO B 209 -42.67 2.83 -4.88
CA PRO B 209 -43.26 2.87 -6.22
C PRO B 209 -42.30 2.34 -7.27
N GLY B 210 -41.01 2.39 -6.97
CA GLY B 210 -39.97 1.88 -7.86
C GLY B 210 -38.58 2.30 -7.43
N PRO B 211 -37.56 1.86 -8.17
CA PRO B 211 -36.16 2.09 -7.82
C PRO B 211 -35.71 3.53 -8.09
N ASP B 212 -34.99 4.10 -7.14
CA ASP B 212 -34.48 5.47 -7.28
C ASP B 212 -33.07 5.49 -7.85
N PHE B 213 -32.87 6.31 -8.88
CA PHE B 213 -31.53 6.59 -9.39
C PHE B 213 -31.05 7.97 -8.97
N PRO B 214 -29.82 8.07 -8.47
CA PRO B 214 -29.19 9.34 -8.12
C PRO B 214 -29.31 10.34 -9.26
N THR B 215 -29.25 9.84 -10.49
CA THR B 215 -29.29 10.68 -11.68
C THR B 215 -30.43 10.30 -12.60
N ILE B 218 -37.02 10.75 -14.16
CA ILE B 218 -38.28 10.04 -13.97
C ILE B 218 -38.35 8.79 -14.84
N ILE B 219 -38.88 7.71 -14.27
CA ILE B 219 -38.89 6.41 -14.93
C ILE B 219 -40.29 6.05 -15.42
N GLN B 220 -40.37 5.51 -16.62
CA GLN B 220 -41.64 5.03 -17.15
C GLN B 220 -41.69 3.51 -17.22
N GLY B 221 -42.82 2.95 -16.79
CA GLY B 221 -42.99 1.51 -16.73
C GLY B 221 -43.62 1.04 -15.43
N ARG B 222 -44.64 1.78 -14.98
CA ARG B 222 -45.35 1.42 -13.77
C ARG B 222 -45.79 -0.04 -13.78
N ASP B 223 -46.75 -0.36 -14.66
CA ASP B 223 -47.13 -1.74 -14.89
C ASP B 223 -45.93 -2.69 -14.80
N GLU B 224 -44.82 -2.28 -15.40
CA GLU B 224 -43.67 -3.15 -15.60
C GLU B 224 -42.92 -3.41 -14.28
N ILE B 225 -42.48 -2.35 -13.63
CA ILE B 225 -41.95 -2.46 -12.28
C ILE B 225 -42.87 -3.33 -11.42
N LYS B 226 -44.17 -3.08 -11.51
CA LYS B 226 -45.14 -3.77 -10.67
C LYS B 226 -45.02 -5.29 -10.78
N LYS B 227 -44.89 -5.77 -12.02
CA LYS B 227 -44.71 -7.20 -12.26
C LYS B 227 -43.29 -7.64 -11.94
N ALA B 228 -42.34 -6.73 -12.15
CA ALA B 228 -40.93 -7.06 -11.97
C ALA B 228 -40.62 -7.42 -10.52
N TYR B 229 -41.38 -6.83 -9.59
CA TYR B 229 -41.08 -6.94 -8.17
C TYR B 229 -41.23 -8.36 -7.65
N GLU B 230 -42.08 -9.15 -8.31
CA GLU B 230 -42.22 -10.56 -7.98
C GLU B 230 -41.51 -11.45 -9.00
N THR B 231 -41.33 -10.93 -10.21
CA THR B 231 -40.83 -11.73 -11.31
C THR B 231 -39.31 -11.85 -11.27
N GLY B 232 -38.66 -10.88 -10.64
CA GLY B 232 -37.21 -10.90 -10.49
C GLY B 232 -36.49 -10.44 -11.73
N LYS B 233 -37.25 -10.01 -12.73
CA LYS B 233 -36.69 -9.54 -13.99
C LYS B 233 -37.72 -8.73 -14.77
N GLY B 234 -37.25 -7.86 -15.65
CA GLY B 234 -38.15 -7.03 -16.45
C GLY B 234 -37.46 -5.85 -17.08
N ARG B 235 -38.25 -4.96 -17.67
CA ARG B 235 -37.72 -3.79 -18.37
C ARG B 235 -38.54 -2.55 -18.07
N VAL B 236 -37.87 -1.49 -17.61
CA VAL B 236 -38.53 -0.21 -17.36
C VAL B 236 -38.04 0.85 -18.35
N VAL B 237 -38.12 2.11 -17.96
CA VAL B 237 -37.74 3.21 -18.85
C VAL B 237 -37.27 4.44 -18.07
N VAL B 238 -36.52 5.31 -18.76
CA VAL B 238 -35.82 6.40 -18.09
C VAL B 238 -35.79 7.68 -18.94
N ARG B 239 -36.11 8.80 -18.31
CA ARG B 239 -36.26 10.07 -19.04
C ARG B 239 -35.41 11.17 -18.42
N SER B 240 -34.85 12.02 -19.28
CA SER B 240 -33.82 12.98 -18.86
C SER B 240 -34.41 14.23 -18.21
N GLU B 243 -35.69 20.51 -19.95
CA GLU B 243 -36.94 21.26 -20.07
C GLU B 243 -36.93 22.13 -21.32
N ILE B 244 -37.80 23.14 -21.35
CA ILE B 244 -37.91 24.04 -22.49
C ILE B 244 -37.86 25.50 -22.06
N GLU B 245 -37.28 26.34 -22.90
CA GLU B 245 -37.30 27.79 -22.69
C GLU B 245 -37.08 28.53 -24.01
N LYS B 246 -37.34 29.83 -23.99
CA LYS B 246 -37.23 30.65 -25.21
C LYS B 246 -36.01 31.55 -25.16
N LEU B 247 -35.10 31.38 -26.12
CA LEU B 247 -33.86 32.14 -26.15
C LEU B 247 -34.10 33.56 -26.64
N LYS B 248 -33.13 34.44 -26.38
CA LYS B 248 -33.25 35.85 -26.74
C LYS B 248 -33.33 36.03 -28.25
N GLY B 249 -34.09 37.04 -28.68
CA GLY B 249 -34.25 37.34 -30.08
C GLY B 249 -35.36 36.52 -30.73
N GLY B 250 -35.99 35.66 -29.94
CA GLY B 250 -37.13 34.89 -30.40
C GLY B 250 -36.72 33.60 -31.07
N LYS B 251 -36.26 32.64 -30.28
CA LYS B 251 -35.93 31.32 -30.81
C LYS B 251 -36.14 30.24 -29.74
N GLU B 252 -35.84 28.99 -30.10
CA GLU B 252 -36.00 27.88 -29.18
C GLU B 252 -34.76 27.69 -28.30
N GLN B 253 -34.97 27.20 -27.08
CA GLN B 253 -33.87 26.84 -26.20
C GLN B 253 -34.26 25.72 -25.25
N ILE B 254 -34.04 24.48 -25.68
CA ILE B 254 -34.38 23.31 -24.87
C ILE B 254 -33.16 22.39 -24.70
N VAL B 255 -32.53 22.47 -23.53
CA VAL B 255 -31.32 21.69 -23.27
C VAL B 255 -31.40 20.93 -21.96
N ILE B 256 -30.35 20.17 -21.67
CA ILE B 256 -30.28 19.37 -20.45
C ILE B 256 -29.26 19.97 -19.49
N THR B 257 -29.26 19.51 -18.24
CA THR B 257 -28.47 20.14 -17.19
C THR B 257 -26.99 20.21 -17.53
N GLU B 262 -28.99 5.54 -14.07
CA GLU B 262 -27.57 5.22 -14.11
C GLU B 262 -27.05 5.17 -15.53
N ILE B 263 -26.89 6.33 -16.15
CA ILE B 263 -26.39 6.43 -17.52
C ILE B 263 -25.02 7.08 -17.56
N ASN B 264 -24.63 7.55 -18.74
CA ASN B 264 -23.29 8.09 -18.96
C ASN B 264 -23.26 9.32 -19.83
N LYS B 265 -22.94 10.47 -19.23
CA LYS B 265 -22.99 11.76 -19.90
C LYS B 265 -21.88 11.90 -20.94
N ALA B 266 -21.07 10.86 -21.06
CA ALA B 266 -19.95 10.84 -22.00
C ALA B 266 -20.47 10.67 -23.43
N ASN B 267 -21.20 9.58 -23.65
CA ASN B 267 -21.71 9.25 -24.98
C ASN B 267 -23.01 9.99 -25.30
N LEU B 268 -23.60 10.64 -24.31
CA LEU B 268 -24.82 11.41 -24.54
C LEU B 268 -24.50 12.81 -25.03
N VAL B 269 -23.44 13.41 -24.47
CA VAL B 269 -22.98 14.73 -24.89
C VAL B 269 -22.57 14.74 -26.37
N LYS B 270 -22.13 13.59 -26.87
CA LYS B 270 -21.69 13.50 -28.25
C LYS B 270 -22.83 13.06 -29.17
N LYS B 271 -23.75 12.27 -28.64
CA LYS B 271 -24.83 11.70 -29.42
C LYS B 271 -25.76 12.80 -29.95
N ILE B 272 -25.90 13.88 -29.20
CA ILE B 272 -26.61 15.06 -29.65
C ILE B 272 -25.90 15.70 -30.84
N ASP B 273 -24.63 16.04 -30.63
CA ASP B 273 -23.80 16.65 -31.67
C ASP B 273 -23.75 15.78 -32.93
N ASP B 274 -23.84 14.46 -32.73
CA ASP B 274 -23.88 13.53 -33.86
C ASP B 274 -25.20 13.67 -34.63
N VAL B 275 -26.30 13.69 -33.90
CA VAL B 275 -27.60 14.02 -34.50
C VAL B 275 -27.50 15.28 -35.35
N ARG B 276 -26.70 16.24 -34.89
CA ARG B 276 -26.64 17.55 -35.52
C ARG B 276 -25.70 17.57 -36.71
N VAL B 277 -24.81 16.60 -36.80
CA VAL B 277 -23.86 16.55 -37.90
C VAL B 277 -24.52 16.11 -39.20
N ASN B 278 -25.46 15.17 -39.10
CA ASN B 278 -26.19 14.70 -40.26
C ASN B 278 -27.50 15.44 -40.47
N ASN B 279 -27.96 16.12 -39.40
CA ASN B 279 -29.23 16.83 -39.42
C ASN B 279 -30.39 15.93 -39.86
N LYS B 280 -30.38 14.69 -39.38
CA LYS B 280 -31.38 13.71 -39.78
C LYS B 280 -32.46 13.54 -38.72
N VAL B 281 -32.99 14.65 -38.24
CA VAL B 281 -34.09 14.62 -37.27
C VAL B 281 -34.72 15.99 -37.10
N ILE B 300 -28.31 22.39 -26.28
CA ILE B 300 -29.09 22.63 -27.50
C ILE B 300 -30.07 23.79 -27.32
N GLU B 301 -29.53 24.99 -27.18
CA GLU B 301 -30.36 26.19 -27.07
C GLU B 301 -30.68 26.74 -28.45
N LEU B 302 -30.92 25.83 -29.40
CA LEU B 302 -31.21 26.21 -30.78
C LEU B 302 -32.70 26.05 -31.10
N ASN B 307 -38.44 23.44 -36.09
CA ASN B 307 -38.71 24.18 -34.86
C ASN B 307 -39.82 23.53 -34.03
N THR B 308 -39.96 22.22 -34.16
CA THR B 308 -41.03 21.49 -33.47
C THR B 308 -40.49 20.74 -32.25
N GLU B 309 -41.32 20.62 -31.23
CA GLU B 309 -40.94 19.89 -30.02
C GLU B 309 -41.12 18.39 -30.19
N LEU B 310 -41.81 18.00 -31.26
CA LEU B 310 -41.93 16.59 -31.62
C LEU B 310 -40.58 16.01 -32.03
N VAL B 311 -39.71 16.88 -32.53
CA VAL B 311 -38.38 16.46 -32.96
C VAL B 311 -37.55 15.95 -31.79
N LEU B 312 -37.73 16.60 -30.64
CA LEU B 312 -37.03 16.20 -29.41
C LEU B 312 -37.54 14.86 -28.89
N ASN B 313 -38.82 14.58 -29.12
CA ASN B 313 -39.39 13.28 -28.77
C ASN B 313 -38.78 12.16 -29.59
N TYR B 314 -38.43 12.45 -30.84
CA TYR B 314 -37.85 11.47 -31.73
C TYR B 314 -36.37 11.25 -31.43
N LEU B 315 -35.70 12.31 -30.97
CA LEU B 315 -34.27 12.23 -30.67
C LEU B 315 -34.02 11.54 -29.34
N PHE B 316 -34.99 11.65 -28.44
CA PHE B 316 -34.82 11.18 -27.06
C PHE B 316 -34.84 9.65 -26.99
N LYS B 317 -35.51 9.03 -27.96
CA LYS B 317 -35.60 7.57 -27.99
C LYS B 317 -34.71 6.98 -29.08
N TYR B 318 -33.86 7.81 -29.67
CA TYR B 318 -32.95 7.34 -30.70
C TYR B 318 -31.50 7.55 -30.30
N THR B 319 -31.20 8.70 -29.70
CA THR B 319 -29.83 9.07 -29.37
C THR B 319 -29.42 8.53 -28.01
N ASP B 320 -30.24 7.64 -27.45
CA ASP B 320 -29.98 7.07 -26.13
C ASP B 320 -30.04 8.15 -25.04
N LEU B 321 -30.61 9.29 -25.40
CA LEU B 321 -30.71 10.41 -24.46
C LEU B 321 -31.73 10.11 -23.36
N GLN B 322 -32.59 9.13 -23.61
CA GLN B 322 -33.54 8.69 -22.58
C GLN B 322 -33.85 7.20 -22.74
N ILE B 323 -32.80 6.39 -22.91
CA ILE B 323 -32.94 4.94 -22.98
C ILE B 323 -33.47 4.39 -21.66
N ASN B 326 -33.25 -1.53 -17.31
CA ASN B 326 -33.59 -2.90 -16.98
C ASN B 326 -33.52 -3.16 -15.48
N PHE B 327 -34.25 -4.16 -15.02
CA PHE B 327 -34.17 -4.57 -13.62
C PHE B 327 -34.23 -6.10 -13.49
N ASN B 328 -33.06 -6.72 -13.35
CA ASN B 328 -32.94 -8.16 -13.32
C ASN B 328 -32.40 -8.68 -11.98
N MET B 329 -33.23 -8.60 -10.95
CA MET B 329 -32.80 -8.79 -9.57
C MET B 329 -32.34 -10.23 -9.31
N VAL B 330 -31.12 -10.37 -8.78
CA VAL B 330 -30.44 -11.67 -8.74
C VAL B 330 -29.21 -11.57 -7.85
N ALA B 331 -29.14 -12.43 -6.83
CA ALA B 331 -27.92 -12.57 -6.05
C ALA B 331 -27.86 -13.89 -5.29
N ILE B 332 -27.18 -13.89 -4.14
CA ILE B 332 -26.83 -15.13 -3.45
C ILE B 332 -27.55 -15.24 -2.11
N ASP B 333 -28.27 -16.33 -1.92
CA ASP B 333 -29.03 -16.56 -0.69
C ASP B 333 -28.87 -17.99 -0.20
N ASN B 334 -28.71 -18.15 1.11
CA ASN B 334 -28.52 -19.47 1.71
C ASN B 334 -27.12 -20.03 1.43
N PHE B 335 -26.23 -19.13 1.03
CA PHE B 335 -24.90 -19.49 0.53
C PHE B 335 -24.96 -20.20 -0.82
N THR B 336 -25.80 -19.67 -1.71
CA THR B 336 -25.88 -20.17 -3.08
C THR B 336 -26.59 -19.16 -3.98
N PRO B 337 -26.45 -19.30 -5.31
CA PRO B 337 -26.96 -18.30 -6.25
C PRO B 337 -28.43 -18.54 -6.56
N ARG B 338 -29.26 -17.55 -6.29
CA ARG B 338 -30.67 -17.59 -6.66
C ARG B 338 -31.11 -16.24 -7.23
N GLN B 339 -32.26 -16.23 -7.90
CA GLN B 339 -32.87 -14.96 -8.28
C GLN B 339 -33.93 -14.58 -7.24
N VAL B 340 -33.98 -13.30 -6.87
CA VAL B 340 -34.97 -12.84 -5.91
C VAL B 340 -35.79 -11.70 -6.47
N GLY B 341 -36.73 -11.20 -5.67
CA GLY B 341 -37.61 -10.13 -6.08
C GLY B 341 -37.65 -9.02 -5.05
N ILE B 342 -38.75 -8.27 -5.02
CA ILE B 342 -38.90 -7.18 -4.07
C ILE B 342 -39.33 -7.70 -2.69
N VAL B 343 -39.95 -8.86 -2.68
CA VAL B 343 -40.45 -9.47 -1.44
C VAL B 343 -39.45 -10.47 -0.86
N PRO B 344 -38.72 -11.20 -1.72
CA PRO B 344 -37.65 -12.07 -1.21
C PRO B 344 -36.55 -11.26 -0.54
N ILE B 345 -36.13 -10.17 -1.17
CA ILE B 345 -35.06 -9.33 -0.66
C ILE B 345 -35.33 -8.91 0.78
N LEU B 346 -36.36 -8.10 0.97
CA LEU B 346 -36.83 -7.78 2.31
C LEU B 346 -36.98 -9.04 3.16
N SER B 347 -37.50 -10.09 2.54
CA SER B 347 -37.70 -11.36 3.23
C SER B 347 -36.42 -11.83 3.90
N SER B 348 -35.47 -12.29 3.10
CA SER B 348 -34.25 -12.91 3.62
C SER B 348 -33.48 -11.94 4.53
N TYR B 349 -33.67 -10.65 4.29
CA TYR B 349 -32.94 -9.61 5.01
C TYR B 349 -33.55 -9.37 6.38
N ILE B 350 -34.87 -9.55 6.48
CA ILE B 350 -35.57 -9.39 7.75
C ILE B 350 -35.23 -10.53 8.69
N ALA B 351 -35.26 -11.75 8.17
CA ALA B 351 -34.90 -12.93 8.96
C ALA B 351 -33.41 -12.93 9.28
N HIS B 352 -32.59 -12.48 8.33
CA HIS B 352 -31.14 -12.58 8.43
C HIS B 352 -30.58 -11.41 9.24
N ARG B 353 -31.32 -10.30 9.26
CA ARG B 353 -31.08 -9.21 10.20
C ARG B 353 -31.57 -9.62 11.59
N ARG B 354 -32.65 -10.39 11.64
CA ARG B 354 -33.21 -10.85 12.90
C ARG B 354 -32.19 -11.66 13.68
N GLU B 355 -31.45 -12.52 13.00
CA GLU B 355 -30.38 -13.25 13.66
C GLU B 355 -29.24 -12.31 14.03
N VAL B 356 -29.22 -11.13 13.41
CA VAL B 356 -28.17 -10.16 13.68
C VAL B 356 -28.45 -9.41 14.98
N ILE B 357 -29.72 -9.04 15.19
CA ILE B 357 -30.11 -8.34 16.40
C ILE B 357 -30.07 -9.28 17.61
N LEU B 358 -30.30 -10.57 17.35
CA LEU B 358 -30.36 -11.56 18.41
C LEU B 358 -28.95 -11.88 18.92
N ALA B 359 -27.97 -11.85 18.03
CA ALA B 359 -26.58 -11.99 18.43
C ALA B 359 -26.16 -10.81 19.29
N ARG B 360 -26.47 -9.60 18.83
CA ARG B 360 -26.23 -8.41 19.63
C ARG B 360 -26.65 -8.64 21.07
N SER B 361 -27.78 -9.31 21.25
CA SER B 361 -28.25 -9.71 22.57
C SER B 361 -27.34 -10.79 23.17
N ARG B 362 -27.09 -11.82 22.39
CA ARG B 362 -26.33 -12.98 22.84
C ARG B 362 -25.07 -12.54 23.61
N PHE B 363 -24.18 -11.84 22.91
CA PHE B 363 -22.97 -11.31 23.54
C PHE B 363 -23.35 -10.36 24.67
N ASP B 364 -23.74 -9.13 24.30
CA ASP B 364 -23.89 -8.05 25.28
C ASP B 364 -24.42 -8.59 26.61
N LYS B 365 -25.53 -9.32 26.57
CA LYS B 365 -26.03 -10.04 27.72
C LYS B 365 -24.91 -10.87 28.36
N GLU B 366 -24.20 -11.63 27.53
CA GLU B 366 -23.08 -12.42 28.02
C GLU B 366 -22.10 -11.56 28.80
N LYS B 367 -21.81 -10.37 28.27
CA LYS B 367 -20.80 -9.50 28.86
C LYS B 367 -21.30 -8.90 30.16
N ALA B 368 -22.61 -8.61 30.20
CA ALA B 368 -23.25 -8.13 31.41
C ALA B 368 -23.13 -9.17 32.52
N GLU B 369 -23.69 -10.35 32.31
CA GLU B 369 -23.59 -11.41 33.29
C GLU B 369 -22.18 -11.45 33.87
N LYS B 370 -21.20 -11.47 32.98
CA LYS B 370 -19.80 -11.57 33.37
C LYS B 370 -19.40 -10.41 34.27
N ARG B 371 -19.94 -9.23 33.98
CA ARG B 371 -19.67 -8.03 34.76
C ARG B 371 -20.32 -8.12 36.14
N LEU B 372 -21.60 -8.50 36.16
CA LEU B 372 -22.38 -8.49 37.38
C LEU B 372 -21.87 -9.53 38.38
N HIS B 373 -21.09 -10.49 37.90
CA HIS B 373 -20.57 -11.54 38.77
C HIS B 373 -19.21 -11.15 39.35
N ILE B 374 -18.49 -10.30 38.62
CA ILE B 374 -17.28 -9.69 39.18
C ILE B 374 -17.69 -8.67 40.23
N VAL B 375 -18.72 -7.89 39.93
CA VAL B 375 -19.25 -6.92 40.89
C VAL B 375 -19.76 -7.64 42.12
N GLU B 376 -20.97 -8.20 42.00
CA GLU B 376 -21.52 -9.08 43.03
C GLU B 376 -20.42 -9.75 43.86
N GLY B 377 -19.32 -10.11 43.20
CA GLY B 377 -18.11 -10.48 43.90
C GLY B 377 -17.53 -9.30 44.67
N LEU B 378 -17.04 -8.31 43.93
CA LEU B 378 -16.23 -7.25 44.50
C LEU B 378 -16.90 -6.56 45.70
N ILE B 379 -18.21 -6.34 45.60
CA ILE B 379 -18.99 -5.89 46.76
C ILE B 379 -18.72 -6.79 47.96
N ARG B 380 -19.29 -7.99 47.93
CA ARG B 380 -19.09 -8.98 48.98
C ARG B 380 -17.69 -8.91 49.59
N VAL B 381 -16.70 -8.56 48.78
CA VAL B 381 -15.35 -8.39 49.32
C VAL B 381 -15.37 -7.38 50.48
N ILE B 382 -15.88 -6.19 50.19
CA ILE B 382 -15.86 -5.10 51.16
C ILE B 382 -16.09 -5.61 52.58
N SER B 383 -17.13 -6.42 52.75
CA SER B 383 -17.42 -7.02 54.05
C SER B 383 -16.13 -7.46 54.74
N ILE B 384 -15.37 -8.33 54.06
CA ILE B 384 -14.16 -8.89 54.63
C ILE B 384 -12.90 -8.29 53.97
N LEU B 385 -12.96 -7.00 53.65
CA LEU B 385 -11.83 -6.31 53.05
C LEU B 385 -10.58 -6.42 53.93
N ASP B 386 -10.78 -6.37 55.25
CA ASP B 386 -9.67 -6.37 56.19
C ASP B 386 -9.01 -7.75 56.27
N GLU B 387 -9.83 -8.80 56.28
CA GLU B 387 -9.31 -10.15 56.37
C GLU B 387 -8.58 -10.54 55.08
N VAL B 388 -9.16 -10.19 53.94
CA VAL B 388 -8.60 -10.59 52.66
C VAL B 388 -7.30 -9.83 52.37
N ILE B 389 -7.29 -8.53 52.70
CA ILE B 389 -6.08 -7.73 52.60
C ILE B 389 -5.00 -8.26 53.54
N ALA B 390 -5.40 -9.03 54.53
CA ALA B 390 -4.42 -9.73 55.37
C ALA B 390 -4.11 -11.11 54.79
N LEU B 391 -5.14 -11.77 54.28
CA LEU B 391 -4.97 -13.09 53.69
C LEU B 391 -3.98 -13.05 52.54
N ILE B 392 -4.11 -12.04 51.68
CA ILE B 392 -3.29 -11.97 50.47
C ILE B 392 -1.82 -11.71 50.79
N ARG B 393 -1.56 -10.93 51.82
CA ARG B 393 -0.18 -10.65 52.23
C ARG B 393 0.59 -11.94 52.51
N ALA B 394 0.05 -12.76 53.40
CA ALA B 394 0.77 -13.90 53.93
C ALA B 394 0.87 -15.03 52.90
N SER B 395 0.15 -14.88 51.78
CA SER B 395 -0.31 -16.01 50.97
C SER B 395 0.82 -16.79 50.28
N GLU B 396 1.97 -16.14 50.14
CA GLU B 396 3.09 -16.69 49.37
C GLU B 396 3.18 -16.07 47.98
N ASN B 397 3.26 -16.92 46.95
CA ASN B 397 3.24 -16.45 45.57
C ASN B 397 1.85 -16.01 45.15
N LYS B 398 1.78 -15.26 44.06
CA LYS B 398 0.50 -14.78 43.55
C LYS B 398 -0.49 -15.91 43.43
N ALA B 399 -0.10 -16.95 42.70
CA ALA B 399 -0.96 -18.12 42.52
C ALA B 399 -1.52 -18.63 43.85
N ASP B 400 -0.64 -18.86 44.81
CA ASP B 400 -1.05 -19.43 46.09
C ASP B 400 -2.08 -18.55 46.78
N ALA B 401 -2.31 -17.36 46.23
CA ALA B 401 -3.11 -16.34 46.91
C ALA B 401 -4.57 -16.48 46.54
N LYS B 402 -4.82 -16.66 45.24
CA LYS B 402 -6.19 -16.80 44.74
C LYS B 402 -6.79 -18.13 45.19
N GLU B 403 -6.07 -19.23 44.99
CA GLU B 403 -6.49 -20.48 45.65
C GLU B 403 -6.88 -20.13 47.08
N ASN B 404 -5.88 -19.79 47.88
CA ASN B 404 -6.07 -19.55 49.31
C ASN B 404 -7.32 -18.75 49.61
N LEU B 405 -7.86 -18.05 48.61
CA LEU B 405 -9.21 -17.51 48.71
C LEU B 405 -10.27 -18.60 48.39
N LYS B 406 -10.09 -19.78 48.99
CA LYS B 406 -11.17 -20.73 49.25
C LYS B 406 -12.00 -20.32 50.47
N VAL B 407 -11.31 -19.93 51.54
CA VAL B 407 -11.97 -19.50 52.76
C VAL B 407 -12.56 -18.10 52.62
N SER B 408 -12.82 -17.46 53.76
CA SER B 408 -13.52 -16.17 53.81
C SER B 408 -14.79 -16.10 52.95
N TYR B 409 -14.72 -16.67 51.75
CA TYR B 409 -15.90 -16.79 50.89
C TYR B 409 -15.81 -17.98 49.93
N ASP B 410 -16.95 -18.32 49.33
CA ASP B 410 -16.98 -19.31 48.26
C ASP B 410 -16.88 -18.61 46.90
N PHE B 411 -15.84 -17.80 46.74
CA PHE B 411 -15.66 -17.02 45.51
C PHE B 411 -15.00 -17.87 44.44
N THR B 412 -15.17 -17.47 43.18
CA THR B 412 -14.74 -18.31 42.06
C THR B 412 -13.40 -17.80 41.52
N GLU B 413 -12.72 -18.61 40.71
CA GLU B 413 -11.60 -18.11 39.93
C GLU B 413 -11.88 -16.70 39.42
N GLU B 414 -12.67 -16.58 38.35
CA GLU B 414 -12.98 -15.26 37.82
C GLU B 414 -13.34 -14.31 38.94
N GLN B 415 -13.90 -14.87 40.03
CA GLN B 415 -14.19 -14.13 41.25
C GLN B 415 -12.90 -13.71 41.93
N ALA B 416 -12.00 -14.69 42.11
CA ALA B 416 -10.74 -14.50 42.78
C ALA B 416 -9.82 -13.56 42.00
N GLU B 417 -9.63 -13.87 40.72
CA GLU B 417 -8.86 -12.99 39.84
C GLU B 417 -9.01 -11.54 40.27
N ALA B 418 -10.08 -10.88 39.82
CA ALA B 418 -10.22 -9.44 40.03
C ALA B 418 -9.82 -9.06 41.45
N ILE B 419 -10.19 -9.88 42.43
CA ILE B 419 -9.87 -9.56 43.82
C ILE B 419 -8.37 -9.46 43.99
N VAL B 420 -7.65 -10.36 43.34
CA VAL B 420 -6.20 -10.47 43.49
C VAL B 420 -5.46 -9.44 42.66
N THR B 421 -6.15 -8.90 41.65
CA THR B 421 -5.60 -7.83 40.83
C THR B 421 -6.29 -6.50 41.10
N LEU B 422 -6.83 -6.32 42.31
CA LEU B 422 -7.71 -5.17 42.54
C LEU B 422 -6.93 -3.87 42.70
N GLN B 423 -5.60 -3.95 42.70
CA GLN B 423 -4.74 -2.77 42.54
C GLN B 423 -4.91 -1.71 43.66
N LEU B 424 -3.81 -1.31 44.29
CA LEU B 424 -3.89 -0.78 45.67
C LEU B 424 -4.66 0.55 45.81
N TYR B 425 -4.64 1.38 44.77
CA TYR B 425 -5.54 2.53 44.74
C TYR B 425 -6.93 2.12 45.26
N ARG B 426 -7.54 1.17 44.55
CA ARG B 426 -8.95 0.84 44.73
C ARG B 426 -9.23 0.22 46.11
N LEU B 427 -8.20 0.09 46.94
CA LEU B 427 -8.45 -0.20 48.35
C LEU B 427 -9.06 1.02 49.04
N THR B 428 -9.39 2.06 48.28
CA THR B 428 -10.45 3.01 48.64
C THR B 428 -11.82 2.35 48.46
N ASN B 429 -12.57 2.21 49.54
CA ASN B 429 -13.82 1.44 49.48
C ASN B 429 -14.97 2.25 48.90
N THR B 430 -14.64 3.21 48.05
CA THR B 430 -15.63 3.99 47.30
C THR B 430 -16.78 3.11 46.84
N ASP B 431 -16.48 1.83 46.61
CA ASP B 431 -17.43 0.88 46.05
C ASP B 431 -18.41 0.38 47.11
N VAL B 432 -18.32 0.93 48.32
CA VAL B 432 -19.13 0.46 49.43
C VAL B 432 -20.62 0.50 49.07
N VAL B 433 -21.07 1.69 48.69
CA VAL B 433 -22.47 1.92 48.33
C VAL B 433 -22.68 1.75 46.83
N VAL B 434 -21.76 2.29 46.05
CA VAL B 434 -21.79 2.23 44.59
C VAL B 434 -22.03 0.81 44.09
N LEU B 435 -20.99 -0.02 44.09
CA LEU B 435 -21.14 -1.40 43.70
C LEU B 435 -22.53 -1.91 44.05
N GLN B 436 -22.95 -1.65 45.29
CA GLN B 436 -24.31 -1.99 45.73
C GLN B 436 -25.33 -1.63 44.64
N GLU B 437 -25.24 -0.40 44.16
CA GLU B 437 -26.12 0.08 43.10
C GLU B 437 -25.91 -0.70 41.81
N GLU B 438 -24.69 -1.13 41.56
CA GLU B 438 -24.37 -1.86 40.34
C GLU B 438 -25.18 -3.15 40.23
N GLU B 439 -25.28 -3.87 41.34
CA GLU B 439 -25.96 -5.16 41.37
C GLU B 439 -27.32 -5.10 40.68
N ALA B 440 -27.99 -3.96 40.78
CA ALA B 440 -29.30 -3.81 40.15
C ALA B 440 -29.19 -3.08 38.81
N GLU B 441 -28.04 -2.43 38.58
CA GLU B 441 -27.80 -1.75 37.32
C GLU B 441 -27.54 -2.76 36.21
N LEU B 442 -26.41 -3.46 36.35
CA LEU B 442 -26.03 -4.50 35.40
C LEU B 442 -27.04 -5.66 35.40
N ARG B 443 -27.79 -5.79 36.50
CA ARG B 443 -28.80 -6.83 36.58
C ARG B 443 -30.04 -6.47 35.77
N GLU B 444 -30.32 -5.17 35.66
CA GLU B 444 -31.43 -4.69 34.87
C GLU B 444 -31.16 -4.92 33.38
N LYS B 445 -29.99 -4.49 32.93
CA LYS B 445 -29.55 -4.75 31.57
C LYS B 445 -29.54 -6.24 31.28
N ILE B 446 -29.23 -7.05 32.30
CA ILE B 446 -29.20 -8.49 32.15
C ILE B 446 -30.59 -9.06 31.86
N ALA B 447 -31.60 -8.55 32.57
CA ALA B 447 -32.98 -8.92 32.28
C ALA B 447 -33.42 -8.39 30.92
N MET B 448 -33.06 -7.14 30.64
CA MET B 448 -33.51 -6.45 29.43
C MET B 448 -33.11 -7.24 28.18
N LEU B 449 -31.82 -7.52 28.07
CA LEU B 449 -31.29 -8.22 26.91
C LEU B 449 -31.87 -9.62 26.77
N ALA B 450 -31.93 -10.35 27.88
CA ALA B 450 -32.53 -11.68 27.88
C ALA B 450 -33.99 -11.63 27.44
N ALA B 451 -34.63 -10.48 27.65
CA ALA B 451 -36.00 -10.26 27.20
C ALA B 451 -36.07 -10.22 25.67
N ILE B 452 -35.10 -9.55 25.05
CA ILE B 452 -35.02 -9.49 23.61
C ILE B 452 -34.88 -10.88 22.99
N ILE B 453 -34.47 -11.84 23.81
CA ILE B 453 -34.19 -13.19 23.34
C ILE B 453 -35.44 -14.07 23.38
N GLY B 454 -36.38 -13.74 24.26
CA GLY B 454 -37.57 -14.54 24.41
C GLY B 454 -38.75 -13.95 23.65
N ASP B 455 -38.73 -12.64 23.45
CA ASP B 455 -39.88 -11.92 22.91
C ASP B 455 -39.74 -11.76 21.40
N GLU B 456 -40.62 -12.41 20.67
CA GLU B 456 -40.62 -12.34 19.20
C GLU B 456 -41.16 -10.99 18.72
N ARG B 457 -42.06 -10.41 19.51
CA ARG B 457 -42.72 -9.17 19.14
C ARG B 457 -41.87 -7.96 19.53
N THR B 458 -41.28 -8.02 20.72
CA THR B 458 -40.42 -6.95 21.20
C THR B 458 -39.15 -6.84 20.35
N MET B 459 -38.63 -7.98 19.92
CA MET B 459 -37.48 -8.01 19.02
C MET B 459 -37.67 -7.05 17.85
N TYR B 460 -38.76 -7.25 17.10
CA TYR B 460 -39.06 -6.40 15.96
C TYR B 460 -39.03 -4.92 16.33
N ASN B 461 -39.65 -4.57 17.44
CA ASN B 461 -39.73 -3.18 17.87
C ASN B 461 -38.36 -2.52 17.98
N LEU B 462 -37.36 -3.30 18.42
CA LEU B 462 -35.98 -2.84 18.37
C LEU B 462 -35.56 -2.52 16.94
N MET B 463 -35.83 -3.46 16.03
CA MET B 463 -35.37 -3.34 14.65
C MET B 463 -36.09 -2.19 13.93
N LYS B 464 -37.30 -1.88 14.38
CA LYS B 464 -38.03 -0.75 13.83
C LYS B 464 -37.42 0.56 14.28
N LYS B 465 -37.30 0.73 15.60
CA LYS B 465 -36.67 1.91 16.19
C LYS B 465 -35.37 2.23 15.47
N GLU B 466 -34.52 1.22 15.29
CA GLU B 466 -33.21 1.42 14.69
C GLU B 466 -33.34 1.87 13.24
N LEU B 467 -34.10 1.12 12.45
CA LEU B 467 -34.22 1.39 11.02
C LEU B 467 -34.90 2.75 10.79
N ARG B 468 -35.95 3.02 11.55
CA ARG B 468 -36.51 4.38 11.61
C ARG B 468 -35.36 5.37 11.82
N GLU B 469 -34.45 5.00 12.71
CA GLU B 469 -33.38 5.89 13.16
C GLU B 469 -32.49 6.32 12.00
N VAL B 470 -32.12 5.38 11.14
CA VAL B 470 -31.25 5.70 10.02
C VAL B 470 -32.01 6.51 8.96
N LYS B 471 -33.30 6.20 8.81
CA LYS B 471 -34.17 6.91 7.89
C LYS B 471 -34.13 8.41 8.19
N LYS B 472 -33.92 8.73 9.47
CA LYS B 472 -33.65 10.09 9.88
C LYS B 472 -32.17 10.41 9.71
N LYS B 473 -31.36 10.03 10.70
CA LYS B 473 -29.94 10.33 10.65
C LYS B 473 -29.51 10.47 9.20
N PHE B 474 -29.67 9.38 8.45
CA PHE B 474 -29.37 9.37 7.02
C PHE B 474 -30.46 10.08 6.24
N ALA B 475 -31.66 9.50 6.22
CA ALA B 475 -32.82 10.14 5.61
C ALA B 475 -32.56 10.59 4.16
N THR B 476 -32.58 9.64 3.23
CA THR B 476 -32.52 9.96 1.81
C THR B 476 -33.76 10.73 1.37
N PRO B 477 -33.55 11.90 0.74
CA PRO B 477 -34.60 12.62 -0.01
C PRO B 477 -35.20 11.75 -1.10
N ARG B 478 -36.45 12.03 -1.47
CA ARG B 478 -37.12 11.23 -2.51
C ARG B 478 -36.59 11.56 -3.90
N LEU B 479 -37.02 10.77 -4.89
CA LEU B 479 -36.49 10.88 -6.24
C LEU B 479 -37.14 9.86 -7.18
N THR C 38 -5.93 16.74 -26.77
CA THR C 38 -5.56 16.49 -25.38
C THR C 38 -5.89 17.64 -24.40
N PRO C 39 -5.96 18.89 -24.90
CA PRO C 39 -6.39 19.98 -24.02
C PRO C 39 -7.83 19.81 -23.53
N ALA C 40 -8.35 20.84 -22.88
CA ALA C 40 -9.69 20.77 -22.29
C ALA C 40 -10.65 21.74 -22.98
N GLN C 41 -10.67 21.70 -24.30
CA GLN C 41 -11.58 22.52 -25.09
C GLN C 41 -11.31 24.02 -24.93
N SER C 42 -12.27 24.85 -25.33
CA SER C 42 -12.07 26.29 -25.41
C SER C 42 -13.35 27.03 -25.75
N LYS C 43 -13.21 28.25 -26.27
CA LYS C 43 -14.36 29.09 -26.60
C LYS C 43 -13.96 30.25 -27.50
N ASN C 44 -13.86 31.44 -26.93
CA ASN C 44 -13.51 32.63 -27.69
C ASN C 44 -12.16 33.21 -27.28
N PRO C 45 -11.37 33.64 -28.28
CA PRO C 45 -10.02 34.19 -28.09
C PRO C 45 -10.00 35.53 -27.35
N ALA C 46 -11.04 35.82 -26.57
CA ALA C 46 -11.23 37.14 -25.98
C ALA C 46 -10.15 37.49 -24.95
N LYS C 47 -10.08 36.71 -23.88
CA LYS C 47 -9.05 36.91 -22.87
C LYS C 47 -8.01 35.78 -22.90
N ASN C 48 -7.97 35.07 -24.03
CA ASN C 48 -7.07 33.93 -24.21
C ASN C 48 -7.37 32.81 -23.22
N GLU C 49 -6.57 32.76 -22.14
CA GLU C 49 -6.79 31.82 -21.05
C GLU C 49 -6.44 30.39 -21.45
N LEU C 50 -5.28 29.91 -21.01
CA LEU C 50 -4.87 28.54 -21.29
C LEU C 50 -3.94 28.00 -20.22
N TYR C 51 -4.50 27.35 -19.20
CA TYR C 51 -3.74 26.95 -18.03
C TYR C 51 -2.98 25.64 -18.27
N LEU C 52 -1.74 25.59 -17.80
CA LEU C 52 -0.96 24.35 -17.84
C LEU C 52 -0.82 23.76 -16.45
N VAL C 53 -1.24 22.50 -16.29
CA VAL C 53 -1.15 21.85 -14.99
C VAL C 53 -0.06 20.78 -14.96
N GLU C 54 0.22 20.25 -13.77
CA GLU C 54 1.17 19.14 -13.65
C GLU C 54 0.47 17.79 -13.65
N GLY C 55 0.87 16.93 -14.59
CA GLY C 55 0.44 15.54 -14.60
C GLY C 55 -1.03 15.36 -14.86
N ASP C 56 -1.38 14.30 -15.59
CA ASP C 56 -2.76 14.10 -16.04
C ASP C 56 -3.77 14.14 -14.90
N SER C 57 -3.30 13.95 -13.68
CA SER C 57 -4.18 13.99 -12.52
C SER C 57 -4.64 15.42 -12.27
N ALA C 58 -3.68 16.34 -12.16
CA ALA C 58 -3.99 17.76 -12.03
C ALA C 58 -4.84 18.21 -13.20
N GLY C 59 -4.28 18.11 -14.40
CA GLY C 59 -4.97 18.50 -15.62
C GLY C 59 -6.32 17.81 -15.78
N GLY C 60 -6.49 16.68 -15.11
CA GLY C 60 -7.81 16.08 -15.00
C GLY C 60 -8.67 16.82 -14.00
N SER C 61 -8.10 17.10 -12.83
CA SER C 61 -8.84 17.81 -11.78
C SER C 61 -9.23 19.21 -12.24
N ALA C 62 -8.39 19.81 -13.09
CA ALA C 62 -8.72 21.09 -13.68
C ALA C 62 -9.83 20.95 -14.73
N LYS C 63 -9.69 19.96 -15.61
CA LYS C 63 -10.56 19.85 -16.78
C LYS C 63 -12.01 19.58 -16.39
N GLN C 64 -12.20 18.70 -15.43
CA GLN C 64 -13.55 18.38 -14.95
C GLN C 64 -14.05 19.44 -13.98
N GLY C 65 -13.12 20.17 -13.37
CA GLY C 65 -13.47 21.15 -12.37
C GLY C 65 -13.47 22.56 -12.93
N ARG C 66 -13.42 22.66 -14.25
CA ARG C 66 -13.17 23.92 -14.94
C ARG C 66 -14.18 24.99 -14.54
N ASP C 67 -14.27 25.26 -13.23
CA ASP C 67 -15.11 26.36 -12.74
C ASP C 67 -14.63 27.69 -13.31
N ARG C 68 -13.83 27.63 -14.37
CA ARG C 68 -13.17 28.82 -14.92
C ARG C 68 -12.42 28.56 -16.22
N LYS C 69 -13.17 28.25 -17.29
CA LYS C 69 -12.56 28.14 -18.61
C LYS C 69 -13.36 28.88 -19.68
N PHE C 70 -13.05 30.17 -19.82
CA PHE C 70 -13.74 31.06 -20.75
C PHE C 70 -13.32 30.82 -22.19
N ILE C 73 -7.38 24.00 -20.62
CA ILE C 73 -6.47 23.22 -19.79
C ILE C 73 -5.58 22.33 -20.66
N LEU C 74 -4.38 22.02 -20.17
CA LEU C 74 -3.53 21.03 -20.83
C LEU C 74 -2.52 20.41 -19.87
N PRO C 75 -2.66 19.09 -19.62
CA PRO C 75 -1.68 18.31 -18.85
C PRO C 75 -0.25 18.57 -19.33
N LEU C 76 0.71 18.60 -18.42
CA LEU C 76 2.12 18.49 -18.79
C LEU C 76 2.82 17.38 -17.99
N ARG C 77 3.35 16.41 -18.73
CA ARG C 77 4.10 15.31 -18.13
C ARG C 77 5.49 15.74 -17.67
N VAL C 80 9.12 18.40 -19.25
CA VAL C 80 9.61 19.56 -20.00
C VAL C 80 11.12 19.62 -20.00
N ILE C 81 11.71 19.56 -21.19
CA ILE C 81 13.16 19.52 -21.35
C ILE C 81 13.77 20.88 -21.04
N ASN C 82 15.09 20.91 -20.84
CA ASN C 82 15.75 22.13 -20.36
C ASN C 82 16.18 23.05 -21.49
N THR C 83 15.23 23.33 -22.39
CA THR C 83 15.45 24.22 -23.53
C THR C 83 16.93 24.29 -23.93
N ALA C 84 17.66 25.25 -23.36
CA ALA C 84 19.11 25.22 -23.42
C ALA C 84 19.66 23.97 -22.76
N LYS C 85 19.69 22.88 -23.50
CA LYS C 85 20.26 21.62 -23.04
C LYS C 85 20.58 20.69 -24.22
N ALA C 86 20.08 21.05 -25.40
CA ALA C 86 20.24 20.22 -26.58
C ALA C 86 20.07 21.03 -27.87
N LYS C 87 19.98 20.33 -28.99
CA LYS C 87 19.77 20.97 -30.28
C LYS C 87 18.34 21.50 -30.43
N MET C 88 18.19 22.64 -31.09
CA MET C 88 16.88 23.18 -31.41
C MET C 88 16.03 22.13 -32.13
N ALA C 89 16.69 21.31 -32.94
CA ALA C 89 16.05 20.17 -33.57
C ALA C 89 15.62 19.15 -32.51
N ASP C 90 16.52 18.84 -31.59
CA ASP C 90 16.17 18.01 -30.44
C ASP C 90 14.86 18.50 -29.83
N ILE C 91 14.77 19.82 -29.61
CA ILE C 91 13.68 20.40 -28.84
C ILE C 91 12.34 20.25 -29.57
N LEU C 92 12.36 20.45 -30.88
CA LEU C 92 11.13 20.30 -31.66
C LEU C 92 10.69 18.83 -31.71
N LYS C 93 11.63 17.92 -31.42
CA LYS C 93 11.32 16.50 -31.40
C LYS C 93 10.68 16.11 -30.07
N ASN C 94 10.53 17.08 -29.18
CA ASN C 94 9.95 16.83 -27.86
C ASN C 94 8.44 17.03 -27.85
N GLU C 95 7.70 15.94 -27.65
CA GLU C 95 6.24 16.00 -27.57
C GLU C 95 5.79 17.12 -26.63
N GLU C 96 6.55 17.33 -25.58
CA GLU C 96 6.20 18.34 -24.57
C GLU C 96 6.32 19.76 -25.12
N ILE C 97 7.53 20.12 -25.55
CA ILE C 97 7.74 21.40 -26.22
C ILE C 97 6.75 21.59 -27.38
N ASN C 98 6.74 20.64 -28.29
CA ASN C 98 5.92 20.76 -29.49
C ASN C 98 4.43 20.94 -29.19
N THR C 99 3.90 20.14 -28.28
CA THR C 99 2.51 20.27 -27.88
C THR C 99 2.20 21.74 -27.58
N MET C 100 2.98 22.31 -26.66
CA MET C 100 2.80 23.68 -26.23
C MET C 100 2.87 24.64 -27.41
N ILE C 101 3.68 24.29 -28.42
CA ILE C 101 3.78 25.11 -29.61
C ILE C 101 2.55 24.93 -30.51
N TYR C 102 1.98 23.73 -30.48
CA TYR C 102 0.77 23.45 -31.26
C TYR C 102 -0.39 24.31 -30.76
N THR C 103 -0.84 24.03 -29.53
CA THR C 103 -1.87 24.85 -28.91
C THR C 103 -1.40 26.29 -28.85
N ILE C 104 -2.24 27.21 -29.30
CA ILE C 104 -1.84 28.62 -29.43
C ILE C 104 -0.63 28.73 -30.37
N GLY C 105 -0.85 29.34 -31.52
CA GLY C 105 0.11 29.30 -32.62
C GLY C 105 1.42 30.02 -32.37
N ALA C 106 1.40 31.33 -32.54
CA ALA C 106 2.55 32.18 -32.28
C ALA C 106 3.81 31.71 -33.00
N GLY C 107 4.35 30.58 -32.57
CA GLY C 107 5.60 30.06 -33.12
C GLY C 107 6.81 30.88 -32.69
N VAL C 108 7.99 30.44 -33.11
CA VAL C 108 9.24 31.04 -32.64
C VAL C 108 9.41 32.46 -33.16
N GLY C 109 8.48 32.91 -34.00
CA GLY C 109 8.52 34.22 -34.58
C GLY C 109 7.45 35.15 -34.03
N LYS C 121 -4.19 34.78 -21.17
CA LYS C 121 -3.63 34.43 -19.86
C LYS C 121 -3.18 32.98 -19.79
N ILE C 122 -1.97 32.73 -20.27
CA ILE C 122 -1.45 31.37 -20.38
C ILE C 122 -0.75 30.93 -19.10
N ILE C 123 -1.54 30.64 -18.07
CA ILE C 123 -1.02 30.43 -16.73
C ILE C 123 -0.48 29.02 -16.53
N ILE C 124 0.44 28.87 -15.59
CA ILE C 124 1.07 27.58 -15.30
C ILE C 124 0.94 27.24 -13.83
N MET C 125 0.15 26.22 -13.53
CA MET C 125 0.01 25.72 -12.17
C MET C 125 1.00 24.58 -11.87
N THR C 126 1.87 24.79 -10.89
CA THR C 126 2.63 23.70 -10.28
C THR C 126 2.01 23.25 -8.95
N ASP C 127 2.80 23.22 -7.89
CA ASP C 127 2.37 22.55 -6.67
C ASP C 127 3.00 23.15 -5.42
N ALA C 128 4.17 22.64 -5.05
CA ALA C 128 4.82 23.02 -3.81
C ALA C 128 5.98 22.03 -3.59
N ASP C 129 5.75 20.77 -3.96
CA ASP C 129 6.83 19.87 -4.42
C ASP C 129 7.99 20.78 -4.84
N THR C 130 9.05 20.86 -4.04
CA THR C 130 10.34 21.28 -4.55
C THR C 130 10.55 20.65 -5.93
N ASP C 131 10.08 19.41 -6.07
CA ASP C 131 9.91 18.76 -7.37
C ASP C 131 8.97 19.57 -8.24
N GLY C 132 8.00 20.22 -7.61
CA GLY C 132 7.04 21.07 -8.29
C GLY C 132 7.67 22.36 -8.82
N ALA C 133 8.76 22.79 -8.21
CA ALA C 133 9.57 23.85 -8.80
C ALA C 133 10.10 23.41 -10.14
N HIS C 134 11.21 22.67 -10.14
CA HIS C 134 11.90 22.31 -11.38
C HIS C 134 10.96 22.29 -12.57
N ILE C 135 9.66 22.13 -12.31
CA ILE C 135 8.67 22.09 -13.37
C ILE C 135 8.07 23.48 -13.64
N GLN C 136 8.20 24.40 -12.67
CA GLN C 136 8.06 25.83 -12.99
C GLN C 136 9.29 26.32 -13.74
N THR C 137 10.47 25.87 -13.31
CA THR C 137 11.73 26.37 -13.86
C THR C 137 11.81 26.22 -15.37
N LEU C 138 11.63 25.01 -15.87
CA LEU C 138 11.77 24.76 -17.31
C LEU C 138 10.69 25.50 -18.10
N LEU C 139 9.44 25.35 -17.68
CA LEU C 139 8.33 26.03 -18.35
C LEU C 139 8.70 27.49 -18.63
N LEU C 140 9.12 28.22 -17.60
CA LEU C 140 9.45 29.63 -17.77
C LEU C 140 10.64 29.81 -18.68
N THR C 141 11.63 28.92 -18.59
CA THR C 141 12.77 28.98 -19.50
C THR C 141 12.36 28.63 -20.93
N PHE C 142 11.36 27.76 -21.04
CA PHE C 142 10.87 27.33 -22.35
C PHE C 142 9.86 28.33 -22.90
N PHE C 143 9.44 29.26 -22.04
CA PHE C 143 8.64 30.42 -22.45
C PHE C 143 9.55 31.62 -22.66
N TYR C 144 10.84 31.48 -22.36
CA TYR C 144 11.76 32.59 -22.50
C TYR C 144 12.61 32.44 -23.75
N ARG C 145 13.61 31.57 -23.68
CA ARG C 145 14.48 31.29 -24.83
C ARG C 145 13.65 31.08 -26.11
N TYR C 146 12.37 30.81 -25.93
CA TYR C 146 11.42 30.78 -27.05
C TYR C 146 10.13 31.45 -26.58
N MET C 147 9.42 32.08 -27.50
CA MET C 147 8.22 32.83 -27.12
C MET C 147 8.52 33.95 -26.13
N ARG C 148 9.57 34.72 -26.41
CA ARG C 148 9.93 35.89 -25.60
C ARG C 148 8.77 36.84 -25.30
N PRO C 149 8.08 37.35 -26.33
CA PRO C 149 7.01 38.31 -26.08
C PRO C 149 5.96 37.72 -25.14
N LEU C 150 5.59 36.46 -25.36
CA LEU C 150 4.55 35.82 -24.56
C LEU C 150 4.60 36.31 -23.11
N VAL C 151 5.76 36.13 -22.47
CA VAL C 151 5.99 36.71 -21.14
C VAL C 151 6.23 38.20 -21.20
N GLU C 152 7.13 38.64 -22.09
CA GLU C 152 7.52 40.05 -22.14
C GLU C 152 6.30 40.97 -22.08
N ALA C 153 5.28 40.62 -22.87
CA ALA C 153 3.91 41.09 -22.66
C ALA C 153 3.50 40.90 -21.20
N GLY C 154 3.52 39.65 -20.76
CA GLY C 154 3.16 39.33 -19.39
C GLY C 154 1.72 38.85 -19.28
N HIS C 155 1.13 38.52 -20.42
CA HIS C 155 -0.19 37.91 -20.45
C HIS C 155 -0.15 36.51 -19.85
N VAL C 156 0.99 35.82 -20.02
CA VAL C 156 1.11 34.44 -19.60
C VAL C 156 2.05 34.29 -18.40
N TYR C 157 1.49 33.91 -17.25
CA TYR C 157 2.24 33.89 -16.00
C TYR C 157 1.96 32.64 -15.16
N ILE C 158 2.47 32.66 -13.92
CA ILE C 158 2.63 31.44 -13.12
C ILE C 158 1.83 31.50 -11.81
N ALA C 159 1.17 30.40 -11.48
CA ALA C 159 0.13 30.38 -10.45
C ALA C 159 0.68 30.13 -9.06
N LEU C 160 -0.08 30.57 -8.06
CA LEU C 160 0.29 30.33 -6.66
C LEU C 160 -0.75 29.44 -5.99
N PRO C 161 -0.45 28.13 -5.92
CA PRO C 161 -1.30 27.14 -5.26
C PRO C 161 -1.46 27.47 -3.79
N PRO C 162 -2.32 26.73 -3.08
CA PRO C 162 -2.57 26.93 -1.64
C PRO C 162 -1.58 26.17 -0.76
N LEU C 163 -1.61 26.41 0.53
CA LEU C 163 -0.81 25.62 1.45
C LEU C 163 -1.68 25.02 2.55
N TYR C 164 -1.53 25.53 3.78
CA TYR C 164 -2.23 24.96 4.92
C TYR C 164 -3.71 25.35 4.94
N LYS C 165 -4.54 24.46 5.45
CA LYS C 165 -5.98 24.69 5.51
C LYS C 165 -6.58 24.16 6.80
N MET C 166 -7.52 24.89 7.39
CA MET C 166 -8.13 24.46 8.64
C MET C 166 -9.58 24.02 8.43
N SER C 167 -9.98 23.00 9.17
CA SER C 167 -11.34 22.45 9.08
C SER C 167 -11.71 21.70 10.36
N LYS C 168 -12.89 22.02 10.89
CA LYS C 168 -13.36 21.38 12.12
C LYS C 168 -14.84 21.00 12.01
N GLY C 169 -15.37 20.44 13.09
CA GLY C 169 -16.75 20.00 13.11
C GLY C 169 -17.00 18.82 12.20
N LYS C 170 -17.00 17.62 12.76
CA LYS C 170 -17.27 16.41 11.99
C LYS C 170 -18.71 16.40 11.50
N GLY C 171 -18.89 16.69 10.21
CA GLY C 171 -20.21 16.71 9.61
C GLY C 171 -20.87 18.07 9.68
N LYS C 172 -20.12 19.05 10.19
CA LYS C 172 -20.61 20.43 10.25
C LYS C 172 -19.81 21.33 9.32
N LYS C 173 -19.11 20.73 8.36
CA LYS C 173 -18.34 21.48 7.38
C LYS C 173 -17.40 22.47 8.03
N GLU C 174 -17.53 23.74 7.66
CA GLU C 174 -16.69 24.80 8.23
C GLU C 174 -15.22 24.58 7.90
N ALA C 177 -8.63 28.28 4.59
CA ALA C 177 -7.53 28.14 3.65
C ALA C 177 -6.50 29.25 3.82
N TYR C 178 -5.33 29.06 3.23
CA TYR C 178 -4.27 30.06 3.30
C TYR C 178 -3.18 29.77 2.27
N ALA C 179 -2.35 30.78 1.97
CA ALA C 179 -1.40 30.67 0.87
C ALA C 179 0.06 30.68 1.34
N TRP C 180 0.29 31.13 2.57
CA TRP C 180 1.57 30.90 3.23
C TRP C 180 1.40 30.28 4.60
N THR C 181 1.84 29.03 4.74
CA THR C 181 1.78 28.31 6.00
C THR C 181 2.91 28.76 6.93
N ASP C 182 3.38 29.99 6.73
CA ASP C 182 4.40 30.57 7.58
C ASP C 182 3.82 31.65 8.47
N GLY C 183 3.94 32.91 8.05
CA GLY C 183 3.31 34.02 8.74
C GLY C 183 1.80 33.99 8.59
N GLU C 184 1.35 33.79 7.36
CA GLU C 184 -0.08 33.82 7.05
C GLU C 184 -0.84 32.72 7.79
N LEU C 185 -0.12 31.68 8.19
CA LEU C 185 -0.75 30.55 8.89
C LEU C 185 -1.13 30.90 10.32
N GLU C 186 -0.46 31.91 10.87
CA GLU C 186 -0.60 32.24 12.29
C GLU C 186 -1.93 32.93 12.58
N GLU C 187 -2.51 33.55 11.56
CA GLU C 187 -3.79 34.23 11.73
C GLU C 187 -4.92 33.24 12.01
N LEU C 188 -4.81 32.05 11.46
CA LEU C 188 -5.85 31.04 11.62
C LEU C 188 -5.93 30.55 13.06
N LYS C 194 -5.96 24.79 20.64
CA LYS C 194 -6.35 23.88 19.58
C LYS C 194 -7.87 23.90 19.35
N GLY C 195 -8.51 22.76 19.58
CA GLY C 195 -9.95 22.65 19.41
C GLY C 195 -10.34 22.17 18.01
N ALA C 196 -9.84 22.85 17.00
CA ALA C 196 -10.15 22.50 15.61
C ALA C 196 -9.15 21.48 15.07
N THR C 197 -8.84 21.59 13.78
CA THR C 197 -7.83 20.75 13.16
C THR C 197 -7.19 21.48 11.99
N LEU C 198 -5.90 21.25 11.79
CA LEU C 198 -5.18 21.88 10.67
C LEU C 198 -5.00 20.90 9.52
N GLN C 199 -4.32 21.36 8.47
CA GLN C 199 -3.95 20.48 7.36
C GLN C 199 -2.63 20.95 6.74
N ARG C 200 -2.23 20.29 5.67
CA ARG C 200 -1.07 20.70 4.89
C ARG C 200 -1.26 20.21 3.46
N TYR C 201 -0.86 21.03 2.49
CA TYR C 201 -1.13 20.70 1.09
C TYR C 201 -0.03 19.83 0.50
N LYS C 202 -0.42 18.71 -0.10
CA LYS C 202 0.53 17.73 -0.59
C LYS C 202 1.07 18.10 -1.96
N GLY C 203 0.24 18.79 -2.75
CA GLY C 203 0.55 19.04 -4.15
C GLY C 203 -0.66 19.54 -4.93
N LEU C 204 -0.49 19.79 -6.22
CA LEU C 204 -1.65 20.11 -7.05
C LEU C 204 -2.63 18.94 -7.11
N GLY C 205 -2.24 17.79 -6.54
CA GLY C 205 -3.18 16.72 -6.28
C GLY C 205 -4.28 17.15 -5.33
N GLU C 206 -4.99 16.20 -4.74
CA GLU C 206 -6.10 16.52 -3.86
C GLU C 206 -6.82 17.79 -4.33
N MET C 207 -7.37 18.54 -3.39
CA MET C 207 -8.10 19.77 -3.72
C MET C 207 -9.51 19.48 -4.22
N ASP C 210 -13.88 21.01 -7.70
CA ASP C 210 -14.73 21.79 -6.79
C ASP C 210 -13.88 22.76 -5.95
N GLN C 211 -13.39 22.30 -4.81
CA GLN C 211 -12.30 22.99 -4.13
C GLN C 211 -11.30 23.51 -5.16
N LEU C 212 -10.82 22.62 -6.02
CA LEU C 212 -9.81 22.96 -7.01
C LEU C 212 -9.97 24.39 -7.50
N TRP C 213 -11.22 24.79 -7.69
CA TRP C 213 -11.55 26.12 -8.19
C TRP C 213 -11.68 27.15 -7.06
N GLU C 214 -11.07 26.86 -5.90
CA GLU C 214 -10.73 27.89 -4.92
C GLU C 214 -9.54 28.70 -5.42
N THR C 215 -8.61 28.04 -6.09
CA THR C 215 -7.59 28.71 -6.89
C THR C 215 -8.07 28.95 -8.31
N THR C 216 -9.22 28.38 -8.66
CA THR C 216 -9.66 28.35 -10.05
C THR C 216 -10.67 29.45 -10.37
N MET C 217 -11.80 29.45 -9.66
CA MET C 217 -13.00 30.18 -10.10
C MET C 217 -12.80 31.70 -10.15
N ASN C 218 -12.52 32.32 -9.01
CA ASN C 218 -12.05 33.70 -9.03
C ASN C 218 -10.93 33.82 -10.07
N PRO C 219 -10.91 34.92 -10.84
CA PRO C 219 -9.82 35.21 -11.78
C PRO C 219 -8.46 35.27 -11.08
N GLU C 220 -7.87 34.11 -10.83
CA GLU C 220 -6.53 34.02 -10.27
C GLU C 220 -6.38 34.79 -8.95
N THR C 221 -7.25 34.48 -7.99
CA THR C 221 -7.23 35.15 -6.69
C THR C 221 -5.81 35.20 -6.14
N ARG C 222 -4.96 34.30 -6.62
CA ARG C 222 -3.56 34.27 -6.25
C ARG C 222 -2.72 33.95 -7.47
N THR C 223 -2.69 34.83 -8.45
CA THR C 223 -1.85 34.57 -9.62
C THR C 223 -0.57 35.40 -9.59
N LEU C 224 0.41 35.00 -10.40
CA LEU C 224 1.68 35.72 -10.46
C LEU C 224 1.99 36.19 -11.87
N ILE C 225 2.32 37.47 -12.01
CA ILE C 225 2.69 38.00 -13.32
C ILE C 225 4.20 37.94 -13.53
N ARG C 226 4.62 37.39 -14.66
CA ARG C 226 6.02 37.00 -14.85
C ARG C 226 6.81 38.08 -15.59
N VAL C 227 8.14 38.01 -15.47
CA VAL C 227 9.06 38.67 -16.41
C VAL C 227 9.14 40.17 -16.13
N THR C 228 8.25 40.65 -15.27
CA THR C 228 8.03 42.07 -15.04
C THR C 228 9.34 42.84 -14.92
N ILE C 229 9.65 43.60 -15.97
CA ILE C 229 10.87 44.40 -16.02
C ILE C 229 12.12 43.52 -15.86
N GLU C 230 12.05 42.28 -16.35
CA GLU C 230 13.25 41.50 -16.62
C GLU C 230 14.38 42.48 -16.94
N ASP C 231 14.60 42.73 -18.22
CA ASP C 231 15.77 43.46 -18.69
C ASP C 231 16.88 42.50 -19.06
N LEU C 232 17.99 43.03 -19.56
CA LEU C 232 19.11 42.20 -19.97
C LEU C 232 19.84 41.64 -18.76
N ALA C 233 21.09 41.23 -18.97
CA ALA C 233 22.01 40.83 -17.89
C ALA C 233 21.35 39.83 -16.93
N ARG C 234 20.05 39.60 -17.13
CA ARG C 234 19.32 38.54 -16.46
C ARG C 234 19.35 37.26 -17.29
N ALA C 235 19.32 37.41 -18.61
CA ALA C 235 19.59 36.29 -19.51
C ALA C 235 20.92 35.61 -19.15
N GLU C 236 21.85 36.41 -18.64
CA GLU C 236 23.14 35.88 -18.20
C GLU C 236 22.94 34.87 -17.09
N ARG C 237 22.07 35.20 -16.15
CA ARG C 237 21.86 34.39 -14.94
C ARG C 237 21.06 33.13 -15.23
N ARG C 238 19.99 33.30 -15.99
CA ARG C 238 19.09 32.19 -16.29
C ARG C 238 19.77 31.18 -17.20
N VAL C 239 20.93 31.52 -17.72
CA VAL C 239 21.81 30.54 -18.34
C VAL C 239 23.05 30.34 -17.46
N ASN C 240 22.91 30.61 -16.17
CA ASN C 240 23.84 30.13 -15.16
C ASN C 240 23.21 29.01 -14.35
N VAL C 241 21.88 29.03 -14.25
CA VAL C 241 21.15 28.21 -13.30
C VAL C 241 20.43 27.09 -14.04
N LEU C 242 19.19 27.36 -14.45
CA LEU C 242 18.44 26.38 -15.25
C LEU C 242 19.34 25.83 -16.34
N MET C 243 19.25 26.36 -17.54
CA MET C 243 20.01 25.86 -18.67
C MET C 243 20.80 24.63 -18.24
N GLY C 244 21.71 24.79 -17.29
CA GLY C 244 22.68 23.75 -17.00
C GLY C 244 23.94 24.01 -17.80
N ASP C 245 24.46 25.23 -17.66
CA ASP C 245 25.81 25.56 -18.11
C ASP C 245 26.69 24.33 -18.19
N LYS C 246 27.86 24.40 -17.57
CA LYS C 246 28.90 23.39 -17.71
C LYS C 246 29.33 22.86 -16.34
N VAL C 247 28.37 22.65 -15.45
CA VAL C 247 28.67 22.17 -14.11
C VAL C 247 29.19 23.28 -13.22
N GLU C 248 30.37 23.81 -13.58
CA GLU C 248 31.12 24.73 -12.72
C GLU C 248 30.29 25.94 -12.28
N PRO C 249 29.49 26.50 -13.21
CA PRO C 249 28.61 27.64 -12.88
C PRO C 249 27.55 27.29 -11.85
N ARG C 250 26.98 26.08 -11.95
CA ARG C 250 25.81 25.72 -11.15
C ARG C 250 26.20 25.42 -9.71
N ARG C 251 27.19 24.54 -9.54
CA ARG C 251 27.79 24.32 -8.22
C ARG C 251 28.12 25.67 -7.56
N LYS C 252 28.16 26.72 -8.37
CA LYS C 252 28.72 27.99 -7.95
C LYS C 252 27.62 28.99 -7.62
N TRP C 253 26.51 28.94 -8.36
CA TRP C 253 25.35 29.76 -7.99
C TRP C 253 24.81 29.32 -6.64
N ILE C 254 25.13 28.08 -6.26
CA ILE C 254 24.72 27.54 -4.96
C ILE C 254 25.73 27.91 -3.87
N GLU C 255 26.27 29.13 -3.96
CA GLU C 255 26.93 29.76 -2.82
C GLU C 255 26.03 30.83 -2.20
N ASP C 256 24.72 30.63 -2.27
CA ASP C 256 23.77 31.41 -1.48
C ASP C 256 22.59 30.53 -1.06
N ASN C 257 22.90 29.33 -0.56
CA ASN C 257 21.91 28.27 -0.42
C ASN C 257 22.06 27.50 0.90
N THR D 38 9.83 -12.33 -27.91
CA THR D 38 9.28 -12.30 -26.56
C THR D 38 9.48 -13.59 -25.74
N PRO D 39 9.64 -14.74 -26.42
CA PRO D 39 9.94 -15.97 -25.68
C PRO D 39 11.29 -15.91 -24.98
N ALA D 40 11.72 -17.02 -24.39
CA ALA D 40 12.96 -17.06 -23.63
C ALA D 40 14.01 -17.93 -24.31
N GLN D 41 14.23 -17.68 -25.61
CA GLN D 41 15.26 -18.38 -26.36
C GLN D 41 14.98 -19.88 -26.48
N SER D 42 16.00 -20.64 -26.87
CA SER D 42 15.83 -22.05 -27.21
C SER D 42 17.16 -22.74 -27.49
N LYS D 43 17.09 -23.87 -28.19
CA LYS D 43 18.28 -24.67 -28.47
C LYS D 43 18.03 -25.67 -29.61
N ASN D 44 17.85 -26.93 -29.24
CA ASN D 44 17.62 -27.98 -30.23
C ASN D 44 16.24 -28.61 -30.11
N PRO D 45 15.61 -28.88 -31.27
CA PRO D 45 14.25 -29.43 -31.37
C PRO D 45 14.14 -30.87 -30.84
N ALA D 46 15.07 -31.27 -29.98
CA ALA D 46 15.19 -32.67 -29.58
C ALA D 46 13.98 -33.16 -28.80
N LYS D 47 13.74 -32.56 -27.64
CA LYS D 47 12.58 -32.90 -26.82
C LYS D 47 11.56 -31.78 -26.82
N ASN D 48 11.64 -30.91 -27.83
CA ASN D 48 10.79 -29.73 -27.93
C ASN D 48 10.93 -28.80 -26.74
N GLU D 49 9.99 -28.91 -25.79
CA GLU D 49 10.03 -28.14 -24.54
C GLU D 49 9.74 -26.66 -24.76
N LEU D 50 8.51 -26.25 -24.44
CA LEU D 50 8.13 -24.85 -24.56
C LEU D 50 7.04 -24.48 -23.56
N TYR D 51 7.44 -24.03 -22.38
CA TYR D 51 6.50 -23.80 -21.28
C TYR D 51 5.79 -22.46 -21.43
N LEU D 52 4.50 -22.45 -21.10
CA LEU D 52 3.72 -21.20 -21.08
C LEU D 52 3.36 -20.81 -19.65
N VAL D 53 3.76 -19.62 -19.24
CA VAL D 53 3.49 -19.16 -17.88
C VAL D 53 2.42 -18.07 -17.86
N GLU D 54 1.93 -17.74 -16.66
CA GLU D 54 0.98 -16.66 -16.50
C GLU D 54 1.67 -15.33 -16.20
N GLY D 55 1.40 -14.33 -17.04
CA GLY D 55 1.80 -12.96 -16.76
C GLY D 55 3.30 -12.76 -16.77
N ASP D 56 3.74 -11.59 -17.25
CA ASP D 56 5.15 -11.33 -17.47
C ASP D 56 5.99 -11.58 -16.22
N SER D 57 5.35 -11.59 -15.06
CA SER D 57 6.06 -11.82 -13.81
C SER D 57 6.49 -13.26 -13.70
N ALA D 58 5.54 -14.19 -13.85
CA ALA D 58 5.85 -15.61 -13.91
C ALA D 58 6.85 -15.89 -15.02
N GLY D 59 6.46 -15.58 -16.25
CA GLY D 59 7.30 -15.78 -17.42
C GLY D 59 8.65 -15.10 -17.28
N GLY D 60 8.72 -14.10 -16.41
CA GLY D 60 10.00 -13.55 -16.01
C GLY D 60 10.72 -14.45 -15.04
N SER D 61 9.99 -14.91 -14.02
CA SER D 61 10.57 -15.79 -13.01
C SER D 61 11.03 -17.11 -13.61
N ALA D 62 10.37 -17.53 -14.69
CA ALA D 62 10.79 -18.71 -15.42
C ALA D 62 12.04 -18.42 -16.26
N LYS D 63 12.03 -17.31 -16.97
CA LYS D 63 13.04 -17.02 -17.99
C LYS D 63 14.42 -16.83 -17.36
N GLN D 64 14.48 -16.12 -16.24
CA GLN D 64 15.73 -15.90 -15.54
C GLN D 64 16.10 -17.12 -14.69
N GLY D 65 15.10 -17.91 -14.33
CA GLY D 65 15.30 -19.05 -13.45
C GLY D 65 15.40 -20.36 -14.21
N ARG D 66 15.51 -20.24 -15.54
CA ARG D 66 15.39 -21.38 -16.44
C ARG D 66 16.36 -22.50 -16.07
N ASP D 67 16.28 -22.98 -14.83
CA ASP D 67 17.04 -24.15 -14.41
C ASP D 67 16.65 -25.37 -15.24
N ARG D 68 16.04 -25.13 -16.40
CA ARG D 68 15.48 -26.22 -17.20
C ARG D 68 14.91 -25.75 -18.55
N LYS D 69 15.78 -25.27 -19.43
CA LYS D 69 15.36 -24.94 -20.79
C LYS D 69 16.29 -25.51 -21.84
N PHE D 70 16.01 -26.77 -22.21
CA PHE D 70 16.84 -27.53 -23.14
C PHE D 70 16.66 -27.04 -24.58
N ILE D 73 10.46 -20.51 -22.87
CA ILE D 73 9.45 -19.83 -22.06
C ILE D 73 8.68 -18.81 -22.89
N LEU D 74 7.42 -18.55 -22.53
CA LEU D 74 6.67 -17.46 -23.13
C LEU D 74 5.53 -16.99 -22.23
N PRO D 75 5.61 -15.73 -21.76
CA PRO D 75 4.53 -15.08 -21.02
C PRO D 75 3.18 -15.24 -21.73
N LEU D 76 2.11 -15.39 -20.98
CA LEU D 76 0.76 -15.21 -21.52
C LEU D 76 -0.05 -14.25 -20.67
N ARG D 77 -0.50 -13.16 -21.30
CA ARG D 77 -1.33 -12.15 -20.64
C ARG D 77 -2.78 -12.64 -20.45
N VAL D 80 -6.13 -14.88 -22.98
CA VAL D 80 -6.46 -15.92 -23.95
C VAL D 80 -7.97 -15.99 -24.17
N ILE D 81 -8.38 -15.74 -25.42
CA ILE D 81 -9.80 -15.71 -25.78
C ILE D 81 -10.42 -17.10 -25.74
N ASN D 82 -11.75 -17.16 -25.70
CA ASN D 82 -12.46 -18.43 -25.55
C ASN D 82 -12.70 -19.12 -26.89
N THR D 83 -11.64 -19.25 -27.67
CA THR D 83 -11.68 -19.95 -28.96
C THR D 83 -13.08 -19.93 -29.56
N ALA D 84 -13.88 -20.96 -29.26
CA ALA D 84 -15.31 -20.92 -29.55
C ALA D 84 -15.99 -19.79 -28.79
N LYS D 85 -15.85 -18.58 -29.31
CA LYS D 85 -16.51 -17.41 -28.76
C LYS D 85 -16.69 -16.31 -29.80
N ALA D 86 -16.00 -16.47 -30.94
CA ALA D 86 -16.04 -15.47 -31.99
C ALA D 86 -15.70 -16.06 -33.35
N LYS D 87 -15.45 -15.19 -34.33
CA LYS D 87 -15.05 -15.63 -35.67
C LYS D 87 -13.62 -16.15 -35.69
N MET D 88 -13.36 -17.18 -36.49
CA MET D 88 -12.01 -17.68 -36.69
C MET D 88 -11.08 -16.56 -37.12
N ALA D 89 -11.63 -15.60 -37.87
CA ALA D 89 -10.90 -14.38 -38.21
C ALA D 89 -10.63 -13.55 -36.96
N ASP D 90 -11.67 -13.35 -36.15
CA ASP D 90 -11.49 -12.74 -34.83
C ASP D 90 -10.26 -13.34 -34.15
N ILE D 91 -10.21 -14.67 -34.10
CA ILE D 91 -9.24 -15.39 -33.29
C ILE D 91 -7.81 -15.14 -33.79
N LEU D 92 -7.63 -15.13 -35.11
CA LEU D 92 -6.31 -14.86 -35.68
C LEU D 92 -5.89 -13.42 -35.45
N LYS D 93 -6.87 -12.56 -35.14
CA LYS D 93 -6.60 -11.16 -34.85
C LYS D 93 -6.12 -10.99 -33.41
N ASN D 94 -6.10 -12.08 -32.65
CA ASN D 94 -5.70 -12.05 -31.25
C ASN D 94 -4.20 -12.29 -31.07
N GLU D 95 -3.49 -11.26 -30.61
CA GLU D 95 -2.06 -11.35 -30.36
C GLU D 95 -1.73 -12.59 -29.55
N GLU D 96 -2.63 -12.97 -28.64
CA GLU D 96 -2.42 -14.12 -27.76
C GLU D 96 -2.45 -15.41 -28.55
N ILE D 97 -3.59 -15.72 -29.17
CA ILE D 97 -3.69 -16.88 -30.04
C ILE D 97 -2.56 -16.88 -31.08
N ASN D 98 -2.43 -15.77 -31.80
CA ASN D 98 -1.45 -15.66 -32.86
C ASN D 98 -0.04 -15.97 -32.38
N THR D 99 0.40 -15.29 -31.32
CA THR D 99 1.71 -15.56 -30.75
C THR D 99 1.93 -17.06 -30.64
N MET D 100 1.05 -17.74 -29.91
CA MET D 100 1.16 -19.17 -29.68
C MET D 100 1.29 -19.92 -31.00
N ILE D 101 0.65 -19.39 -32.04
CA ILE D 101 0.74 -20.03 -33.36
C ILE D 101 2.07 -19.72 -34.04
N TYR D 102 2.63 -18.55 -33.75
CA TYR D 102 3.93 -18.17 -34.28
C TYR D 102 5.00 -19.11 -33.76
N THR D 103 5.28 -19.04 -32.46
CA THR D 103 6.22 -19.96 -31.83
C THR D 103 5.75 -21.39 -32.08
N ILE D 104 6.65 -22.24 -32.55
CA ILE D 104 6.29 -23.60 -32.94
C ILE D 104 5.22 -23.55 -34.05
N GLY D 105 5.61 -23.98 -35.25
CA GLY D 105 4.82 -23.73 -36.44
C GLY D 105 3.49 -24.47 -36.52
N ALA D 106 3.56 -25.76 -36.87
CA ALA D 106 2.38 -26.62 -36.92
C ALA D 106 1.24 -26.02 -37.74
N GLY D 107 0.61 -24.98 -37.20
CA GLY D 107 -0.54 -24.37 -37.86
C GLY D 107 -1.80 -25.21 -37.73
N VAL D 108 -2.91 -24.69 -38.24
CA VAL D 108 -4.21 -25.32 -38.05
C VAL D 108 -4.28 -26.66 -38.80
N GLY D 109 -3.22 -26.97 -39.54
CA GLY D 109 -3.16 -28.20 -40.31
C GLY D 109 -2.20 -29.21 -39.72
N LYS D 121 7.50 -31.01 -25.48
CA LYS D 121 6.76 -30.86 -24.24
C LYS D 121 6.30 -29.43 -24.02
N ILE D 122 5.15 -29.08 -24.60
CA ILE D 122 4.64 -27.72 -24.59
C ILE D 122 3.78 -27.46 -23.37
N ILE D 123 4.42 -27.35 -22.21
CA ILE D 123 3.72 -27.35 -20.93
C ILE D 123 3.13 -25.98 -20.59
N ILE D 124 2.08 -25.98 -19.79
CA ILE D 124 1.39 -24.75 -19.40
C ILE D 124 1.30 -24.64 -17.89
N MET D 125 2.05 -23.71 -17.31
CA MET D 125 1.97 -23.43 -15.89
C MET D 125 0.95 -22.34 -15.57
N THR D 126 -0.06 -22.69 -14.78
CA THR D 126 -0.89 -21.69 -14.10
C THR D 126 -0.48 -21.49 -12.65
N ASP D 127 -1.43 -21.56 -11.73
CA ASP D 127 -1.19 -21.09 -10.37
C ASP D 127 -1.97 -21.88 -9.32
N ALA D 128 -3.19 -21.46 -9.04
CA ALA D 128 -3.98 -21.99 -7.93
C ALA D 128 -5.19 -21.05 -7.72
N ASP D 129 -4.95 -19.74 -7.87
CA ASP D 129 -5.98 -18.81 -8.31
C ASP D 129 -7.03 -19.62 -9.07
N THR D 130 -8.21 -19.81 -8.46
CA THR D 130 -9.44 -20.04 -9.21
C THR D 130 -9.39 -19.19 -10.50
N ASP D 131 -8.88 -17.97 -10.36
CA ASP D 131 -8.54 -17.17 -11.52
C ASP D 131 -7.46 -17.85 -12.36
N GLY D 132 -6.60 -18.60 -11.69
CA GLY D 132 -5.55 -19.36 -12.36
C GLY D 132 -6.11 -20.51 -13.18
N ALA D 133 -7.25 -21.05 -12.77
CA ALA D 133 -7.99 -21.97 -13.63
C ALA D 133 -8.33 -21.30 -14.96
N HIS D 134 -9.44 -20.57 -14.99
CA HIS D 134 -9.95 -20.02 -16.25
C HIS D 134 -8.83 -19.85 -17.28
N ILE D 135 -7.60 -19.72 -16.80
CA ILE D 135 -6.46 -19.53 -17.70
C ILE D 135 -5.82 -20.86 -18.12
N GLN D 136 -6.06 -21.93 -17.35
CA GLN D 136 -5.87 -23.28 -17.87
C GLN D 136 -6.97 -23.62 -18.88
N THR D 137 -8.20 -23.24 -18.55
CA THR D 137 -9.37 -23.65 -19.33
C THR D 137 -9.25 -23.26 -20.80
N LEU D 138 -8.99 -21.98 -21.07
CA LEU D 138 -8.93 -21.51 -22.44
C LEU D 138 -7.74 -22.12 -23.19
N LEU D 139 -6.56 -22.05 -22.58
CA LEU D 139 -5.37 -22.65 -23.17
C LEU D 139 -5.69 -24.03 -23.74
N LEU D 140 -6.22 -24.91 -22.89
CA LEU D 140 -6.53 -26.26 -23.32
C LEU D 140 -7.57 -26.25 -24.44
N THR D 141 -8.60 -25.41 -24.31
CA THR D 141 -9.60 -25.33 -25.37
C THR D 141 -8.98 -24.75 -26.65
N PHE D 142 -7.98 -23.90 -26.48
CA PHE D 142 -7.31 -23.28 -27.61
C PHE D 142 -6.22 -24.20 -28.17
N PHE D 143 -5.92 -25.25 -27.41
CA PHE D 143 -5.07 -26.33 -27.88
C PHE D 143 -5.91 -27.49 -28.40
N TYR D 144 -7.23 -27.38 -28.26
CA TYR D 144 -8.12 -28.45 -28.71
C TYR D 144 -8.77 -28.09 -30.04
N ARG D 145 -9.77 -27.22 -29.99
CA ARG D 145 -10.47 -26.75 -31.18
C ARG D 145 -9.48 -26.35 -32.27
N TYR D 146 -8.24 -26.14 -31.89
CA TYR D 146 -7.14 -25.94 -32.83
C TYR D 146 -5.91 -26.68 -32.32
N MET D 147 -5.08 -27.18 -33.21
CA MET D 147 -3.94 -28.00 -32.80
C MET D 147 -4.37 -29.25 -32.02
N ARG D 148 -5.34 -29.98 -32.59
CA ARG D 148 -5.82 -31.23 -32.03
C ARG D 148 -4.70 -32.23 -31.71
N PRO D 149 -3.87 -32.58 -32.70
CA PRO D 149 -2.83 -33.58 -32.45
C PRO D 149 -1.94 -33.16 -31.27
N LEU D 150 -1.56 -31.88 -31.23
CA LEU D 150 -0.65 -31.39 -30.19
C LEU D 150 -0.90 -32.12 -28.87
N VAL D 151 -2.13 -32.02 -28.38
CA VAL D 151 -2.56 -32.78 -27.22
C VAL D 151 -2.77 -34.25 -27.55
N GLU D 152 -3.54 -34.53 -28.61
CA GLU D 152 -3.90 -35.91 -28.95
C GLU D 152 -2.68 -36.84 -28.86
N ALA D 153 -1.56 -36.38 -29.42
CA ALA D 153 -0.24 -36.90 -29.10
C ALA D 153 -0.05 -36.93 -27.58
N GLY D 154 -0.14 -35.77 -26.95
CA GLY D 154 0.02 -35.67 -25.52
C GLY D 154 1.42 -35.24 -25.14
N HIS D 155 2.17 -34.75 -26.13
CA HIS D 155 3.48 -34.16 -25.87
C HIS D 155 3.34 -32.87 -25.06
N VAL D 156 2.24 -32.16 -25.28
CA VAL D 156 2.03 -30.84 -24.66
C VAL D 156 0.94 -30.89 -23.60
N TYR D 157 1.34 -30.72 -22.34
CA TYR D 157 0.42 -30.87 -21.22
C TYR D 157 0.55 -29.76 -20.17
N ILE D 158 -0.15 -29.95 -19.03
CA ILE D 158 -0.43 -28.89 -18.10
C ILE D 158 0.18 -29.15 -16.72
N ALA D 159 0.76 -28.12 -16.12
CA ALA D 159 1.65 -28.28 -14.97
C ALA D 159 0.93 -28.24 -13.64
N LEU D 160 1.54 -28.84 -12.62
CA LEU D 160 0.99 -28.82 -11.28
C LEU D 160 1.90 -28.06 -10.33
N PRO D 161 1.59 -26.77 -10.11
CA PRO D 161 2.32 -25.91 -9.18
C PRO D 161 2.28 -26.49 -7.78
N PRO D 162 3.00 -25.86 -6.84
CA PRO D 162 3.07 -26.27 -5.43
C PRO D 162 1.96 -25.64 -4.57
N LEU D 163 1.81 -26.09 -3.34
CA LEU D 163 0.85 -25.48 -2.44
C LEU D 163 1.53 -25.02 -1.15
N TYR D 164 1.23 -25.72 -0.05
CA TYR D 164 1.75 -25.34 1.26
C TYR D 164 3.21 -25.76 1.43
N LYS D 165 3.97 -24.97 2.18
CA LYS D 165 5.38 -25.24 2.40
C LYS D 165 5.79 -24.90 3.83
N MET D 166 6.62 -25.74 4.44
CA MET D 166 7.05 -25.50 5.81
C MET D 166 8.51 -25.06 5.88
N SER D 167 8.80 -24.17 6.80
CA SER D 167 10.16 -23.66 7.00
C SER D 167 10.34 -23.12 8.41
N LYS D 168 11.44 -23.51 9.05
CA LYS D 168 11.72 -23.08 10.42
C LYS D 168 13.19 -22.71 10.60
N GLY D 169 13.56 -22.33 11.81
CA GLY D 169 14.92 -21.92 12.10
C GLY D 169 15.28 -20.61 11.41
N LYS D 170 15.19 -19.52 12.16
CA LYS D 170 15.56 -18.21 11.63
C LYS D 170 17.07 -18.14 11.34
N GLY D 171 17.42 -18.23 10.07
CA GLY D 171 18.81 -18.18 9.66
C GLY D 171 19.45 -19.55 9.62
N LYS D 172 18.65 -20.58 9.84
CA LYS D 172 19.13 -21.96 9.75
C LYS D 172 18.47 -22.70 8.60
N LYS D 173 17.92 -21.95 7.66
CA LYS D 173 17.29 -22.53 6.47
C LYS D 173 16.28 -23.60 6.85
N GLU D 174 16.48 -24.81 6.31
CA GLU D 174 15.59 -25.93 6.58
C GLU D 174 14.17 -25.65 6.09
N GLU D 175 13.88 -26.05 4.86
CA GLU D 175 12.55 -25.86 4.28
C GLU D 175 11.95 -27.17 3.80
N VAL D 176 10.70 -27.12 3.39
CA VAL D 176 10.02 -28.27 2.81
C VAL D 176 9.16 -27.87 1.61
N ALA D 177 8.16 -28.67 1.31
CA ALA D 177 7.21 -28.35 0.25
C ALA D 177 6.18 -29.46 0.11
N TYR D 178 5.11 -29.19 -0.62
CA TYR D 178 4.05 -30.16 -0.82
C TYR D 178 3.10 -29.71 -1.94
N ALA D 179 2.35 -30.65 -2.51
CA ALA D 179 1.56 -30.37 -3.71
C ALA D 179 0.05 -30.42 -3.46
N TRP D 180 -0.36 -31.08 -2.37
CA TRP D 180 -1.72 -30.93 -1.88
C TRP D 180 -1.74 -30.53 -0.41
N THR D 181 -2.19 -29.30 -0.15
CA THR D 181 -2.32 -28.78 1.20
C THR D 181 -3.55 -29.36 1.88
N ASP D 182 -3.98 -30.53 1.42
CA ASP D 182 -5.12 -31.23 2.02
C ASP D 182 -4.65 -32.45 2.80
N GLY D 183 -4.71 -33.62 2.17
CA GLY D 183 -4.17 -34.83 2.76
C GLY D 183 -2.66 -34.81 2.84
N GLU D 184 -2.03 -34.44 1.73
CA GLU D 184 -0.57 -34.42 1.64
C GLU D 184 0.05 -33.47 2.65
N LEU D 185 -0.74 -32.49 3.11
CA LEU D 185 -0.23 -31.49 4.04
C LEU D 185 -0.06 -32.06 5.45
N GLU D 186 -0.78 -33.14 5.74
CA GLU D 186 -0.83 -33.68 7.10
C GLU D 186 0.45 -34.43 7.45
N GLU D 187 1.19 -34.88 6.45
CA GLU D 187 2.43 -35.60 6.67
C GLU D 187 3.49 -34.68 7.27
N LEU D 188 3.46 -33.41 6.90
CA LEU D 188 4.45 -32.46 7.36
C LEU D 188 4.34 -32.20 8.86
N LYS D 194 3.22 -27.70 17.17
CA LYS D 194 3.75 -26.63 16.33
C LYS D 194 5.28 -26.64 16.31
N GLY D 195 5.87 -25.56 16.80
CA GLY D 195 7.32 -25.45 16.85
C GLY D 195 7.90 -24.75 15.64
N ALA D 196 7.56 -25.25 14.45
CA ALA D 196 8.06 -24.69 13.21
C ALA D 196 7.14 -23.58 12.70
N THR D 197 7.03 -23.49 11.37
CA THR D 197 6.11 -22.56 10.74
C THR D 197 5.63 -23.09 9.40
N LEU D 198 4.38 -22.82 9.05
CA LEU D 198 3.83 -23.26 7.77
C LEU D 198 3.80 -22.11 6.77
N GLN D 199 3.26 -22.38 5.59
CA GLN D 199 3.05 -21.34 4.60
C GLN D 199 1.84 -21.67 3.72
N ARG D 200 1.60 -20.84 2.72
CA ARG D 200 0.57 -21.10 1.72
C ARG D 200 0.96 -20.41 0.43
N TYR D 201 0.72 -21.07 -0.71
CA TYR D 201 1.19 -20.53 -1.99
C TYR D 201 0.16 -19.59 -2.61
N LYS D 202 0.60 -18.39 -2.97
CA LYS D 202 -0.31 -17.34 -3.41
C LYS D 202 -0.62 -17.49 -4.89
N GLY D 203 0.33 -18.03 -5.64
CA GLY D 203 0.22 -18.06 -7.10
C GLY D 203 1.54 -18.44 -7.75
N LEU D 204 1.57 -18.49 -9.08
CA LEU D 204 2.84 -18.69 -9.78
C LEU D 204 3.79 -17.52 -9.50
N GLY D 205 3.31 -16.49 -8.82
CA GLY D 205 4.17 -15.48 -8.25
C GLY D 205 5.15 -16.06 -7.25
N GLU D 206 5.75 -15.22 -6.41
CA GLU D 206 6.76 -15.69 -5.47
C GLU D 206 7.55 -16.87 -6.03
N MET D 207 7.98 -17.77 -5.15
CA MET D 207 8.75 -18.94 -5.57
C MET D 207 10.22 -18.59 -5.81
N ASP D 210 15.04 -19.58 -8.74
CA ASP D 210 15.75 -20.54 -7.88
C ASP D 210 14.80 -21.62 -7.35
N GLN D 211 14.12 -21.33 -6.25
CA GLN D 211 12.95 -22.11 -5.85
C GLN D 211 12.10 -22.46 -7.08
N LEU D 212 11.74 -21.44 -7.84
CA LEU D 212 10.92 -21.62 -9.03
C LEU D 212 11.18 -22.97 -9.70
N TRP D 213 12.45 -23.34 -9.77
CA TRP D 213 12.87 -24.57 -10.41
C TRP D 213 12.85 -25.76 -9.45
N GLU D 214 12.08 -25.64 -8.36
CA GLU D 214 11.61 -26.83 -7.63
C GLU D 214 10.51 -27.52 -8.41
N THR D 215 9.69 -26.75 -9.11
CA THR D 215 8.80 -27.30 -10.13
C THR D 215 9.47 -27.32 -11.49
N THR D 216 10.64 -26.69 -11.60
CA THR D 216 11.26 -26.46 -12.89
C THR D 216 12.33 -27.51 -13.23
N MET D 217 13.34 -27.63 -12.37
CA MET D 217 14.59 -28.29 -12.74
C MET D 217 14.41 -29.79 -13.05
N ASN D 218 14.01 -30.58 -12.07
CA ASN D 218 13.56 -31.93 -12.37
C ASN D 218 12.61 -31.88 -13.55
N PRO D 219 12.71 -32.85 -14.48
CA PRO D 219 11.74 -32.98 -15.59
C PRO D 219 10.30 -33.12 -15.10
N GLU D 220 9.68 -32.00 -14.75
CA GLU D 220 8.26 -31.98 -14.37
C GLU D 220 7.94 -32.95 -13.25
N THR D 221 8.65 -32.82 -12.13
CA THR D 221 8.43 -33.69 -10.97
C THR D 221 6.95 -33.81 -10.64
N ARG D 222 6.18 -32.84 -11.11
CA ARG D 222 4.73 -32.86 -10.93
C ARG D 222 4.07 -32.31 -12.18
N THR D 223 4.19 -33.01 -13.31
CA THR D 223 3.53 -32.55 -14.52
C THR D 223 2.30 -33.38 -14.85
N LEU D 224 1.40 -32.84 -15.66
CA LEU D 224 0.17 -33.54 -16.01
C LEU D 224 0.08 -33.78 -17.51
N ILE D 225 -0.24 -35.01 -17.90
CA ILE D 225 -0.41 -35.34 -19.31
C ILE D 225 -1.88 -35.23 -19.72
N ARG D 226 -2.13 -34.47 -20.78
CA ARG D 226 -3.49 -34.05 -21.12
C ARG D 226 -4.15 -34.98 -22.13
N VAL D 227 -5.49 -34.94 -22.19
CA VAL D 227 -6.25 -35.43 -23.34
C VAL D 227 -6.34 -36.95 -23.35
N THR D 228 -5.59 -37.57 -22.43
CA THR D 228 -5.38 -39.01 -22.41
C THR D 228 -6.69 -39.78 -22.59
N ILE D 229 -6.84 -40.36 -23.79
CA ILE D 229 -8.04 -41.13 -24.13
C ILE D 229 -9.30 -40.28 -24.02
N GLU D 230 -9.19 -38.98 -24.28
CA GLU D 230 -10.36 -38.16 -24.58
C GLU D 230 -11.41 -39.08 -25.20
N ASP D 231 -11.44 -39.09 -26.53
CA ASP D 231 -12.52 -39.72 -27.29
C ASP D 231 -13.58 -38.68 -27.66
N LEU D 232 -14.61 -39.10 -28.37
CA LEU D 232 -15.66 -38.17 -28.80
C LEU D 232 -16.57 -37.83 -27.64
N ALA D 233 -17.77 -37.35 -27.97
CA ALA D 233 -18.84 -37.10 -26.99
C ALA D 233 -18.33 -36.28 -25.80
N ARG D 234 -17.02 -36.04 -25.78
CA ARG D 234 -16.40 -35.12 -24.83
C ARG D 234 -16.35 -33.72 -25.43
N ALA D 235 -16.13 -33.64 -26.73
CA ALA D 235 -16.28 -32.38 -27.47
C ALA D 235 -17.64 -31.77 -27.21
N GLU D 236 -18.64 -32.62 -26.99
CA GLU D 236 -19.98 -32.16 -26.65
C GLU D 236 -19.95 -31.34 -25.37
N ARG D 237 -19.22 -31.84 -24.38
CA ARG D 237 -19.22 -31.23 -23.04
C ARG D 237 -18.36 -29.98 -22.99
N ARG D 238 -17.18 -30.06 -23.58
CA ARG D 238 -16.25 -28.93 -23.59
C ARG D 238 -16.79 -27.79 -24.43
N VAL D 239 -17.88 -28.04 -25.16
CA VAL D 239 -18.66 -26.95 -25.76
C VAL D 239 -20.01 -26.83 -25.07
N ASN D 240 -20.09 -27.34 -23.84
CA ASN D 240 -21.16 -27.01 -22.91
C ASN D 240 -20.64 -26.03 -21.86
N VAL D 241 -19.39 -26.19 -21.48
CA VAL D 241 -18.80 -25.45 -20.36
C VAL D 241 -18.02 -24.26 -20.88
N LEU D 242 -16.76 -24.50 -21.25
CA LEU D 242 -15.83 -23.42 -21.58
C LEU D 242 -16.42 -22.55 -22.69
N MET D 243 -16.63 -23.11 -23.87
CA MET D 243 -16.86 -22.31 -25.07
C MET D 243 -17.71 -21.13 -24.64
N GLY D 244 -18.71 -21.43 -23.81
CA GLY D 244 -19.65 -20.42 -23.33
C GLY D 244 -21.07 -20.71 -23.79
N ASP D 245 -21.23 -21.72 -24.63
CA ASP D 245 -22.54 -22.06 -25.17
C ASP D 245 -23.44 -20.83 -25.27
N LYS D 246 -24.69 -20.99 -24.84
CA LYS D 246 -25.72 -19.98 -25.04
C LYS D 246 -26.41 -19.63 -23.73
N VAL D 247 -25.63 -19.52 -22.66
CA VAL D 247 -26.18 -19.21 -21.34
C VAL D 247 -26.80 -20.45 -20.70
N GLU D 248 -27.89 -20.94 -21.31
CA GLU D 248 -28.75 -21.96 -20.70
C GLU D 248 -28.00 -23.24 -20.34
N PRO D 249 -27.06 -23.65 -21.21
CA PRO D 249 -26.22 -24.84 -20.94
C PRO D 249 -25.30 -24.66 -19.74
N ARG D 250 -24.73 -23.47 -19.58
CA ARG D 250 -23.70 -23.22 -18.58
C ARG D 250 -24.32 -23.13 -17.17
N ARG D 251 -25.34 -22.30 -17.03
CA ARG D 251 -26.13 -22.28 -15.80
C ARG D 251 -26.51 -23.71 -15.40
N LYS D 252 -26.44 -24.63 -16.38
CA LYS D 252 -27.03 -25.95 -16.22
C LYS D 252 -25.96 -26.98 -15.87
N TRP D 253 -24.76 -26.83 -16.42
CA TRP D 253 -23.66 -27.71 -16.01
C TRP D 253 -23.34 -27.50 -14.55
N ILE D 254 -23.73 -26.33 -14.03
CA ILE D 254 -23.52 -25.99 -12.62
C ILE D 254 -24.66 -26.52 -11.75
N GLU D 255 -25.17 -27.70 -12.10
CA GLU D 255 -25.97 -28.50 -11.18
C GLU D 255 -25.16 -29.69 -10.63
N ASP D 256 -23.85 -29.48 -10.49
CA ASP D 256 -23.01 -30.39 -9.71
C ASP D 256 -21.90 -29.62 -9.02
N ASN D 257 -22.28 -28.52 -8.36
CA ASN D 257 -21.34 -27.48 -7.94
C ASN D 257 -21.67 -26.91 -6.56
F NFX I . -0.98 -6.77 -17.98
CL NFX I . -5.50 -4.04 -17.88
O02 NFX I . -1.79 -5.99 -12.92
O03 NFX I . -2.77 -4.10 -10.51
O NFX I . -4.02 -5.71 -10.35
N01 NFX I . -3.26 -5.49 -19.36
N NFX I . -5.05 -4.13 -14.59
C01 NFX I . -3.07 -4.65 -21.54
C02 NFX I . -3.46 -6.03 -21.55
C03 NFX I . -3.86 -4.54 -20.30
C04 NFX I . -2.91 -6.56 -20.24
N05 NFX I . -2.94 -3.78 -22.60
C06 NFX I . -6.23 -3.48 -15.15
C08 NFX I . -6.88 -2.39 -14.30
C09 NFX I . -6.08 -2.00 -15.52
C11 NFX I . -3.15 -5.45 -17.89
C12 NFX I . -3.96 -4.84 -15.50
C13 NFX I . -4.11 -4.84 -17.11
C14 NFX I . -2.90 -5.43 -14.95
C15 NFX I . -1.93 -6.15 -17.22
C16 NFX I . -4.84 -4.17 -13.04
C17 NFX I . -1.80 -6.14 -15.84
C18 NFX I . -3.77 -4.78 -12.51
C19 NFX I . -2.73 -5.45 -13.41
C20 NFX I . -3.57 -4.82 -10.99
H01 NFX I . -2.39 -5.07 -20.80
H02 NFX I . -4.03 -6.57 -22.31
H03 NFX I . -3.79 -3.53 -19.91
H03A NFX I . -4.88 -4.81 -20.50
H04 NFX I . -1.84 -6.68 -20.30
H04A NFX I . -3.40 -7.48 -19.96
H06 NFX I . -6.90 -4.06 -15.76
H08 NFX I . -6.41 -2.20 -13.33
H08A NFX I . -7.96 -2.31 -14.38
H09 NFX I . -6.66 -1.67 -16.38
H09A NFX I . -5.10 -1.57 -15.32
H16 NFX I . -5.57 -3.70 -12.39
H17 NFX I . -0.96 -6.63 -15.36
F NFX J . 4.08 9.41 -16.55
CL NFX J . 8.32 6.25 -16.34
O02 NFX J . 4.26 8.00 -11.67
O03 NFX J . 6.49 6.73 -8.86
O NFX J . 4.67 5.93 -9.37
N01 NFX J . 6.38 8.11 -17.87
N NFX J . 7.50 6.03 -13.13
C01 NFX J . 6.71 9.35 -19.89
C02 NFX J . 6.66 7.91 -20.12
C03 NFX J . 5.78 9.10 -18.79
C04 NFX J . 7.06 7.27 -18.80
N05 NFX J . 6.77 10.38 -20.80
C06 NFX J . 8.68 5.30 -13.62
C08 NFX J . 9.15 4.11 -12.80
C09 NFX J . 8.43 3.88 -14.12
C11 NFX J . 6.12 7.91 -16.42
C12 NFX J . 6.61 6.93 -14.09
C13 NFX J . 6.93 7.10 -15.63
C14 NFX J . 5.53 7.57 -13.57
C15 NFX J . 4.90 8.63 -15.79
C16 NFX J . 7.13 5.90 -11.66
C17 NFX J . 4.62 8.48 -14.47
C18 NFX J . 6.07 6.55 -11.16
C19 NFX J . 5.19 7.44 -12.10
C20 NFX J . 5.71 6.42 -9.68
H01 NFX J . 7.37 8.97 -19.11
H02 NFX J . 6.39 7.38 -21.02
H03 NFX J . 5.58 10.03 -18.26
H03A NFX J . 4.85 8.71 -19.19
H04 NFX J . 6.69 6.25 -18.74
H04A NFX J . 8.13 7.31 -18.65
H06 NFX J . 9.45 5.86 -14.15
H08 NFX J . 8.58 3.89 -11.91
H08A NFX J . 10.22 3.91 -12.81
H09 NFX J . 9.05 3.55 -14.95
H09A NFX J . 7.40 3.53 -14.04
H16 NFX J . 7.73 5.29 -11.00
H17 NFX J . 3.77 8.99 -14.04
#